data_3VTP
# 
_entry.id   3VTP 
# 
_audit_conform.dict_name       mmcif_pdbx.dic 
_audit_conform.dict_version    5.398 
_audit_conform.dict_location   http://mmcif.pdb.org/dictionaries/ascii/mmcif_pdbx.dic 
# 
loop_
_database_2.database_id 
_database_2.database_code 
_database_2.pdbx_database_accession 
_database_2.pdbx_DOI 
PDB   3VTP         pdb_00003vtp 10.2210/pdb3vtp/pdb 
RCSB  RCSB095487   ?            ?                   
WWPDB D_1000095487 ?            ?                   
# 
loop_
_pdbx_audit_revision_history.ordinal 
_pdbx_audit_revision_history.data_content_type 
_pdbx_audit_revision_history.major_revision 
_pdbx_audit_revision_history.minor_revision 
_pdbx_audit_revision_history.revision_date 
1 'Structure model' 1 0 2012-08-22 
2 'Structure model' 1 1 2014-01-29 
3 'Structure model' 1 2 2023-11-08 
4 'Structure model' 1 3 2024-11-06 
# 
_pdbx_audit_revision_details.ordinal             1 
_pdbx_audit_revision_details.revision_ordinal    1 
_pdbx_audit_revision_details.data_content_type   'Structure model' 
_pdbx_audit_revision_details.provider            repository 
_pdbx_audit_revision_details.type                'Initial release' 
_pdbx_audit_revision_details.description         ? 
_pdbx_audit_revision_details.details             ? 
# 
loop_
_pdbx_audit_revision_group.ordinal 
_pdbx_audit_revision_group.revision_ordinal 
_pdbx_audit_revision_group.data_content_type 
_pdbx_audit_revision_group.group 
1 2 'Structure model' 'Database references'    
2 3 'Structure model' 'Data collection'        
3 3 'Structure model' 'Database references'    
4 3 'Structure model' 'Derived calculations'   
5 3 'Structure model' 'Refinement description' 
6 4 'Structure model' 'Structure summary'      
# 
loop_
_pdbx_audit_revision_category.ordinal 
_pdbx_audit_revision_category.revision_ordinal 
_pdbx_audit_revision_category.data_content_type 
_pdbx_audit_revision_category.category 
1 3 'Structure model' chem_comp_atom                
2 3 'Structure model' chem_comp_bond                
3 3 'Structure model' database_2                    
4 3 'Structure model' pdbx_initial_refinement_model 
5 3 'Structure model' struct_conn                   
6 3 'Structure model' struct_ref_seq_dif            
7 4 'Structure model' pdbx_entry_details            
8 4 'Structure model' pdbx_modification_feature     
# 
loop_
_pdbx_audit_revision_item.ordinal 
_pdbx_audit_revision_item.revision_ordinal 
_pdbx_audit_revision_item.data_content_type 
_pdbx_audit_revision_item.item 
1 3 'Structure model' '_database_2.pdbx_DOI'                
2 3 'Structure model' '_database_2.pdbx_database_accession' 
3 3 'Structure model' '_struct_conn.pdbx_leaving_atom_flag' 
4 3 'Structure model' '_struct_ref_seq_dif.details'         
# 
_pdbx_database_status.status_code                     REL 
_pdbx_database_status.entry_id                        3VTP 
_pdbx_database_status.recvd_initial_deposition_date   2012-06-02 
_pdbx_database_status.deposit_site                    PDBJ 
_pdbx_database_status.process_site                    PDBJ 
_pdbx_database_status.methods_development_category    ? 
_pdbx_database_status.status_code_sf                  REL 
_pdbx_database_status.status_code_mr                  ? 
_pdbx_database_status.SG_entry                        ? 
_pdbx_database_status.status_code_cs                  ? 
_pdbx_database_status.pdb_format_compatible           Y 
_pdbx_database_status.status_code_nmr_data            ? 
# 
loop_
_pdbx_database_related.db_name 
_pdbx_database_related.db_id 
_pdbx_database_related.details 
_pdbx_database_related.content_type 
PDB 3VIE . unspecified 
PDB 3VGX . unspecified 
PDB 3VTQ . unspecified 
# 
loop_
_audit_author.name 
_audit_author.pdbx_ordinal 
'Yao, X.'           1 
'Waltersperger, S.' 2 
'Wang, M.'          3 
'Cui, S.'           4 
# 
_citation.id                        primary 
_citation.title                     'The M-T hook structure is critical for design of HIV-1 fusion inhibitors.' 
_citation.journal_abbrev            J.Biol.Chem. 
_citation.journal_volume            287 
_citation.page_first                34558 
_citation.page_last                 34568 
_citation.year                      2012 
_citation.journal_id_ASTM           JBCHA3 
_citation.country                   US 
_citation.journal_id_ISSN           0021-9258 
_citation.journal_id_CSD            0071 
_citation.book_publisher            ? 
_citation.pdbx_database_id_PubMed   22879603 
_citation.pdbx_database_id_DOI      10.1074/jbc.M112.390393 
# 
loop_
_citation_author.citation_id 
_citation_author.name 
_citation_author.ordinal 
_citation_author.identifier_ORCID 
primary 'Chong, H.'         1 ? 
primary 'Yao, X.'           2 ? 
primary 'Sun, J.'           3 ? 
primary 'Qiu, Z.'           4 ? 
primary 'Zhang, M.'         5 ? 
primary 'Waltersperger, S.' 6 ? 
primary 'Wang, M.'          7 ? 
primary 'Cui, S.'           8 ? 
primary 'He, Y.'            9 ? 
# 
loop_
_entity.id 
_entity.type 
_entity.src_method 
_entity.pdbx_description 
_entity.formula_weight 
_entity.pdbx_number_of_molecules 
_entity.pdbx_ec 
_entity.pdbx_mutation 
_entity.pdbx_fragment 
_entity.details 
1 polymer syn 'Transmembrane protein gp41' 4899.677 1  ? ? 'N-peptide, UNP RESIDUES 555-595' ? 
2 polymer syn 'Transmembrane protein gp41' 4507.922 1  ? ? 'NHR, UNP RESIDUES 631-666'       ? 
3 water   nat water                        18.015   77 ? ? ?                                 ? 
# 
loop_
_entity_name_com.entity_id 
_entity_name_com.name 
1 'Glycoprotein 41, gp41'                          
2 'fusion inhibitor MT-C34, Glycoprotein 41, gp41' 
# 
loop_
_entity_poly.entity_id 
_entity_poly.type 
_entity_poly.nstd_linkage 
_entity_poly.nstd_monomer 
_entity_poly.pdbx_seq_one_letter_code 
_entity_poly.pdbx_seq_one_letter_code_can 
_entity_poly.pdbx_strand_id 
_entity_poly.pdbx_target_identifier 
1 'polypeptide(L)' no yes '(ACE)QQQNNLLRAIEAQQHLLQLTVWGIKQLQARILAVERYLKDQ(NH2)' XQQQNNLLRAIEAQQHLLQLTVWGIKQLQARILAVERYLKDQX C ? 
2 'polypeptide(L)' no yes '(ACE)MTWMEWDREINNYTSLIHSLIEESQNQQEKNEQELL(NH2)'      XMTWMEWDREINNYTSLIHSLIEESQNQQEKNEQELLX      D ? 
# 
_pdbx_entity_nonpoly.entity_id   3 
_pdbx_entity_nonpoly.name        water 
_pdbx_entity_nonpoly.comp_id     HOH 
# 
loop_
_entity_poly_seq.entity_id 
_entity_poly_seq.num 
_entity_poly_seq.mon_id 
_entity_poly_seq.hetero 
1 1  ACE n 
1 2  GLN n 
1 3  GLN n 
1 4  GLN n 
1 5  ASN n 
1 6  ASN n 
1 7  LEU n 
1 8  LEU n 
1 9  ARG n 
1 10 ALA n 
1 11 ILE n 
1 12 GLU n 
1 13 ALA n 
1 14 GLN n 
1 15 GLN n 
1 16 HIS n 
1 17 LEU n 
1 18 LEU n 
1 19 GLN n 
1 20 LEU n 
1 21 THR n 
1 22 VAL n 
1 23 TRP n 
1 24 GLY n 
1 25 ILE n 
1 26 LYS n 
1 27 GLN n 
1 28 LEU n 
1 29 GLN n 
1 30 ALA n 
1 31 ARG n 
1 32 ILE n 
1 33 LEU n 
1 34 ALA n 
1 35 VAL n 
1 36 GLU n 
1 37 ARG n 
1 38 TYR n 
1 39 LEU n 
1 40 LYS n 
1 41 ASP n 
1 42 GLN n 
1 43 NH2 n 
2 1  ACE n 
2 2  MET n 
2 3  THR n 
2 4  TRP n 
2 5  MET n 
2 6  GLU n 
2 7  TRP n 
2 8  ASP n 
2 9  ARG n 
2 10 GLU n 
2 11 ILE n 
2 12 ASN n 
2 13 ASN n 
2 14 TYR n 
2 15 THR n 
2 16 SER n 
2 17 LEU n 
2 18 ILE n 
2 19 HIS n 
2 20 SER n 
2 21 LEU n 
2 22 ILE n 
2 23 GLU n 
2 24 GLU n 
2 25 SER n 
2 26 GLN n 
2 27 ASN n 
2 28 GLN n 
2 29 GLN n 
2 30 GLU n 
2 31 LYS n 
2 32 ASN n 
2 33 GLU n 
2 34 GLN n 
2 35 GLU n 
2 36 LEU n 
2 37 LEU n 
2 38 NH2 n 
# 
loop_
_pdbx_entity_src_syn.entity_id 
_pdbx_entity_src_syn.pdbx_src_id 
_pdbx_entity_src_syn.pdbx_alt_source_flag 
_pdbx_entity_src_syn.pdbx_beg_seq_num 
_pdbx_entity_src_syn.pdbx_end_seq_num 
_pdbx_entity_src_syn.organism_scientific 
_pdbx_entity_src_syn.organism_common_name 
_pdbx_entity_src_syn.ncbi_taxonomy_id 
_pdbx_entity_src_syn.details 
1 1 sample ? ? 'Human immunodeficiency virus type 1' HIV-1 11686 'This sequence occurs naturally in humans.' 
2 1 sample ? ? 'Human immunodeficiency virus type 1' HIV-1 11686 'This sequence occurs naturally in humans.' 
# 
loop_
_chem_comp.id 
_chem_comp.type 
_chem_comp.mon_nstd_flag 
_chem_comp.name 
_chem_comp.pdbx_synonyms 
_chem_comp.formula 
_chem_comp.formula_weight 
ACE non-polymer         . 'ACETYL GROUP'  ? 'C2 H4 O'        44.053  
ALA 'L-peptide linking' y ALANINE         ? 'C3 H7 N O2'     89.093  
ARG 'L-peptide linking' y ARGININE        ? 'C6 H15 N4 O2 1' 175.209 
ASN 'L-peptide linking' y ASPARAGINE      ? 'C4 H8 N2 O3'    132.118 
ASP 'L-peptide linking' y 'ASPARTIC ACID' ? 'C4 H7 N O4'     133.103 
GLN 'L-peptide linking' y GLUTAMINE       ? 'C5 H10 N2 O3'   146.144 
GLU 'L-peptide linking' y 'GLUTAMIC ACID' ? 'C5 H9 N O4'     147.129 
GLY 'peptide linking'   y GLYCINE         ? 'C2 H5 N O2'     75.067  
HIS 'L-peptide linking' y HISTIDINE       ? 'C6 H10 N3 O2 1' 156.162 
HOH non-polymer         . WATER           ? 'H2 O'           18.015  
ILE 'L-peptide linking' y ISOLEUCINE      ? 'C6 H13 N O2'    131.173 
LEU 'L-peptide linking' y LEUCINE         ? 'C6 H13 N O2'    131.173 
LYS 'L-peptide linking' y LYSINE          ? 'C6 H15 N2 O2 1' 147.195 
MET 'L-peptide linking' y METHIONINE      ? 'C5 H11 N O2 S'  149.211 
NH2 non-polymer         . 'AMINO GROUP'   ? 'H2 N'           16.023  
SER 'L-peptide linking' y SERINE          ? 'C3 H7 N O3'     105.093 
THR 'L-peptide linking' y THREONINE       ? 'C4 H9 N O3'     119.119 
TRP 'L-peptide linking' y TRYPTOPHAN      ? 'C11 H12 N2 O2'  204.225 
TYR 'L-peptide linking' y TYROSINE        ? 'C9 H11 N O3'    181.189 
VAL 'L-peptide linking' y VALINE          ? 'C5 H11 N O2'    117.146 
# 
loop_
_pdbx_poly_seq_scheme.asym_id 
_pdbx_poly_seq_scheme.entity_id 
_pdbx_poly_seq_scheme.seq_id 
_pdbx_poly_seq_scheme.mon_id 
_pdbx_poly_seq_scheme.ndb_seq_num 
_pdbx_poly_seq_scheme.pdb_seq_num 
_pdbx_poly_seq_scheme.auth_seq_num 
_pdbx_poly_seq_scheme.pdb_mon_id 
_pdbx_poly_seq_scheme.auth_mon_id 
_pdbx_poly_seq_scheme.pdb_strand_id 
_pdbx_poly_seq_scheme.pdb_ins_code 
_pdbx_poly_seq_scheme.hetero 
A 1 1  ACE 1  549 549 ACE ACE C . n 
A 1 2  GLN 2  550 550 GLN GLN C . n 
A 1 3  GLN 3  551 551 GLN GLN C . n 
A 1 4  GLN 4  552 552 GLN GLN C . n 
A 1 5  ASN 5  553 553 ASN ASN C . n 
A 1 6  ASN 6  554 554 ASN ASN C . n 
A 1 7  LEU 7  555 555 LEU LEU C . n 
A 1 8  LEU 8  556 556 LEU LEU C . n 
A 1 9  ARG 9  557 557 ARG ARG C . n 
A 1 10 ALA 10 558 558 ALA ALA C . n 
A 1 11 ILE 11 559 559 ILE ILE C . n 
A 1 12 GLU 12 560 560 GLU GLU C . n 
A 1 13 ALA 13 561 561 ALA ALA C . n 
A 1 14 GLN 14 562 562 GLN GLN C . n 
A 1 15 GLN 15 563 563 GLN GLN C . n 
A 1 16 HIS 16 564 564 HIS HIS C . n 
A 1 17 LEU 17 565 565 LEU LEU C . n 
A 1 18 LEU 18 566 566 LEU LEU C . n 
A 1 19 GLN 19 567 567 GLN GLN C . n 
A 1 20 LEU 20 568 568 LEU LEU C . n 
A 1 21 THR 21 569 569 THR THR C . n 
A 1 22 VAL 22 570 570 VAL VAL C . n 
A 1 23 TRP 23 571 571 TRP TRP C . n 
A 1 24 GLY 24 572 572 GLY GLY C . n 
A 1 25 ILE 25 573 573 ILE ILE C . n 
A 1 26 LYS 26 574 574 LYS LYS C . n 
A 1 27 GLN 27 575 575 GLN GLN C . n 
A 1 28 LEU 28 576 576 LEU LEU C . n 
A 1 29 GLN 29 577 577 GLN GLN C . n 
A 1 30 ALA 30 578 578 ALA ALA C . n 
A 1 31 ARG 31 579 579 ARG ARG C . n 
A 1 32 ILE 32 580 580 ILE ILE C . n 
A 1 33 LEU 33 581 581 LEU LEU C . n 
A 1 34 ALA 34 582 582 ALA ALA C . n 
A 1 35 VAL 35 583 583 VAL VAL C . n 
A 1 36 GLU 36 584 584 GLU GLU C . n 
A 1 37 ARG 37 585 585 ARG ARG C . n 
A 1 38 TYR 38 586 586 TYR TYR C . n 
A 1 39 LEU 39 587 587 LEU LEU C . n 
A 1 40 LYS 40 588 588 LYS LYS C . n 
A 1 41 ASP 41 589 589 ASP ASP C . n 
A 1 42 GLN 42 590 590 GLN GLN C . n 
A 1 43 NH2 43 591 591 NH2 NH2 C . n 
B 2 1  ACE 1  625 625 ACE ACE D . n 
B 2 2  MET 2  626 626 MET MET D . n 
B 2 3  THR 3  627 627 THR THR D . n 
B 2 4  TRP 4  628 628 TRP TRP D . n 
B 2 5  MET 5  629 629 MET MET D . n 
B 2 6  GLU 6  630 630 GLU GLU D . n 
B 2 7  TRP 7  631 631 TRP TRP D . n 
B 2 8  ASP 8  632 632 ASP ASP D . n 
B 2 9  ARG 9  633 633 ARG ARG D . n 
B 2 10 GLU 10 634 634 GLU GLU D . n 
B 2 11 ILE 11 635 635 ILE ILE D . n 
B 2 12 ASN 12 636 636 ASN ASN D . n 
B 2 13 ASN 13 637 637 ASN ASN D . n 
B 2 14 TYR 14 638 638 TYR TYR D . n 
B 2 15 THR 15 639 639 THR THR D . n 
B 2 16 SER 16 640 640 SER SER D . n 
B 2 17 LEU 17 641 641 LEU LEU D . n 
B 2 18 ILE 18 642 642 ILE ILE D . n 
B 2 19 HIS 19 643 643 HIS HIS D . n 
B 2 20 SER 20 644 644 SER SER D . n 
B 2 21 LEU 21 645 645 LEU LEU D . n 
B 2 22 ILE 22 646 646 ILE ILE D . n 
B 2 23 GLU 23 647 647 GLU GLU D . n 
B 2 24 GLU 24 648 648 GLU GLU D . n 
B 2 25 SER 25 649 649 SER SER D . n 
B 2 26 GLN 26 650 650 GLN GLN D . n 
B 2 27 ASN 27 651 651 ASN ASN D . n 
B 2 28 GLN 28 652 652 GLN ALA D . n 
B 2 29 GLN 29 653 ?   ?   ?   D . n 
B 2 30 GLU 30 654 ?   ?   ?   D . n 
B 2 31 LYS 31 655 ?   ?   ?   D . n 
B 2 32 ASN 32 656 ?   ?   ?   D . n 
B 2 33 GLU 33 657 ?   ?   ?   D . n 
B 2 34 GLN 34 658 ?   ?   ?   D . n 
B 2 35 GLU 35 659 ?   ?   ?   D . n 
B 2 36 LEU 36 660 ?   ?   ?   D . n 
B 2 37 LEU 37 661 ?   ?   ?   D . n 
B 2 38 NH2 38 662 ?   ?   ?   D . n 
# 
loop_
_pdbx_nonpoly_scheme.asym_id 
_pdbx_nonpoly_scheme.entity_id 
_pdbx_nonpoly_scheme.mon_id 
_pdbx_nonpoly_scheme.ndb_seq_num 
_pdbx_nonpoly_scheme.pdb_seq_num 
_pdbx_nonpoly_scheme.auth_seq_num 
_pdbx_nonpoly_scheme.pdb_mon_id 
_pdbx_nonpoly_scheme.auth_mon_id 
_pdbx_nonpoly_scheme.pdb_strand_id 
_pdbx_nonpoly_scheme.pdb_ins_code 
C 3 HOH 1  601 1  HOH HOH C . 
C 3 HOH 2  602 2  HOH HOH C . 
C 3 HOH 3  603 3  HOH HOH C . 
C 3 HOH 4  604 4  HOH HOH C . 
C 3 HOH 5  605 5  HOH HOH C . 
C 3 HOH 6  606 6  HOH HOH C . 
C 3 HOH 7  607 7  HOH HOH C . 
C 3 HOH 8  608 8  HOH HOH C . 
C 3 HOH 9  609 9  HOH HOH C . 
C 3 HOH 10 610 10 HOH HOH C . 
C 3 HOH 11 611 11 HOH HOH C . 
C 3 HOH 12 612 12 HOH HOH C . 
C 3 HOH 13 613 13 HOH HOH C . 
C 3 HOH 14 614 14 HOH HOH C . 
C 3 HOH 15 615 15 HOH HOH C . 
C 3 HOH 16 616 16 HOH HOH C . 
C 3 HOH 17 617 17 HOH HOH C . 
C 3 HOH 18 618 18 HOH HOH C . 
C 3 HOH 19 619 19 HOH HOH C . 
C 3 HOH 20 620 20 HOH HOH C . 
C 3 HOH 21 621 21 HOH HOH C . 
C 3 HOH 22 622 22 HOH HOH C . 
C 3 HOH 23 623 23 HOH HOH C . 
C 3 HOH 24 624 25 HOH HOH C . 
C 3 HOH 25 625 26 HOH HOH C . 
C 3 HOH 26 626 27 HOH HOH C . 
C 3 HOH 27 627 28 HOH HOH C . 
C 3 HOH 28 628 29 HOH HOH C . 
C 3 HOH 29 629 30 HOH HOH C . 
C 3 HOH 30 630 31 HOH HOH C . 
C 3 HOH 31 631 34 HOH HOH C . 
C 3 HOH 32 632 35 HOH HOH C . 
C 3 HOH 33 633 36 HOH HOH C . 
C 3 HOH 34 634 37 HOH HOH C . 
C 3 HOH 35 635 38 HOH HOH C . 
C 3 HOH 36 636 40 HOH HOH C . 
C 3 HOH 37 637 41 HOH HOH C . 
C 3 HOH 38 638 42 HOH HOH C . 
C 3 HOH 39 639 44 HOH HOH C . 
C 3 HOH 40 640 45 HOH HOH C . 
C 3 HOH 41 641 46 HOH HOH C . 
C 3 HOH 42 642 47 HOH HOH C . 
C 3 HOH 43 643 48 HOH HOH C . 
C 3 HOH 44 644 49 HOH HOH C . 
C 3 HOH 45 645 50 HOH HOH C . 
C 3 HOH 46 646 51 HOH HOH C . 
C 3 HOH 47 647 52 HOH HOH C . 
C 3 HOH 48 648 53 HOH HOH C . 
C 3 HOH 49 649 55 HOH HOH C . 
C 3 HOH 50 650 56 HOH HOH C . 
C 3 HOH 51 651 58 HOH HOH C . 
C 3 HOH 52 652 59 HOH HOH C . 
C 3 HOH 53 653 60 HOH HOH C . 
C 3 HOH 54 654 61 HOH HOH C . 
C 3 HOH 55 655 63 HOH HOH C . 
C 3 HOH 56 656 64 HOH HOH C . 
C 3 HOH 57 657 65 HOH HOH C . 
C 3 HOH 58 658 66 HOH HOH C . 
C 3 HOH 59 659 68 HOH HOH C . 
C 3 HOH 60 660 70 HOH HOH C . 
C 3 HOH 61 661 72 HOH HOH C . 
C 3 HOH 62 662 73 HOH HOH C . 
C 3 HOH 63 663 74 HOH HOH C . 
C 3 HOH 64 664 75 HOH HOH C . 
C 3 HOH 65 665 76 HOH HOH C . 
D 3 HOH 1  701 24 HOH HOH D . 
D 3 HOH 2  702 32 HOH HOH D . 
D 3 HOH 3  703 33 HOH HOH D . 
D 3 HOH 4  704 39 HOH HOH D . 
D 3 HOH 5  705 43 HOH HOH D . 
D 3 HOH 6  706 54 HOH HOH D . 
D 3 HOH 7  707 57 HOH HOH D . 
D 3 HOH 8  708 62 HOH HOH D . 
D 3 HOH 9  709 67 HOH HOH D . 
D 3 HOH 10 710 69 HOH HOH D . 
D 3 HOH 11 711 71 HOH HOH D . 
D 3 HOH 12 712 77 HOH HOH D . 
# 
loop_
_pdbx_unobs_or_zero_occ_atoms.id 
_pdbx_unobs_or_zero_occ_atoms.PDB_model_num 
_pdbx_unobs_or_zero_occ_atoms.polymer_flag 
_pdbx_unobs_or_zero_occ_atoms.occupancy_flag 
_pdbx_unobs_or_zero_occ_atoms.auth_asym_id 
_pdbx_unobs_or_zero_occ_atoms.auth_comp_id 
_pdbx_unobs_or_zero_occ_atoms.auth_seq_id 
_pdbx_unobs_or_zero_occ_atoms.PDB_ins_code 
_pdbx_unobs_or_zero_occ_atoms.auth_atom_id 
_pdbx_unobs_or_zero_occ_atoms.label_alt_id 
_pdbx_unobs_or_zero_occ_atoms.label_asym_id 
_pdbx_unobs_or_zero_occ_atoms.label_comp_id 
_pdbx_unobs_or_zero_occ_atoms.label_seq_id 
_pdbx_unobs_or_zero_occ_atoms.label_atom_id 
1 1 Y 1 D GLN 652 ? CG  ? B GLN 28 CG  
2 1 Y 1 D GLN 652 ? CD  ? B GLN 28 CD  
3 1 Y 1 D GLN 652 ? OE1 ? B GLN 28 OE1 
4 1 Y 1 D GLN 652 ? NE2 ? B GLN 28 NE2 
# 
loop_
_software.name 
_software.classification 
_software.version 
_software.citation_id 
_software.pdbx_ordinal 
CrystalClear 'data collection' .                            ? 1 
PHASER       phasing           MR                           ? 2 
PHENIX       refinement        '(phenix.refine: 1.7.3_928)' ? 3 
d*TREK       'data reduction'  .                            ? 4 
d*TREK       'data scaling'    .                            ? 5 
# 
_cell.entry_id           3VTP 
_cell.length_a           45.260 
_cell.length_b           45.260 
_cell.length_c           209.895 
_cell.angle_alpha        90.00 
_cell.angle_beta         90.00 
_cell.angle_gamma        120.00 
_cell.Z_PDB              18 
_cell.pdbx_unique_axis   ? 
_cell.length_a_esd       ? 
_cell.length_b_esd       ? 
_cell.length_c_esd       ? 
_cell.angle_alpha_esd    ? 
_cell.angle_beta_esd     ? 
_cell.angle_gamma_esd    ? 
# 
_symmetry.entry_id                         3VTP 
_symmetry.space_group_name_H-M             'H 3 2' 
_symmetry.pdbx_full_space_group_name_H-M   ? 
_symmetry.cell_setting                     ? 
_symmetry.Int_Tables_number                155 
_symmetry.space_group_name_Hall            ? 
# 
_exptl.entry_id          3VTP 
_exptl.method            'X-RAY DIFFRACTION' 
_exptl.crystals_number   1 
# 
_exptl_crystal.id                    1 
_exptl_crystal.density_meas          ? 
_exptl_crystal.density_Matthews      2.20 
_exptl_crystal.density_percent_sol   44.06 
_exptl_crystal.description           ? 
_exptl_crystal.F_000                 ? 
_exptl_crystal.preparation           ? 
# 
_exptl_crystal_grow.crystal_id      1 
_exptl_crystal_grow.method          'VAPOR DIFFUSION, HANGING DROP' 
_exptl_crystal_grow.temp            295 
_exptl_crystal_grow.temp_details    ? 
_exptl_crystal_grow.pH              6.3 
_exptl_crystal_grow.pdbx_details    '0.1M MES, 12 %(w/v) PEG 10000, pH 6.3, VAPOR DIFFUSION, HANGING DROP, temperature 295K' 
_exptl_crystal_grow.pdbx_pH_range   . 
# 
_diffrn.id                     1 
_diffrn.ambient_temp           100 
_diffrn.ambient_temp_details   ? 
_diffrn.crystal_id             1 
# 
_diffrn_detector.diffrn_id              1 
_diffrn_detector.detector               CCD 
_diffrn_detector.type                   'RIGAKU SATURN 944+' 
_diffrn_detector.pdbx_collection_date   2012-04-25 
_diffrn_detector.details                ? 
# 
_diffrn_radiation.diffrn_id                        1 
_diffrn_radiation.wavelength_id                    1 
_diffrn_radiation.pdbx_monochromatic_or_laue_m_l   M 
_diffrn_radiation.monochromator                    'Osmic VariMax optic' 
_diffrn_radiation.pdbx_diffrn_protocol             'SINGLE WAVELENGTH' 
_diffrn_radiation.pdbx_scattering_type             x-ray 
# 
_diffrn_radiation_wavelength.id           1 
_diffrn_radiation_wavelength.wavelength   1.54 
_diffrn_radiation_wavelength.wt           1.0 
# 
_diffrn_source.diffrn_id                   1 
_diffrn_source.source                      'ROTATING ANODE' 
_diffrn_source.type                        'RIGAKU MICROMAX-007 HF' 
_diffrn_source.pdbx_synchrotron_site       ? 
_diffrn_source.pdbx_synchrotron_beamline   ? 
_diffrn_source.pdbx_wavelength             ? 
_diffrn_source.pdbx_wavelength_list        1.54 
# 
_reflns.entry_id                     3VTP 
_reflns.observed_criterion_sigma_I   -3.0 
_reflns.observed_criterion_sigma_F   -3.0 
_reflns.d_resolution_low             31.403 
_reflns.d_resolution_high            1.90 
_reflns.number_obs                   6812 
_reflns.number_all                   6812 
_reflns.percent_possible_obs         98.4 
_reflns.pdbx_Rmerge_I_obs            0.053 
_reflns.pdbx_Rsym_value              0.059 
_reflns.pdbx_netI_over_sigmaI        18.4 
_reflns.B_iso_Wilson_estimate        ? 
_reflns.pdbx_redundancy              5.64 
_reflns.R_free_details               ? 
_reflns.limit_h_max                  ? 
_reflns.limit_h_min                  ? 
_reflns.limit_k_max                  ? 
_reflns.limit_k_min                  ? 
_reflns.limit_l_max                  ? 
_reflns.limit_l_min                  ? 
_reflns.observed_criterion_F_max     ? 
_reflns.observed_criterion_F_min     ? 
_reflns.pdbx_chi_squared             ? 
_reflns.pdbx_scaling_rejects         ? 
_reflns.pdbx_ordinal                 1 
_reflns.pdbx_diffrn_id               1 
# 
_reflns_shell.d_res_high                  1.90 
_reflns_shell.d_res_low                   1.97 
_reflns_shell.percent_possible_all        87.4 
_reflns_shell.Rmerge_I_obs                0.261 
_reflns_shell.pdbx_Rsym_value             0.316 
_reflns_shell.meanI_over_sigI_obs         3.2 
_reflns_shell.pdbx_redundancy             2.52 
_reflns_shell.percent_possible_obs        ? 
_reflns_shell.number_unique_all           ? 
_reflns_shell.number_measured_all         ? 
_reflns_shell.number_measured_obs         ? 
_reflns_shell.number_unique_obs           ? 
_reflns_shell.pdbx_chi_squared            ? 
_reflns_shell.pdbx_rejects                ? 
_reflns_shell.pdbx_netI_over_sigmaI_obs   ? 
_reflns_shell.number_possible             ? 
_reflns_shell.Rmerge_F_all                ? 
_reflns_shell.Rmerge_F_obs                ? 
_reflns_shell.Rmerge_I_all                ? 
_reflns_shell.meanI_over_sigI_all         ? 
_reflns_shell.pdbx_Rrim_I_all             ? 
_reflns_shell.pdbx_Rpim_I_all             ? 
_reflns_shell.pdbx_ordinal                1 
_reflns_shell.pdbx_diffrn_id              1 
# 
_refine.entry_id                                 3VTP 
_refine.ls_number_reflns_obs                     6807 
_refine.ls_number_reflns_all                     6812 
_refine.pdbx_ls_sigma_I                          ? 
_refine.pdbx_ls_sigma_F                          1.36 
_refine.pdbx_data_cutoff_high_absF               ? 
_refine.pdbx_data_cutoff_low_absF                ? 
_refine.pdbx_data_cutoff_high_rms_absF           ? 
_refine.ls_d_res_low                             31.403 
_refine.ls_d_res_high                            1.900 
_refine.ls_percent_reflns_obs                    98.34 
_refine.ls_R_factor_obs                          0.1969 
_refine.ls_R_factor_all                          0.1969 
_refine.ls_R_factor_R_work                       0.1953 
_refine.ls_R_factor_R_free                       0.2339 
_refine.ls_R_factor_R_free_error                 ? 
_refine.ls_R_factor_R_free_error_details         ? 
_refine.ls_percent_reflns_R_free                 4.72 
_refine.ls_number_reflns_R_free                  321 
_refine.ls_number_parameters                     ? 
_refine.ls_number_restraints                     ? 
_refine.occupancy_min                            ? 
_refine.occupancy_max                            ? 
_refine.correlation_coeff_Fo_to_Fc               ? 
_refine.correlation_coeff_Fo_to_Fc_free          ? 
_refine.B_iso_mean                               ? 
_refine.aniso_B[1][1]                            3.6471 
_refine.aniso_B[2][2]                            3.6471 
_refine.aniso_B[3][3]                            -7.2942 
_refine.aniso_B[1][2]                            -0.0000 
_refine.aniso_B[1][3]                            -0.0000 
_refine.aniso_B[2][3]                            -0.0000 
_refine.solvent_model_details                    'FLAT BULK SOLVENT MODEL' 
_refine.solvent_model_param_ksol                 0.498 
_refine.solvent_model_param_bsol                 86.888 
_refine.pdbx_solvent_vdw_probe_radii             0.80 
_refine.pdbx_solvent_ion_probe_radii             ? 
_refine.pdbx_solvent_shrinkage_radii             0.47 
_refine.pdbx_ls_cross_valid_method               RANDOM 
_refine.details                                  ? 
_refine.pdbx_starting_model                      3VGX 
_refine.pdbx_method_to_determine_struct          'MOLECULAR REPLACEMENT' 
_refine.pdbx_isotropic_thermal_model             ? 
_refine.pdbx_stereochemistry_target_values       ML 
_refine.pdbx_stereochem_target_val_spec_case     ? 
_refine.pdbx_R_Free_selection_details            ? 
_refine.pdbx_overall_ESU_R                       ? 
_refine.pdbx_overall_ESU_R_Free                  ? 
_refine.overall_SU_ML                            0.16 
_refine.pdbx_overall_phase_error                 22.85 
_refine.overall_SU_B                             ? 
_refine.overall_SU_R_Cruickshank_DPI             ? 
_refine.ls_redundancy_reflns_obs                 ? 
_refine.B_iso_min                                ? 
_refine.B_iso_max                                ? 
_refine.overall_SU_R_free                        ? 
_refine.ls_wR_factor_R_free                      ? 
_refine.ls_wR_factor_R_work                      ? 
_refine.overall_FOM_free_R_set                   ? 
_refine.overall_FOM_work_R_set                   ? 
_refine.pdbx_diffrn_id                           1 
_refine.pdbx_refine_id                           'X-RAY DIFFRACTION' 
_refine.pdbx_TLS_residual_ADP_flag               ? 
_refine.pdbx_overall_SU_R_free_Cruickshank_DPI   ? 
_refine.pdbx_overall_SU_R_Blow_DPI               ? 
_refine.pdbx_overall_SU_R_free_Blow_DPI          ? 
# 
_refine_hist.pdbx_refine_id                   'X-RAY DIFFRACTION' 
_refine_hist.cycle_id                         LAST 
_refine_hist.pdbx_number_atoms_protein        581 
_refine_hist.pdbx_number_atoms_nucleic_acid   0 
_refine_hist.pdbx_number_atoms_ligand         0 
_refine_hist.number_atoms_solvent             77 
_refine_hist.number_atoms_total               658 
_refine_hist.d_res_high                       1.900 
_refine_hist.d_res_low                        31.403 
# 
loop_
_refine_ls_restr.type 
_refine_ls_restr.dev_ideal 
_refine_ls_restr.dev_ideal_target 
_refine_ls_restr.weight 
_refine_ls_restr.number 
_refine_ls_restr.pdbx_restraint_function 
_refine_ls_restr.pdbx_refine_id 
f_bond_d           0.006  ? ? 609 ? 'X-RAY DIFFRACTION' 
f_angle_d          0.758  ? ? 830 ? 'X-RAY DIFFRACTION' 
f_dihedral_angle_d 13.288 ? ? 234 ? 'X-RAY DIFFRACTION' 
f_chiral_restr     0.048  ? ? 93  ? 'X-RAY DIFFRACTION' 
f_plane_restr      0.002  ? ? 108 ? 'X-RAY DIFFRACTION' 
# 
loop_
_refine_ls_shell.pdbx_refine_id 
_refine_ls_shell.pdbx_total_number_of_bins_used 
_refine_ls_shell.d_res_high 
_refine_ls_shell.d_res_low 
_refine_ls_shell.number_reflns_R_work 
_refine_ls_shell.R_factor_R_work 
_refine_ls_shell.percent_reflns_obs 
_refine_ls_shell.R_factor_R_free 
_refine_ls_shell.R_factor_R_free_error 
_refine_ls_shell.percent_reflns_R_free 
_refine_ls_shell.number_reflns_R_free 
_refine_ls_shell.number_reflns_all 
_refine_ls_shell.R_factor_all 
_refine_ls_shell.number_reflns_obs 
_refine_ls_shell.redundancy_reflns_obs 
'X-RAY DIFFRACTION' 2 1.9001 2.3938  3112 0.1934 97.00  0.2432 . . 161 . . . . 
'X-RAY DIFFRACTION' 2 2.3938 31.4070 3374 0.1959 100.00 0.2306 . . 160 . . . . 
# 
_struct.entry_id                  3VTP 
_struct.title                     'HIV fusion inhibitor MT-C34' 
_struct.pdbx_model_details        ? 
_struct.pdbx_CASP_flag            ? 
_struct.pdbx_model_type_details   ? 
# 
_struct_keywords.entry_id        3VTP 
_struct_keywords.pdbx_keywords   'VIRAL PROTEIN/ANTIVIRAL PROTEIN' 
_struct_keywords.text            
'6-helix-bundle, M-T hook, fusion inhibitor, membrane fusion, VIRAL PROTEIN-ANTIVIRAL PROTEIN complex' 
# 
loop_
_struct_asym.id 
_struct_asym.pdbx_blank_PDB_chainid_flag 
_struct_asym.pdbx_modified 
_struct_asym.entity_id 
_struct_asym.details 
A N N 1 ? 
B N N 2 ? 
C N N 3 ? 
D N N 3 ? 
# 
loop_
_struct_ref.id 
_struct_ref.db_name 
_struct_ref.db_code 
_struct_ref.pdbx_db_accession 
_struct_ref.entity_id 
_struct_ref.pdbx_seq_one_letter_code 
_struct_ref.pdbx_align_begin 
_struct_ref.pdbx_db_isoform 
1 UNP ENV_HV1BR P03377 1 QQQNNLLRAIEAQQHLLQLTVWGIKQLQARILAVERYLKDQ 555 ? 
2 UNP ENV_HV1BR P03377 2 MTWMEWDREINNYTSLIHSLIEESQNQQEKNEQELL      631 ? 
# 
loop_
_struct_ref_seq.align_id 
_struct_ref_seq.ref_id 
_struct_ref_seq.pdbx_PDB_id_code 
_struct_ref_seq.pdbx_strand_id 
_struct_ref_seq.seq_align_beg 
_struct_ref_seq.pdbx_seq_align_beg_ins_code 
_struct_ref_seq.seq_align_end 
_struct_ref_seq.pdbx_seq_align_end_ins_code 
_struct_ref_seq.pdbx_db_accession 
_struct_ref_seq.db_align_beg 
_struct_ref_seq.pdbx_db_align_beg_ins_code 
_struct_ref_seq.db_align_end 
_struct_ref_seq.pdbx_db_align_end_ins_code 
_struct_ref_seq.pdbx_auth_seq_align_beg 
_struct_ref_seq.pdbx_auth_seq_align_end 
1 1 3VTP C 2 ? 42 ? P03377 555 ? 595 ? 550 590 
2 2 3VTP D 2 ? 37 ? P03377 631 ? 666 ? 626 661 
# 
loop_
_struct_ref_seq_dif.align_id 
_struct_ref_seq_dif.pdbx_pdb_id_code 
_struct_ref_seq_dif.mon_id 
_struct_ref_seq_dif.pdbx_pdb_strand_id 
_struct_ref_seq_dif.seq_num 
_struct_ref_seq_dif.pdbx_pdb_ins_code 
_struct_ref_seq_dif.pdbx_seq_db_name 
_struct_ref_seq_dif.pdbx_seq_db_accession_code 
_struct_ref_seq_dif.db_mon_id 
_struct_ref_seq_dif.pdbx_seq_db_seq_num 
_struct_ref_seq_dif.details 
_struct_ref_seq_dif.pdbx_auth_seq_num 
_struct_ref_seq_dif.pdbx_ordinal 
1 3VTP ACE C 1  ? UNP P03377 ? ? acetylation 549 1 
1 3VTP NH2 C 43 ? UNP P03377 ? ? amidation   591 2 
2 3VTP ACE D 1  ? UNP P03377 ? ? acetylation 625 3 
2 3VTP NH2 D 38 ? UNP P03377 ? ? amidation   662 4 
# 
_pdbx_struct_assembly.id                   1 
_pdbx_struct_assembly.details              software_defined_assembly 
_pdbx_struct_assembly.method_details       PISA 
_pdbx_struct_assembly.oligomeric_details   hexameric 
_pdbx_struct_assembly.oligomeric_count     6 
# 
loop_
_pdbx_struct_assembly_prop.biol_id 
_pdbx_struct_assembly_prop.type 
_pdbx_struct_assembly_prop.value 
_pdbx_struct_assembly_prop.details 
1 'ABSA (A^2)' 12120 ? 
1 MORE         -86   ? 
1 'SSA (A^2)'  10520 ? 
# 
_pdbx_struct_assembly_gen.assembly_id       1 
_pdbx_struct_assembly_gen.oper_expression   1,2,3 
_pdbx_struct_assembly_gen.asym_id_list      A,B,C,D 
# 
loop_
_pdbx_struct_oper_list.id 
_pdbx_struct_oper_list.type 
_pdbx_struct_oper_list.name 
_pdbx_struct_oper_list.symmetry_operation 
_pdbx_struct_oper_list.matrix[1][1] 
_pdbx_struct_oper_list.matrix[1][2] 
_pdbx_struct_oper_list.matrix[1][3] 
_pdbx_struct_oper_list.vector[1] 
_pdbx_struct_oper_list.matrix[2][1] 
_pdbx_struct_oper_list.matrix[2][2] 
_pdbx_struct_oper_list.matrix[2][3] 
_pdbx_struct_oper_list.vector[2] 
_pdbx_struct_oper_list.matrix[3][1] 
_pdbx_struct_oper_list.matrix[3][2] 
_pdbx_struct_oper_list.matrix[3][3] 
_pdbx_struct_oper_list.vector[3] 
1 'identity operation'         1_555 x,y,z       1.0000000000 0.0000000000 0.0000000000  0.0000000000 0.0000000000 1.0000000000  0.0000000000  0.0000000000   0.0000000000  0.0000000000  1.0000000000  0.0000000000  
2 'crystal symmetry operation' 2_545 -y,x-y-1,z  0.8055570680 0.4857600836 -0.3392859435 4.4724479835 0.5203699628 -0.3061559899 0.7971722598  -11.4297688761 0.2833600396  -0.8187219620 -0.4994010781 3.1870430599  
3 'crystal symmetry operation' 3_655 -x+y+1,-x,z 0.8055570680 0.5203699628 0.2833600396  1.4418156723 0.4857600836 -0.3061559899 -0.8187219620 -3.0625267636  -0.3392859435 0.7971722598  -0.4994010781 12.2205461578 
# 
_struct_biol.id        1 
_struct_biol.details   ? 
# 
loop_
_struct_conf.conf_type_id 
_struct_conf.id 
_struct_conf.pdbx_PDB_helix_id 
_struct_conf.beg_label_comp_id 
_struct_conf.beg_label_asym_id 
_struct_conf.beg_label_seq_id 
_struct_conf.pdbx_beg_PDB_ins_code 
_struct_conf.end_label_comp_id 
_struct_conf.end_label_asym_id 
_struct_conf.end_label_seq_id 
_struct_conf.pdbx_end_PDB_ins_code 
_struct_conf.beg_auth_comp_id 
_struct_conf.beg_auth_asym_id 
_struct_conf.beg_auth_seq_id 
_struct_conf.end_auth_comp_id 
_struct_conf.end_auth_asym_id 
_struct_conf.end_auth_seq_id 
_struct_conf.pdbx_PDB_helix_class 
_struct_conf.details 
_struct_conf.pdbx_PDB_helix_length 
HELX_P HELX_P1 1 GLN A 2 ? GLN A 42 ? GLN C 550 GLN C 590 1 ? 41 
HELX_P HELX_P2 2 THR B 3 ? ASN B 27 ? THR D 627 ASN D 651 1 ? 25 
# 
_struct_conf_type.id          HELX_P 
_struct_conf_type.criteria    ? 
_struct_conf_type.reference   ? 
# 
loop_
_struct_conn.id 
_struct_conn.conn_type_id 
_struct_conn.pdbx_leaving_atom_flag 
_struct_conn.pdbx_PDB_id 
_struct_conn.ptnr1_label_asym_id 
_struct_conn.ptnr1_label_comp_id 
_struct_conn.ptnr1_label_seq_id 
_struct_conn.ptnr1_label_atom_id 
_struct_conn.pdbx_ptnr1_label_alt_id 
_struct_conn.pdbx_ptnr1_PDB_ins_code 
_struct_conn.pdbx_ptnr1_standard_comp_id 
_struct_conn.ptnr1_symmetry 
_struct_conn.ptnr2_label_asym_id 
_struct_conn.ptnr2_label_comp_id 
_struct_conn.ptnr2_label_seq_id 
_struct_conn.ptnr2_label_atom_id 
_struct_conn.pdbx_ptnr2_label_alt_id 
_struct_conn.pdbx_ptnr2_PDB_ins_code 
_struct_conn.ptnr1_auth_asym_id 
_struct_conn.ptnr1_auth_comp_id 
_struct_conn.ptnr1_auth_seq_id 
_struct_conn.ptnr2_auth_asym_id 
_struct_conn.ptnr2_auth_comp_id 
_struct_conn.ptnr2_auth_seq_id 
_struct_conn.ptnr2_symmetry 
_struct_conn.pdbx_ptnr3_label_atom_id 
_struct_conn.pdbx_ptnr3_label_seq_id 
_struct_conn.pdbx_ptnr3_label_comp_id 
_struct_conn.pdbx_ptnr3_label_asym_id 
_struct_conn.pdbx_ptnr3_label_alt_id 
_struct_conn.pdbx_ptnr3_PDB_ins_code 
_struct_conn.details 
_struct_conn.pdbx_dist_value 
_struct_conn.pdbx_value_order 
_struct_conn.pdbx_role 
covale1 covale both ? A ACE 1  C ? ? ? 1_555 A GLN 2  N ? ? C ACE 549 C GLN 550 1_555 ? ? ? ? ? ? ? 1.333 ? ? 
covale2 covale both ? A GLN 42 C ? ? ? 1_555 A NH2 43 N ? ? C GLN 590 C NH2 591 1_555 ? ? ? ? ? ? ? 1.327 ? ? 
covale3 covale both ? B ACE 1  C ? ? ? 1_555 B MET 2  N ? ? D ACE 625 D MET 626 1_555 ? ? ? ? ? ? ? 1.329 ? ? 
# 
_struct_conn_type.id          covale 
_struct_conn_type.criteria    ? 
_struct_conn_type.reference   ? 
# 
loop_
_pdbx_modification_feature.ordinal 
_pdbx_modification_feature.label_comp_id 
_pdbx_modification_feature.label_asym_id 
_pdbx_modification_feature.label_seq_id 
_pdbx_modification_feature.label_alt_id 
_pdbx_modification_feature.modified_residue_label_comp_id 
_pdbx_modification_feature.modified_residue_label_asym_id 
_pdbx_modification_feature.modified_residue_label_seq_id 
_pdbx_modification_feature.modified_residue_label_alt_id 
_pdbx_modification_feature.auth_comp_id 
_pdbx_modification_feature.auth_asym_id 
_pdbx_modification_feature.auth_seq_id 
_pdbx_modification_feature.PDB_ins_code 
_pdbx_modification_feature.symmetry 
_pdbx_modification_feature.modified_residue_auth_comp_id 
_pdbx_modification_feature.modified_residue_auth_asym_id 
_pdbx_modification_feature.modified_residue_auth_seq_id 
_pdbx_modification_feature.modified_residue_PDB_ins_code 
_pdbx_modification_feature.modified_residue_symmetry 
_pdbx_modification_feature.comp_id_linking_atom 
_pdbx_modification_feature.modified_residue_id_linking_atom 
_pdbx_modification_feature.modified_residue_id 
_pdbx_modification_feature.ref_pcm_id 
_pdbx_modification_feature.ref_comp_id 
_pdbx_modification_feature.type 
_pdbx_modification_feature.category 
1 ACE A 1  ? GLN A 2  ? ACE C 549 ? 1_555 GLN C 550 ? 1_555 . . GLN 18 ACE None 'Terminal acetylation' 
2 ACE B 1  ? MET B 2  ? ACE D 625 ? 1_555 MET D 626 ? 1_555 . . MET 4  ACE None 'Terminal acetylation' 
3 NH2 A 43 ? GLN A 42 ? NH2 C 591 ? 1_555 GLN C 590 ? 1_555 . . GLN 18 NH2 None 'Terminal amidation'   
# 
_pdbx_entry_details.entry_id                   3VTP 
_pdbx_entry_details.compound_details           ? 
_pdbx_entry_details.source_details             ? 
_pdbx_entry_details.nonpolymer_details         ? 
_pdbx_entry_details.sequence_details           ? 
_pdbx_entry_details.has_ligand_of_interest     ? 
_pdbx_entry_details.has_protein_modification   Y 
# 
loop_
_pdbx_validate_close_contact.id 
_pdbx_validate_close_contact.PDB_model_num 
_pdbx_validate_close_contact.auth_atom_id_1 
_pdbx_validate_close_contact.auth_asym_id_1 
_pdbx_validate_close_contact.auth_comp_id_1 
_pdbx_validate_close_contact.auth_seq_id_1 
_pdbx_validate_close_contact.PDB_ins_code_1 
_pdbx_validate_close_contact.label_alt_id_1 
_pdbx_validate_close_contact.auth_atom_id_2 
_pdbx_validate_close_contact.auth_asym_id_2 
_pdbx_validate_close_contact.auth_comp_id_2 
_pdbx_validate_close_contact.auth_seq_id_2 
_pdbx_validate_close_contact.PDB_ins_code_2 
_pdbx_validate_close_contact.label_alt_id_2 
_pdbx_validate_close_contact.dist 
1 1 HE21 C GLN 567 ? ? O C HOH 650 ? ? 1.59 
2 1 O    C HOH 650 ? ? O C HOH 658 ? ? 1.80 
3 1 O    D HOH 705 ? ? O D HOH 708 ? ? 1.87 
4 1 NE2  C GLN 567 ? ? O C HOH 650 ? ? 1.91 
5 1 OE2  D GLU 647 ? ? O D HOH 711 ? ? 2.02 
6 1 O    C HOH 646 ? ? O C HOH 661 ? ? 2.09 
# 
_pdbx_validate_symm_contact.id                1 
_pdbx_validate_symm_contact.PDB_model_num     1 
_pdbx_validate_symm_contact.auth_atom_id_1    O 
_pdbx_validate_symm_contact.auth_asym_id_1    C 
_pdbx_validate_symm_contact.auth_comp_id_1    HOH 
_pdbx_validate_symm_contact.auth_seq_id_1     661 
_pdbx_validate_symm_contact.PDB_ins_code_1    ? 
_pdbx_validate_symm_contact.label_alt_id_1    ? 
_pdbx_validate_symm_contact.site_symmetry_1   1_555 
_pdbx_validate_symm_contact.auth_atom_id_2    O 
_pdbx_validate_symm_contact.auth_asym_id_2    C 
_pdbx_validate_symm_contact.auth_comp_id_2    HOH 
_pdbx_validate_symm_contact.auth_seq_id_2     665 
_pdbx_validate_symm_contact.PDB_ins_code_2    ? 
_pdbx_validate_symm_contact.label_alt_id_2    ? 
_pdbx_validate_symm_contact.site_symmetry_2   16_544 
_pdbx_validate_symm_contact.dist              2.17 
# 
_pdbx_validate_torsion.id              1 
_pdbx_validate_torsion.PDB_model_num   1 
_pdbx_validate_torsion.auth_comp_id    ASN 
_pdbx_validate_torsion.auth_asym_id    D 
_pdbx_validate_torsion.auth_seq_id     651 
_pdbx_validate_torsion.PDB_ins_code    ? 
_pdbx_validate_torsion.label_alt_id    ? 
_pdbx_validate_torsion.phi             -87.09 
_pdbx_validate_torsion.psi             49.72 
# 
loop_
_pdbx_struct_special_symmetry.id 
_pdbx_struct_special_symmetry.PDB_model_num 
_pdbx_struct_special_symmetry.auth_asym_id 
_pdbx_struct_special_symmetry.auth_comp_id 
_pdbx_struct_special_symmetry.auth_seq_id 
_pdbx_struct_special_symmetry.PDB_ins_code 
_pdbx_struct_special_symmetry.label_asym_id 
_pdbx_struct_special_symmetry.label_comp_id 
_pdbx_struct_special_symmetry.label_seq_id 
1 1 C HOH 601 ? C HOH . 
2 1 C HOH 615 ? C HOH . 
3 1 C HOH 641 ? C HOH . 
# 
loop_
_pdbx_unobs_or_zero_occ_residues.id 
_pdbx_unobs_or_zero_occ_residues.PDB_model_num 
_pdbx_unobs_or_zero_occ_residues.polymer_flag 
_pdbx_unobs_or_zero_occ_residues.occupancy_flag 
_pdbx_unobs_or_zero_occ_residues.auth_asym_id 
_pdbx_unobs_or_zero_occ_residues.auth_comp_id 
_pdbx_unobs_or_zero_occ_residues.auth_seq_id 
_pdbx_unobs_or_zero_occ_residues.PDB_ins_code 
_pdbx_unobs_or_zero_occ_residues.label_asym_id 
_pdbx_unobs_or_zero_occ_residues.label_comp_id 
_pdbx_unobs_or_zero_occ_residues.label_seq_id 
1  1 Y 1 D GLN 653 ? B GLN 29 
2  1 Y 1 D GLU 654 ? B GLU 30 
3  1 Y 1 D LYS 655 ? B LYS 31 
4  1 Y 1 D ASN 656 ? B ASN 32 
5  1 Y 1 D GLU 657 ? B GLU 33 
6  1 Y 1 D GLN 658 ? B GLN 34 
7  1 Y 1 D GLU 659 ? B GLU 35 
8  1 Y 1 D LEU 660 ? B LEU 36 
9  1 Y 1 D LEU 661 ? B LEU 37 
10 1 Y 1 D NH2 662 ? B NH2 38 
# 
loop_
_chem_comp_atom.comp_id 
_chem_comp_atom.atom_id 
_chem_comp_atom.type_symbol 
_chem_comp_atom.pdbx_aromatic_flag 
_chem_comp_atom.pdbx_stereo_config 
_chem_comp_atom.pdbx_ordinal 
ACE C    C N N 1   
ACE O    O N N 2   
ACE CH3  C N N 3   
ACE H    H N N 4   
ACE H1   H N N 5   
ACE H2   H N N 6   
ACE H3   H N N 7   
ALA N    N N N 8   
ALA CA   C N S 9   
ALA C    C N N 10  
ALA O    O N N 11  
ALA CB   C N N 12  
ALA OXT  O N N 13  
ALA H    H N N 14  
ALA H2   H N N 15  
ALA HA   H N N 16  
ALA HB1  H N N 17  
ALA HB2  H N N 18  
ALA HB3  H N N 19  
ALA HXT  H N N 20  
ARG N    N N N 21  
ARG CA   C N S 22  
ARG C    C N N 23  
ARG O    O N N 24  
ARG CB   C N N 25  
ARG CG   C N N 26  
ARG CD   C N N 27  
ARG NE   N N N 28  
ARG CZ   C N N 29  
ARG NH1  N N N 30  
ARG NH2  N N N 31  
ARG OXT  O N N 32  
ARG H    H N N 33  
ARG H2   H N N 34  
ARG HA   H N N 35  
ARG HB2  H N N 36  
ARG HB3  H N N 37  
ARG HG2  H N N 38  
ARG HG3  H N N 39  
ARG HD2  H N N 40  
ARG HD3  H N N 41  
ARG HE   H N N 42  
ARG HH11 H N N 43  
ARG HH12 H N N 44  
ARG HH21 H N N 45  
ARG HH22 H N N 46  
ARG HXT  H N N 47  
ASN N    N N N 48  
ASN CA   C N S 49  
ASN C    C N N 50  
ASN O    O N N 51  
ASN CB   C N N 52  
ASN CG   C N N 53  
ASN OD1  O N N 54  
ASN ND2  N N N 55  
ASN OXT  O N N 56  
ASN H    H N N 57  
ASN H2   H N N 58  
ASN HA   H N N 59  
ASN HB2  H N N 60  
ASN HB3  H N N 61  
ASN HD21 H N N 62  
ASN HD22 H N N 63  
ASN HXT  H N N 64  
ASP N    N N N 65  
ASP CA   C N S 66  
ASP C    C N N 67  
ASP O    O N N 68  
ASP CB   C N N 69  
ASP CG   C N N 70  
ASP OD1  O N N 71  
ASP OD2  O N N 72  
ASP OXT  O N N 73  
ASP H    H N N 74  
ASP H2   H N N 75  
ASP HA   H N N 76  
ASP HB2  H N N 77  
ASP HB3  H N N 78  
ASP HD2  H N N 79  
ASP HXT  H N N 80  
GLN N    N N N 81  
GLN CA   C N S 82  
GLN C    C N N 83  
GLN O    O N N 84  
GLN CB   C N N 85  
GLN CG   C N N 86  
GLN CD   C N N 87  
GLN OE1  O N N 88  
GLN NE2  N N N 89  
GLN OXT  O N N 90  
GLN H    H N N 91  
GLN H2   H N N 92  
GLN HA   H N N 93  
GLN HB2  H N N 94  
GLN HB3  H N N 95  
GLN HG2  H N N 96  
GLN HG3  H N N 97  
GLN HE21 H N N 98  
GLN HE22 H N N 99  
GLN HXT  H N N 100 
GLU N    N N N 101 
GLU CA   C N S 102 
GLU C    C N N 103 
GLU O    O N N 104 
GLU CB   C N N 105 
GLU CG   C N N 106 
GLU CD   C N N 107 
GLU OE1  O N N 108 
GLU OE2  O N N 109 
GLU OXT  O N N 110 
GLU H    H N N 111 
GLU H2   H N N 112 
GLU HA   H N N 113 
GLU HB2  H N N 114 
GLU HB3  H N N 115 
GLU HG2  H N N 116 
GLU HG3  H N N 117 
GLU HE2  H N N 118 
GLU HXT  H N N 119 
GLY N    N N N 120 
GLY CA   C N N 121 
GLY C    C N N 122 
GLY O    O N N 123 
GLY OXT  O N N 124 
GLY H    H N N 125 
GLY H2   H N N 126 
GLY HA2  H N N 127 
GLY HA3  H N N 128 
GLY HXT  H N N 129 
HIS N    N N N 130 
HIS CA   C N S 131 
HIS C    C N N 132 
HIS O    O N N 133 
HIS CB   C N N 134 
HIS CG   C Y N 135 
HIS ND1  N Y N 136 
HIS CD2  C Y N 137 
HIS CE1  C Y N 138 
HIS NE2  N Y N 139 
HIS OXT  O N N 140 
HIS H    H N N 141 
HIS H2   H N N 142 
HIS HA   H N N 143 
HIS HB2  H N N 144 
HIS HB3  H N N 145 
HIS HD1  H N N 146 
HIS HD2  H N N 147 
HIS HE1  H N N 148 
HIS HE2  H N N 149 
HIS HXT  H N N 150 
HOH O    O N N 151 
HOH H1   H N N 152 
HOH H2   H N N 153 
ILE N    N N N 154 
ILE CA   C N S 155 
ILE C    C N N 156 
ILE O    O N N 157 
ILE CB   C N S 158 
ILE CG1  C N N 159 
ILE CG2  C N N 160 
ILE CD1  C N N 161 
ILE OXT  O N N 162 
ILE H    H N N 163 
ILE H2   H N N 164 
ILE HA   H N N 165 
ILE HB   H N N 166 
ILE HG12 H N N 167 
ILE HG13 H N N 168 
ILE HG21 H N N 169 
ILE HG22 H N N 170 
ILE HG23 H N N 171 
ILE HD11 H N N 172 
ILE HD12 H N N 173 
ILE HD13 H N N 174 
ILE HXT  H N N 175 
LEU N    N N N 176 
LEU CA   C N S 177 
LEU C    C N N 178 
LEU O    O N N 179 
LEU CB   C N N 180 
LEU CG   C N N 181 
LEU CD1  C N N 182 
LEU CD2  C N N 183 
LEU OXT  O N N 184 
LEU H    H N N 185 
LEU H2   H N N 186 
LEU HA   H N N 187 
LEU HB2  H N N 188 
LEU HB3  H N N 189 
LEU HG   H N N 190 
LEU HD11 H N N 191 
LEU HD12 H N N 192 
LEU HD13 H N N 193 
LEU HD21 H N N 194 
LEU HD22 H N N 195 
LEU HD23 H N N 196 
LEU HXT  H N N 197 
LYS N    N N N 198 
LYS CA   C N S 199 
LYS C    C N N 200 
LYS O    O N N 201 
LYS CB   C N N 202 
LYS CG   C N N 203 
LYS CD   C N N 204 
LYS CE   C N N 205 
LYS NZ   N N N 206 
LYS OXT  O N N 207 
LYS H    H N N 208 
LYS H2   H N N 209 
LYS HA   H N N 210 
LYS HB2  H N N 211 
LYS HB3  H N N 212 
LYS HG2  H N N 213 
LYS HG3  H N N 214 
LYS HD2  H N N 215 
LYS HD3  H N N 216 
LYS HE2  H N N 217 
LYS HE3  H N N 218 
LYS HZ1  H N N 219 
LYS HZ2  H N N 220 
LYS HZ3  H N N 221 
LYS HXT  H N N 222 
MET N    N N N 223 
MET CA   C N S 224 
MET C    C N N 225 
MET O    O N N 226 
MET CB   C N N 227 
MET CG   C N N 228 
MET SD   S N N 229 
MET CE   C N N 230 
MET OXT  O N N 231 
MET H    H N N 232 
MET H2   H N N 233 
MET HA   H N N 234 
MET HB2  H N N 235 
MET HB3  H N N 236 
MET HG2  H N N 237 
MET HG3  H N N 238 
MET HE1  H N N 239 
MET HE2  H N N 240 
MET HE3  H N N 241 
MET HXT  H N N 242 
NH2 N    N N N 243 
NH2 HN1  H N N 244 
NH2 HN2  H N N 245 
SER N    N N N 246 
SER CA   C N S 247 
SER C    C N N 248 
SER O    O N N 249 
SER CB   C N N 250 
SER OG   O N N 251 
SER OXT  O N N 252 
SER H    H N N 253 
SER H2   H N N 254 
SER HA   H N N 255 
SER HB2  H N N 256 
SER HB3  H N N 257 
SER HG   H N N 258 
SER HXT  H N N 259 
THR N    N N N 260 
THR CA   C N S 261 
THR C    C N N 262 
THR O    O N N 263 
THR CB   C N R 264 
THR OG1  O N N 265 
THR CG2  C N N 266 
THR OXT  O N N 267 
THR H    H N N 268 
THR H2   H N N 269 
THR HA   H N N 270 
THR HB   H N N 271 
THR HG1  H N N 272 
THR HG21 H N N 273 
THR HG22 H N N 274 
THR HG23 H N N 275 
THR HXT  H N N 276 
TRP N    N N N 277 
TRP CA   C N S 278 
TRP C    C N N 279 
TRP O    O N N 280 
TRP CB   C N N 281 
TRP CG   C Y N 282 
TRP CD1  C Y N 283 
TRP CD2  C Y N 284 
TRP NE1  N Y N 285 
TRP CE2  C Y N 286 
TRP CE3  C Y N 287 
TRP CZ2  C Y N 288 
TRP CZ3  C Y N 289 
TRP CH2  C Y N 290 
TRP OXT  O N N 291 
TRP H    H N N 292 
TRP H2   H N N 293 
TRP HA   H N N 294 
TRP HB2  H N N 295 
TRP HB3  H N N 296 
TRP HD1  H N N 297 
TRP HE1  H N N 298 
TRP HE3  H N N 299 
TRP HZ2  H N N 300 
TRP HZ3  H N N 301 
TRP HH2  H N N 302 
TRP HXT  H N N 303 
TYR N    N N N 304 
TYR CA   C N S 305 
TYR C    C N N 306 
TYR O    O N N 307 
TYR CB   C N N 308 
TYR CG   C Y N 309 
TYR CD1  C Y N 310 
TYR CD2  C Y N 311 
TYR CE1  C Y N 312 
TYR CE2  C Y N 313 
TYR CZ   C Y N 314 
TYR OH   O N N 315 
TYR OXT  O N N 316 
TYR H    H N N 317 
TYR H2   H N N 318 
TYR HA   H N N 319 
TYR HB2  H N N 320 
TYR HB3  H N N 321 
TYR HD1  H N N 322 
TYR HD2  H N N 323 
TYR HE1  H N N 324 
TYR HE2  H N N 325 
TYR HH   H N N 326 
TYR HXT  H N N 327 
VAL N    N N N 328 
VAL CA   C N S 329 
VAL C    C N N 330 
VAL O    O N N 331 
VAL CB   C N N 332 
VAL CG1  C N N 333 
VAL CG2  C N N 334 
VAL OXT  O N N 335 
VAL H    H N N 336 
VAL H2   H N N 337 
VAL HA   H N N 338 
VAL HB   H N N 339 
VAL HG11 H N N 340 
VAL HG12 H N N 341 
VAL HG13 H N N 342 
VAL HG21 H N N 343 
VAL HG22 H N N 344 
VAL HG23 H N N 345 
VAL HXT  H N N 346 
# 
loop_
_chem_comp_bond.comp_id 
_chem_comp_bond.atom_id_1 
_chem_comp_bond.atom_id_2 
_chem_comp_bond.value_order 
_chem_comp_bond.pdbx_aromatic_flag 
_chem_comp_bond.pdbx_stereo_config 
_chem_comp_bond.pdbx_ordinal 
ACE C   O    doub N N 1   
ACE C   CH3  sing N N 2   
ACE C   H    sing N N 3   
ACE CH3 H1   sing N N 4   
ACE CH3 H2   sing N N 5   
ACE CH3 H3   sing N N 6   
ALA N   CA   sing N N 7   
ALA N   H    sing N N 8   
ALA N   H2   sing N N 9   
ALA CA  C    sing N N 10  
ALA CA  CB   sing N N 11  
ALA CA  HA   sing N N 12  
ALA C   O    doub N N 13  
ALA C   OXT  sing N N 14  
ALA CB  HB1  sing N N 15  
ALA CB  HB2  sing N N 16  
ALA CB  HB3  sing N N 17  
ALA OXT HXT  sing N N 18  
ARG N   CA   sing N N 19  
ARG N   H    sing N N 20  
ARG N   H2   sing N N 21  
ARG CA  C    sing N N 22  
ARG CA  CB   sing N N 23  
ARG CA  HA   sing N N 24  
ARG C   O    doub N N 25  
ARG C   OXT  sing N N 26  
ARG CB  CG   sing N N 27  
ARG CB  HB2  sing N N 28  
ARG CB  HB3  sing N N 29  
ARG CG  CD   sing N N 30  
ARG CG  HG2  sing N N 31  
ARG CG  HG3  sing N N 32  
ARG CD  NE   sing N N 33  
ARG CD  HD2  sing N N 34  
ARG CD  HD3  sing N N 35  
ARG NE  CZ   sing N N 36  
ARG NE  HE   sing N N 37  
ARG CZ  NH1  sing N N 38  
ARG CZ  NH2  doub N N 39  
ARG NH1 HH11 sing N N 40  
ARG NH1 HH12 sing N N 41  
ARG NH2 HH21 sing N N 42  
ARG NH2 HH22 sing N N 43  
ARG OXT HXT  sing N N 44  
ASN N   CA   sing N N 45  
ASN N   H    sing N N 46  
ASN N   H2   sing N N 47  
ASN CA  C    sing N N 48  
ASN CA  CB   sing N N 49  
ASN CA  HA   sing N N 50  
ASN C   O    doub N N 51  
ASN C   OXT  sing N N 52  
ASN CB  CG   sing N N 53  
ASN CB  HB2  sing N N 54  
ASN CB  HB3  sing N N 55  
ASN CG  OD1  doub N N 56  
ASN CG  ND2  sing N N 57  
ASN ND2 HD21 sing N N 58  
ASN ND2 HD22 sing N N 59  
ASN OXT HXT  sing N N 60  
ASP N   CA   sing N N 61  
ASP N   H    sing N N 62  
ASP N   H2   sing N N 63  
ASP CA  C    sing N N 64  
ASP CA  CB   sing N N 65  
ASP CA  HA   sing N N 66  
ASP C   O    doub N N 67  
ASP C   OXT  sing N N 68  
ASP CB  CG   sing N N 69  
ASP CB  HB2  sing N N 70  
ASP CB  HB3  sing N N 71  
ASP CG  OD1  doub N N 72  
ASP CG  OD2  sing N N 73  
ASP OD2 HD2  sing N N 74  
ASP OXT HXT  sing N N 75  
GLN N   CA   sing N N 76  
GLN N   H    sing N N 77  
GLN N   H2   sing N N 78  
GLN CA  C    sing N N 79  
GLN CA  CB   sing N N 80  
GLN CA  HA   sing N N 81  
GLN C   O    doub N N 82  
GLN C   OXT  sing N N 83  
GLN CB  CG   sing N N 84  
GLN CB  HB2  sing N N 85  
GLN CB  HB3  sing N N 86  
GLN CG  CD   sing N N 87  
GLN CG  HG2  sing N N 88  
GLN CG  HG3  sing N N 89  
GLN CD  OE1  doub N N 90  
GLN CD  NE2  sing N N 91  
GLN NE2 HE21 sing N N 92  
GLN NE2 HE22 sing N N 93  
GLN OXT HXT  sing N N 94  
GLU N   CA   sing N N 95  
GLU N   H    sing N N 96  
GLU N   H2   sing N N 97  
GLU CA  C    sing N N 98  
GLU CA  CB   sing N N 99  
GLU CA  HA   sing N N 100 
GLU C   O    doub N N 101 
GLU C   OXT  sing N N 102 
GLU CB  CG   sing N N 103 
GLU CB  HB2  sing N N 104 
GLU CB  HB3  sing N N 105 
GLU CG  CD   sing N N 106 
GLU CG  HG2  sing N N 107 
GLU CG  HG3  sing N N 108 
GLU CD  OE1  doub N N 109 
GLU CD  OE2  sing N N 110 
GLU OE2 HE2  sing N N 111 
GLU OXT HXT  sing N N 112 
GLY N   CA   sing N N 113 
GLY N   H    sing N N 114 
GLY N   H2   sing N N 115 
GLY CA  C    sing N N 116 
GLY CA  HA2  sing N N 117 
GLY CA  HA3  sing N N 118 
GLY C   O    doub N N 119 
GLY C   OXT  sing N N 120 
GLY OXT HXT  sing N N 121 
HIS N   CA   sing N N 122 
HIS N   H    sing N N 123 
HIS N   H2   sing N N 124 
HIS CA  C    sing N N 125 
HIS CA  CB   sing N N 126 
HIS CA  HA   sing N N 127 
HIS C   O    doub N N 128 
HIS C   OXT  sing N N 129 
HIS CB  CG   sing N N 130 
HIS CB  HB2  sing N N 131 
HIS CB  HB3  sing N N 132 
HIS CG  ND1  sing Y N 133 
HIS CG  CD2  doub Y N 134 
HIS ND1 CE1  doub Y N 135 
HIS ND1 HD1  sing N N 136 
HIS CD2 NE2  sing Y N 137 
HIS CD2 HD2  sing N N 138 
HIS CE1 NE2  sing Y N 139 
HIS CE1 HE1  sing N N 140 
HIS NE2 HE2  sing N N 141 
HIS OXT HXT  sing N N 142 
HOH O   H1   sing N N 143 
HOH O   H2   sing N N 144 
ILE N   CA   sing N N 145 
ILE N   H    sing N N 146 
ILE N   H2   sing N N 147 
ILE CA  C    sing N N 148 
ILE CA  CB   sing N N 149 
ILE CA  HA   sing N N 150 
ILE C   O    doub N N 151 
ILE C   OXT  sing N N 152 
ILE CB  CG1  sing N N 153 
ILE CB  CG2  sing N N 154 
ILE CB  HB   sing N N 155 
ILE CG1 CD1  sing N N 156 
ILE CG1 HG12 sing N N 157 
ILE CG1 HG13 sing N N 158 
ILE CG2 HG21 sing N N 159 
ILE CG2 HG22 sing N N 160 
ILE CG2 HG23 sing N N 161 
ILE CD1 HD11 sing N N 162 
ILE CD1 HD12 sing N N 163 
ILE CD1 HD13 sing N N 164 
ILE OXT HXT  sing N N 165 
LEU N   CA   sing N N 166 
LEU N   H    sing N N 167 
LEU N   H2   sing N N 168 
LEU CA  C    sing N N 169 
LEU CA  CB   sing N N 170 
LEU CA  HA   sing N N 171 
LEU C   O    doub N N 172 
LEU C   OXT  sing N N 173 
LEU CB  CG   sing N N 174 
LEU CB  HB2  sing N N 175 
LEU CB  HB3  sing N N 176 
LEU CG  CD1  sing N N 177 
LEU CG  CD2  sing N N 178 
LEU CG  HG   sing N N 179 
LEU CD1 HD11 sing N N 180 
LEU CD1 HD12 sing N N 181 
LEU CD1 HD13 sing N N 182 
LEU CD2 HD21 sing N N 183 
LEU CD2 HD22 sing N N 184 
LEU CD2 HD23 sing N N 185 
LEU OXT HXT  sing N N 186 
LYS N   CA   sing N N 187 
LYS N   H    sing N N 188 
LYS N   H2   sing N N 189 
LYS CA  C    sing N N 190 
LYS CA  CB   sing N N 191 
LYS CA  HA   sing N N 192 
LYS C   O    doub N N 193 
LYS C   OXT  sing N N 194 
LYS CB  CG   sing N N 195 
LYS CB  HB2  sing N N 196 
LYS CB  HB3  sing N N 197 
LYS CG  CD   sing N N 198 
LYS CG  HG2  sing N N 199 
LYS CG  HG3  sing N N 200 
LYS CD  CE   sing N N 201 
LYS CD  HD2  sing N N 202 
LYS CD  HD3  sing N N 203 
LYS CE  NZ   sing N N 204 
LYS CE  HE2  sing N N 205 
LYS CE  HE3  sing N N 206 
LYS NZ  HZ1  sing N N 207 
LYS NZ  HZ2  sing N N 208 
LYS NZ  HZ3  sing N N 209 
LYS OXT HXT  sing N N 210 
MET N   CA   sing N N 211 
MET N   H    sing N N 212 
MET N   H2   sing N N 213 
MET CA  C    sing N N 214 
MET CA  CB   sing N N 215 
MET CA  HA   sing N N 216 
MET C   O    doub N N 217 
MET C   OXT  sing N N 218 
MET CB  CG   sing N N 219 
MET CB  HB2  sing N N 220 
MET CB  HB3  sing N N 221 
MET CG  SD   sing N N 222 
MET CG  HG2  sing N N 223 
MET CG  HG3  sing N N 224 
MET SD  CE   sing N N 225 
MET CE  HE1  sing N N 226 
MET CE  HE2  sing N N 227 
MET CE  HE3  sing N N 228 
MET OXT HXT  sing N N 229 
NH2 N   HN1  sing N N 230 
NH2 N   HN2  sing N N 231 
SER N   CA   sing N N 232 
SER N   H    sing N N 233 
SER N   H2   sing N N 234 
SER CA  C    sing N N 235 
SER CA  CB   sing N N 236 
SER CA  HA   sing N N 237 
SER C   O    doub N N 238 
SER C   OXT  sing N N 239 
SER CB  OG   sing N N 240 
SER CB  HB2  sing N N 241 
SER CB  HB3  sing N N 242 
SER OG  HG   sing N N 243 
SER OXT HXT  sing N N 244 
THR N   CA   sing N N 245 
THR N   H    sing N N 246 
THR N   H2   sing N N 247 
THR CA  C    sing N N 248 
THR CA  CB   sing N N 249 
THR CA  HA   sing N N 250 
THR C   O    doub N N 251 
THR C   OXT  sing N N 252 
THR CB  OG1  sing N N 253 
THR CB  CG2  sing N N 254 
THR CB  HB   sing N N 255 
THR OG1 HG1  sing N N 256 
THR CG2 HG21 sing N N 257 
THR CG2 HG22 sing N N 258 
THR CG2 HG23 sing N N 259 
THR OXT HXT  sing N N 260 
TRP N   CA   sing N N 261 
TRP N   H    sing N N 262 
TRP N   H2   sing N N 263 
TRP CA  C    sing N N 264 
TRP CA  CB   sing N N 265 
TRP CA  HA   sing N N 266 
TRP C   O    doub N N 267 
TRP C   OXT  sing N N 268 
TRP CB  CG   sing N N 269 
TRP CB  HB2  sing N N 270 
TRP CB  HB3  sing N N 271 
TRP CG  CD1  doub Y N 272 
TRP CG  CD2  sing Y N 273 
TRP CD1 NE1  sing Y N 274 
TRP CD1 HD1  sing N N 275 
TRP CD2 CE2  doub Y N 276 
TRP CD2 CE3  sing Y N 277 
TRP NE1 CE2  sing Y N 278 
TRP NE1 HE1  sing N N 279 
TRP CE2 CZ2  sing Y N 280 
TRP CE3 CZ3  doub Y N 281 
TRP CE3 HE3  sing N N 282 
TRP CZ2 CH2  doub Y N 283 
TRP CZ2 HZ2  sing N N 284 
TRP CZ3 CH2  sing Y N 285 
TRP CZ3 HZ3  sing N N 286 
TRP CH2 HH2  sing N N 287 
TRP OXT HXT  sing N N 288 
TYR N   CA   sing N N 289 
TYR N   H    sing N N 290 
TYR N   H2   sing N N 291 
TYR CA  C    sing N N 292 
TYR CA  CB   sing N N 293 
TYR CA  HA   sing N N 294 
TYR C   O    doub N N 295 
TYR C   OXT  sing N N 296 
TYR CB  CG   sing N N 297 
TYR CB  HB2  sing N N 298 
TYR CB  HB3  sing N N 299 
TYR CG  CD1  doub Y N 300 
TYR CG  CD2  sing Y N 301 
TYR CD1 CE1  sing Y N 302 
TYR CD1 HD1  sing N N 303 
TYR CD2 CE2  doub Y N 304 
TYR CD2 HD2  sing N N 305 
TYR CE1 CZ   doub Y N 306 
TYR CE1 HE1  sing N N 307 
TYR CE2 CZ   sing Y N 308 
TYR CE2 HE2  sing N N 309 
TYR CZ  OH   sing N N 310 
TYR OH  HH   sing N N 311 
TYR OXT HXT  sing N N 312 
VAL N   CA   sing N N 313 
VAL N   H    sing N N 314 
VAL N   H2   sing N N 315 
VAL CA  C    sing N N 316 
VAL CA  CB   sing N N 317 
VAL CA  HA   sing N N 318 
VAL C   O    doub N N 319 
VAL C   OXT  sing N N 320 
VAL CB  CG1  sing N N 321 
VAL CB  CG2  sing N N 322 
VAL CB  HB   sing N N 323 
VAL CG1 HG11 sing N N 324 
VAL CG1 HG12 sing N N 325 
VAL CG1 HG13 sing N N 326 
VAL CG2 HG21 sing N N 327 
VAL CG2 HG22 sing N N 328 
VAL CG2 HG23 sing N N 329 
VAL OXT HXT  sing N N 330 
# 
_pdbx_initial_refinement_model.id               1 
_pdbx_initial_refinement_model.entity_id_list   ? 
_pdbx_initial_refinement_model.type             'experimental model' 
_pdbx_initial_refinement_model.source_name      PDB 
_pdbx_initial_refinement_model.accession_code   3VGX 
_pdbx_initial_refinement_model.details          ? 
# 
_atom_sites.entry_id                    3VTP 
_atom_sites.fract_transf_matrix[1][1]   -0.00826465 
_atom_sites.fract_transf_matrix[1][2]   0.02200027 
_atom_sites.fract_transf_matrix[1][3]   0.00992694 
_atom_sites.fract_transf_matrix[2][1]   -0.00760354 
_atom_sites.fract_transf_matrix[2][2]   0.01887759 
_atom_sites.fract_transf_matrix[2][3]   -0.01538456 
_atom_sites.fract_transf_matrix[3][1]   -0.00444451 
_atom_sites.fract_transf_matrix[3][2]   -0.00171259 
_atom_sites.fract_transf_matrix[3][3]   0.00009519 
_atom_sites.fract_transf_vector[1]      0.404912 
_atom_sites.fract_transf_vector[2]      -0.148129 
_atom_sites.fract_transf_vector[3]      -0.111845 
# 
loop_
_atom_type.symbol 
C 
H 
N 
O 
S 
# 
loop_
_atom_site.group_PDB 
_atom_site.id 
_atom_site.type_symbol 
_atom_site.label_atom_id 
_atom_site.label_alt_id 
_atom_site.label_comp_id 
_atom_site.label_asym_id 
_atom_site.label_entity_id 
_atom_site.label_seq_id 
_atom_site.pdbx_PDB_ins_code 
_atom_site.Cartn_x 
_atom_site.Cartn_y 
_atom_site.Cartn_z 
_atom_site.occupancy 
_atom_site.B_iso_or_equiv 
_atom_site.pdbx_formal_charge 
_atom_site.auth_seq_id 
_atom_site.auth_comp_id 
_atom_site.auth_asym_id 
_atom_site.auth_atom_id 
_atom_site.pdbx_PDB_model_num 
HETATM 1    C C    . ACE A 1 1  ? 27.853  -0.064  -0.756  1.00 65.18  ? 549 ACE C C    1 
HETATM 2    O O    . ACE A 1 1  ? 26.690  0.045   -1.155  1.00 64.22  ? 549 ACE C O    1 
HETATM 3    C CH3  . ACE A 1 1  ? 28.705  1.179   -0.511  1.00 65.32  ? 549 ACE C CH3  1 
ATOM   4    N N    . GLN A 1 2  ? 28.437  -1.239  -0.519  1.00 56.02  ? 550 GLN C N    1 
ATOM   5    C CA   . GLN A 1 2  ? 27.728  -2.504  -0.709  1.00 56.16  ? 550 GLN C CA   1 
ATOM   6    C C    . GLN A 1 2  ? 26.528  -2.619  0.226   1.00 74.76  ? 550 GLN C C    1 
ATOM   7    O O    . GLN A 1 2  ? 25.407  -2.907  -0.208  1.00 48.18  ? 550 GLN C O    1 
ATOM   8    C CB   . GLN A 1 2  ? 28.660  -3.697  -0.467  1.00 62.47  ? 550 GLN C CB   1 
ATOM   9    C CG   . GLN A 1 2  ? 27.906  -5.010  -0.219  1.00 75.74  ? 550 GLN C CG   1 
ATOM   10   C CD   . GLN A 1 2  ? 28.818  -6.199  0.036   1.00 73.19  ? 550 GLN C CD   1 
ATOM   11   O OE1  . GLN A 1 2  ? 30.017  -6.146  -0.226  1.00 79.15  ? 550 GLN C OE1  1 
ATOM   12   N NE2  . GLN A 1 2  ? 28.246  -7.282  0.555   1.00 80.91  ? 550 GLN C NE2  1 
ATOM   13   H HA   . GLN A 1 2  ? 27.402  -2.554  -1.631  1.00 67.40  ? 550 GLN C HA   1 
ATOM   14   H HB2  . GLN A 1 2  ? 29.225  -3.818  -1.245  1.00 74.97  ? 550 GLN C HB2  1 
ATOM   15   H HB3  . GLN A 1 2  ? 29.208  -3.516  0.314   1.00 74.97  ? 550 GLN C HB3  1 
ATOM   16   H HG2  . GLN A 1 2  ? 27.335  -4.902  0.557   1.00 90.89  ? 550 GLN C HG2  1 
ATOM   17   H HG3  . GLN A 1 2  ? 27.366  -5.212  -1.000  1.00 90.89  ? 550 GLN C HG3  1 
ATOM   18   H HE21 . GLN A 1 2  ? 27.403  -7.282  0.727   1.00 97.09  ? 550 GLN C HE21 1 
ATOM   19   H HE22 . GLN A 1 2  ? 28.718  -7.982  0.717   1.00 97.09  ? 550 GLN C HE22 1 
ATOM   20   N N    . GLN A 1 3  ? 26.782  -2.419  1.515   1.00 72.33  ? 551 GLN C N    1 
ATOM   21   C CA   . GLN A 1 3  ? 25.739  -2.489  2.527   1.00 72.19  ? 551 GLN C CA   1 
ATOM   22   C C    . GLN A 1 3  ? 24.591  -1.557  2.156   1.00 68.54  ? 551 GLN C C    1 
ATOM   23   O O    . GLN A 1 3  ? 23.425  -1.886  2.357   1.00 53.86  ? 551 GLN C O    1 
ATOM   24   C CB   . GLN A 1 3  ? 26.308  -2.114  3.898   1.00 78.57  ? 551 GLN C CB   1 
ATOM   25   C CG   . GLN A 1 3  ? 26.946  -0.728  3.949   1.00 97.76  ? 551 GLN C CG   1 
ATOM   26   C CD   . GLN A 1 3  ? 27.349  -0.318  5.355   1.00 123.83 ? 551 GLN C CD   1 
ATOM   27   O OE1  . GLN A 1 3  ? 27.592  -1.166  6.216   1.00 131.05 ? 551 GLN C OE1  1 
ATOM   28   N NE2  . GLN A 1 3  ? 27.413  0.990   5.598   1.00 113.81 ? 551 GLN C NE2  1 
ATOM   29   H H    . GLN A 1 3  ? 27.562  -2.239  1.831   1.00 86.79  ? 551 GLN C H    1 
ATOM   30   H HA   . GLN A 1 3  ? 25.392  -3.404  2.575   1.00 86.63  ? 551 GLN C HA   1 
ATOM   31   H HB2  . GLN A 1 3  ? 25.589  -2.133  4.549   1.00 94.29  ? 551 GLN C HB2  1 
ATOM   32   H HB3  . GLN A 1 3  ? 26.987  -2.762  4.141   1.00 94.29  ? 551 GLN C HB3  1 
ATOM   33   H HG2  . GLN A 1 3  ? 27.742  -0.727  3.396   1.00 117.32 ? 551 GLN C HG2  1 
ATOM   34   H HG3  . GLN A 1 3  ? 26.310  -0.075  3.618   1.00 117.32 ? 551 GLN C HG3  1 
ATOM   35   H HE21 . GLN A 1 3  ? 27.637  1.272   6.379   1.00 136.58 ? 551 GLN C HE21 1 
ATOM   36   H HE22 . GLN A 1 3  ? 27.229  1.552   4.975   1.00 136.58 ? 551 GLN C HE22 1 
ATOM   37   N N    . GLN A 1 4  ? 24.930  -0.402  1.590   1.00 65.92  ? 552 GLN C N    1 
ATOM   38   C CA   . GLN A 1 4  ? 23.939  0.617   1.265   1.00 55.13  ? 552 GLN C CA   1 
ATOM   39   C C    . GLN A 1 4  ? 23.054  0.242   0.086   1.00 50.84  ? 552 GLN C C    1 
ATOM   40   O O    . GLN A 1 4  ? 21.848  0.504   0.096   1.00 37.45  ? 552 GLN C O    1 
ATOM   41   C CB   . GLN A 1 4  ? 24.629  1.931   0.934   1.00 71.26  ? 552 GLN C CB   1 
ATOM   42   C CG   . GLN A 1 4  ? 23.666  3.090   0.892   1.00 87.48  ? 552 GLN C CG   1 
ATOM   43   C CD   . GLN A 1 4  ? 23.497  3.728   2.249   1.00 94.98  ? 552 GLN C CD   1 
ATOM   44   O OE1  . GLN A 1 4  ? 24.057  3.257   3.238   1.00 96.63  ? 552 GLN C OE1  1 
ATOM   45   N NE2  . GLN A 1 4  ? 22.729  4.806   2.308   1.00 89.96  ? 552 GLN C NE2  1 
ATOM   46   H H    . GLN A 1 4  ? 25.735  -0.183  1.384   1.00 79.11  ? 552 GLN C H    1 
ATOM   47   H HA   . GLN A 1 4  ? 23.362  0.763   2.044   1.00 66.16  ? 552 GLN C HA   1 
ATOM   48   H HB2  . GLN A 1 4  ? 25.297  2.119   1.613   1.00 85.51  ? 552 GLN C HB2  1 
ATOM   49   H HB3  . GLN A 1 4  ? 25.050  1.858   0.063   1.00 85.51  ? 552 GLN C HB3  1 
ATOM   50   H HG2  . GLN A 1 4  ? 24.004  3.763   0.280   1.00 104.98 ? 552 GLN C HG2  1 
ATOM   51   H HG3  . GLN A 1 4  ? 22.799  2.773   0.596   1.00 104.98 ? 552 GLN C HG3  1 
ATOM   52   H HE21 . GLN A 1 4  ? 22.355  5.107   1.594   1.00 107.95 ? 552 GLN C HE21 1 
ATOM   53   H HE22 . GLN A 1 4  ? 22.603  5.204   3.060   1.00 107.95 ? 552 GLN C HE22 1 
ATOM   54   N N    . ASN A 1 5  ? 23.658  -0.341  -0.945  1.00 45.66  ? 553 ASN C N    1 
ATOM   55   C CA   . ASN A 1 5  ? 22.907  -0.742  -2.125  1.00 50.00  ? 553 ASN C CA   1 
ATOM   56   C C    . ASN A 1 5  ? 21.968  -1.901  -1.806  1.00 38.12  ? 553 ASN C C    1 
ATOM   57   O O    . ASN A 1 5  ? 20.851  -1.980  -2.324  1.00 34.69  ? 553 ASN C O    1 
ATOM   58   C CB   . ASN A 1 5  ? 23.848  -1.141  -3.263  1.00 47.05  ? 553 ASN C CB   1 
ATOM   59   C CG   . ASN A 1 5  ? 23.098  -1.664  -4.473  1.00 42.94  ? 553 ASN C CG   1 
ATOM   60   O OD1  . ASN A 1 5  ? 23.083  -2.865  -4.743  1.00 38.98  ? 553 ASN C OD1  1 
ATOM   61   N ND2  . ASN A 1 5  ? 22.450  -0.759  -5.197  1.00 47.24  ? 553 ASN C ND2  1 
ATOM   62   H H    . ASN A 1 5  ? 24.499  -0.515  -0.983  1.00 54.80  ? 553 ASN C H    1 
ATOM   63   H HA   . ASN A 1 5  ? 22.364  0.014   -2.432  1.00 59.99  ? 553 ASN C HA   1 
ATOM   64   H HB2  . ASN A 1 5  ? 24.361  -0.366  -3.538  1.00 56.46  ? 553 ASN C HB2  1 
ATOM   65   H HB3  . ASN A 1 5  ? 24.443  -1.842  -2.951  1.00 56.46  ? 553 ASN C HB3  1 
ATOM   66   H HD21 . ASN A 1 5  ? 22.473  0.069   -4.970  1.00 56.69  ? 553 ASN C HD21 1 
ATOM   67   H HD22 . ASN A 1 5  ? 22.009  -1.002  -5.894  1.00 56.69  ? 553 ASN C HD22 1 
ATOM   68   N N    . ASN A 1 6  ? 22.431  -2.805  -0.955  1.00 34.88  ? 554 ASN C N    1 
ATOM   69   C CA   . ASN A 1 6  ? 21.589  -3.895  -0.505  1.00 41.16  ? 554 ASN C CA   1 
ATOM   70   C C    . ASN A 1 6  ? 20.370  -3.374  0.254   1.00 36.44  ? 554 ASN C C    1 
ATOM   71   O O    . ASN A 1 6  ? 19.274  -3.920  0.118   1.00 33.96  ? 554 ASN C O    1 
ATOM   72   C CB   . ASN A 1 6  ? 22.380  -4.856  0.373   1.00 40.76  ? 554 ASN C CB   1 
ATOM   73   C CG   . ASN A 1 6  ? 23.127  -5.886  -0.434  1.00 50.89  ? 554 ASN C CG   1 
ATOM   74   O OD1  . ASN A 1 6  ? 23.227  -5.784  -1.656  1.00 50.39  ? 554 ASN C OD1  1 
ATOM   75   N ND2  . ASN A 1 6  ? 23.658  -6.889  0.244   1.00 65.05  ? 554 ASN C ND2  1 
ATOM   76   H H    . ASN A 1 6  ? 23.226  -2.808  -0.626  1.00 41.86  ? 554 ASN C H    1 
ATOM   77   H HA   . ASN A 1 6  ? 21.269  -4.393  -1.286  1.00 49.40  ? 554 ASN C HA   1 
ATOM   78   H HB2  . ASN A 1 6  ? 23.026  -4.352  0.891   1.00 48.91  ? 554 ASN C HB2  1 
ATOM   79   H HB3  . ASN A 1 6  ? 21.769  -5.321  0.964   1.00 48.91  ? 554 ASN C HB3  1 
ATOM   80   H HD21 . ASN A 1 6  ? 23.566  -6.927  1.098   1.00 78.07  ? 554 ASN C HD21 1 
ATOM   81   H HD22 . ASN A 1 6  ? 24.094  -7.504  -0.169  1.00 78.07  ? 554 ASN C HD22 1 
ATOM   82   N N    . LEU A 1 7  ? 20.562  -2.314  1.040   1.00 28.92  ? 555 LEU C N    1 
ATOM   83   C CA   . LEU A 1 7  ? 19.474  -1.739  1.829   1.00 36.14  ? 555 LEU C CA   1 
ATOM   84   C C    . LEU A 1 7  ? 18.466  -1.048  0.925   1.00 35.63  ? 555 LEU C C    1 
ATOM   85   O O    . LEU A 1 7  ? 17.257  -1.177  1.114   1.00 29.87  ? 555 LEU C O    1 
ATOM   86   C CB   . LEU A 1 7  ? 19.991  -0.743  2.873   1.00 32.80  ? 555 LEU C CB   1 
ATOM   87   C CG   . LEU A 1 7  ? 20.821  -1.300  4.037   1.00 48.50  ? 555 LEU C CG   1 
ATOM   88   C CD1  . LEU A 1 7  ? 20.942  -0.259  5.150   1.00 50.13  ? 555 LEU C CD1  1 
ATOM   89   C CD2  . LEU A 1 7  ? 20.261  -2.617  4.579   1.00 49.60  ? 555 LEU C CD2  1 
ATOM   90   H H    . LEU A 1 7  ? 21.316  -1.910  1.133   1.00 34.71  ? 555 LEU C H    1 
ATOM   91   H HA   . LEU A 1 7  ? 19.009  -2.460  2.303   1.00 43.36  ? 555 LEU C HA   1 
ATOM   92   H HB2  . LEU A 1 7  ? 20.546  -0.092  2.417   1.00 39.36  ? 555 LEU C HB2  1 
ATOM   93   H HB3  . LEU A 1 7  ? 19.226  -0.291  3.262   1.00 39.36  ? 555 LEU C HB3  1 
ATOM   94   H HG   . LEU A 1 7  ? 21.717  -1.480  3.713   1.00 58.20  ? 555 LEU C HG   1 
ATOM   95   H HD11 . LEU A 1 7  ? 21.464  -0.628  5.865   1.00 60.15  ? 555 LEU C HD11 1 
ATOM   96   H HD12 . LEU A 1 7  ? 21.374  0.523   4.799   1.00 60.15  ? 555 LEU C HD12 1 
ATOM   97   H HD13 . LEU A 1 7  ? 20.063  -0.036  5.465   1.00 60.15  ? 555 LEU C HD13 1 
ATOM   98   H HD21 . LEU A 1 7  ? 20.816  -2.919  5.303   1.00 59.52  ? 555 LEU C HD21 1 
ATOM   99   H HD22 . LEU A 1 7  ? 19.365  -2.471  4.893   1.00 59.52  ? 555 LEU C HD22 1 
ATOM   100  H HD23 . LEU A 1 7  ? 20.259  -3.269  3.875   1.00 59.52  ? 555 LEU C HD23 1 
ATOM   101  N N    . LEU A 1 8  ? 18.965  -0.308  -0.057  1.00 32.72  ? 556 LEU C N    1 
ATOM   102  C CA   . LEU A 1 8  ? 18.094  0.347   -1.020  1.00 28.61  ? 556 LEU C CA   1 
ATOM   103  C C    . LEU A 1 8  ? 17.260  -0.693  -1.785  1.00 29.12  ? 556 LEU C C    1 
ATOM   104  O O    . LEU A 1 8  ? 16.044  -0.543  -1.944  1.00 28.15  ? 556 LEU C O    1 
ATOM   105  C CB   . LEU A 1 8  ? 18.923  1.177   -1.998  1.00 34.39  ? 556 LEU C CB   1 
ATOM   106  C CG   . LEU A 1 8  ? 18.105  1.984   -3.005  1.00 48.82  ? 556 LEU C CG   1 
ATOM   107  C CD1  . LEU A 1 8  ? 17.400  3.136   -2.309  1.00 53.41  ? 556 LEU C CD1  1 
ATOM   108  C CD2  . LEU A 1 8  ? 18.991  2.491   -4.137  1.00 65.36  ? 556 LEU C CD2  1 
ATOM   109  H H    . LEU A 1 8  ? 19.804  -0.168  -0.186  1.00 39.27  ? 556 LEU C H    1 
ATOM   110  H HA   . LEU A 1 8  ? 17.480  0.948   -0.548  1.00 34.33  ? 556 LEU C HA   1 
ATOM   111  H HB2  . LEU A 1 8  ? 19.463  1.802   -1.491  1.00 41.27  ? 556 LEU C HB2  1 
ATOM   112  H HB3  . LEU A 1 8  ? 19.499  0.580   -2.500  1.00 41.27  ? 556 LEU C HB3  1 
ATOM   113  H HG   . LEU A 1 8  ? 17.426  1.409   -3.391  1.00 58.58  ? 556 LEU C HG   1 
ATOM   114  H HD11 . LEU A 1 8  ? 16.815  2.782   -1.635  1.00 64.09  ? 556 LEU C HD11 1 
ATOM   115  H HD12 . LEU A 1 8  ? 18.058  3.707   -1.905  1.00 64.09  ? 556 LEU C HD12 1 
ATOM   116  H HD13 . LEU A 1 8  ? 16.893  3.629   -2.957  1.00 64.09  ? 556 LEU C HD13 1 
ATOM   117  H HD21 . LEU A 1 8  ? 19.387  1.739   -4.584  1.00 78.43  ? 556 LEU C HD21 1 
ATOM   118  H HD22 . LEU A 1 8  ? 18.453  2.993   -4.754  1.00 78.43  ? 556 LEU C HD22 1 
ATOM   119  H HD23 . LEU A 1 8  ? 19.678  3.052   -3.769  1.00 78.43  ? 556 LEU C HD23 1 
ATOM   120  N N    . ARG A 1 9  ? 17.925  -1.744  -2.257  1.00 27.41  ? 557 ARG C N    1 
ATOM   121  C CA   . ARG A 1 9  ? 17.254  -2.818  -2.980  1.00 28.70  ? 557 ARG C CA   1 
ATOM   122  C C    . ARG A 1 9  ? 16.216  -3.512  -2.090  1.00 25.45  ? 557 ARG C C    1 
ATOM   123  O O    . ARG A 1 9  ? 15.158  -3.907  -2.570  1.00 28.24  ? 557 ARG C O    1 
ATOM   124  C CB   . ARG A 1 9  ? 18.268  -3.839  -3.511  1.00 31.73  ? 557 ARG C CB   1 
ATOM   125  C CG   . ARG A 1 9  ? 19.070  -3.351  -4.731  1.00 30.92  ? 557 ARG C CG   1 
ATOM   126  C CD   . ARG A 1 9  ? 20.000  -4.443  -5.242  1.00 33.09  ? 557 ARG C CD   1 
ATOM   127  N NE   . ARG A 1 9  ? 19.288  -5.541  -5.908  1.00 32.12  ? 557 ARG C NE   1 
ATOM   128  C CZ   . ARG A 1 9  ? 19.756  -6.783  -6.003  1.00 37.47  ? 557 ARG C CZ   1 
ATOM   129  N NH1  . ARG A 1 9  ? 20.943  -7.096  -5.482  1.00 42.77  ? 557 ARG C NH1  1 
ATOM   130  N NH2  . ARG A 1 9  ? 19.049  -7.715  -6.625  1.00 38.39  ? 557 ARG C NH2  1 
ATOM   131  H H    . ARG A 1 9  ? 18.773  -1.859  -2.171  1.00 32.89  ? 557 ARG C H    1 
ATOM   132  H HA   . ARG A 1 9  ? 16.784  -2.436  -3.749  1.00 34.44  ? 557 ARG C HA   1 
ATOM   133  H HB2  . ARG A 1 9  ? 18.900  -4.046  -2.804  1.00 38.08  ? 557 ARG C HB2  1 
ATOM   134  H HB3  . ARG A 1 9  ? 17.792  -4.644  -3.771  1.00 38.08  ? 557 ARG C HB3  1 
ATOM   135  H HG2  . ARG A 1 9  ? 18.457  -3.112  -5.444  1.00 37.11  ? 557 ARG C HG2  1 
ATOM   136  H HG3  . ARG A 1 9  ? 19.608  -2.585  -4.477  1.00 37.11  ? 557 ARG C HG3  1 
ATOM   137  H HD2  . ARG A 1 9  ? 20.618  -4.057  -5.881  1.00 39.70  ? 557 ARG C HD2  1 
ATOM   138  H HD3  . ARG A 1 9  ? 20.489  -4.817  -4.493  1.00 39.70  ? 557 ARG C HD3  1 
ATOM   139  H HE   . ARG A 1 9  ? 18.492  -5.388  -6.195  1.00 38.55  ? 557 ARG C HE   1 
ATOM   140  H HH11 . ARG A 1 9  ? 21.408  -6.496  -5.078  1.00 51.32  ? 557 ARG C HH11 1 
ATOM   141  H HH12 . ARG A 1 9  ? 21.243  -7.900  -5.547  1.00 51.32  ? 557 ARG C HH12 1 
ATOM   142  H HH21 . ARG A 1 9  ? 18.284  -7.519  -6.964  1.00 46.07  ? 557 ARG C HH21 1 
ATOM   143  H HH22 . ARG A 1 9  ? 19.355  -8.517  -6.685  1.00 46.07  ? 557 ARG C HH22 1 
ATOM   144  N N    . ALA A 1 10 ? 16.522  -3.649  -0.804  1.00 25.46  ? 558 ALA C N    1 
ATOM   145  C CA   . ALA A 1 10 ? 15.601  -4.284  0.149   1.00 24.72  ? 558 ALA C CA   1 
ATOM   146  C C    . ALA A 1 10 ? 14.333  -3.451  0.337   1.00 28.90  ? 558 ALA C C    1 
ATOM   147  O O    . ALA A 1 10 ? 13.224  -3.989  0.336   1.00 23.47  ? 558 ALA C O    1 
ATOM   148  C CB   . ALA A 1 10 ? 16.295  -4.518  1.488   1.00 24.46  ? 558 ALA C CB   1 
ATOM   149  H H    . ALA A 1 10 ? 17.259  -3.383  -0.450  1.00 30.55  ? 558 ALA C H    1 
ATOM   150  H HA   . ALA A 1 10 ? 15.334  -5.158  -0.206  1.00 29.66  ? 558 ALA C HA   1 
ATOM   151  H HB1  . ALA A 1 10 ? 15.675  -4.933  2.093   1.00 29.35  ? 558 ALA C HB1  1 
ATOM   152  H HB2  . ALA A 1 10 ? 17.052  -5.092  1.351   1.00 29.35  ? 558 ALA C HB2  1 
ATOM   153  H HB3  . ALA A 1 10 ? 16.583  -3.674  1.842   1.00 29.35  ? 558 ALA C HB3  1 
ATOM   154  N N    . ILE A 1 11 ? 14.500  -2.140  0.502   1.00 27.13  ? 559 ILE C N    1 
ATOM   155  C CA   . ILE A 1 11 ? 13.367  -1.224  0.612   1.00 29.31  ? 559 ILE C CA   1 
ATOM   156  C C    . ILE A 1 11 ? 12.516  -1.218  -0.660  1.00 28.82  ? 559 ILE C C    1 
ATOM   157  O O    . ILE A 1 11 ? 11.284  -1.220  -0.589  1.00 26.09  ? 559 ILE C O    1 
ATOM   158  C CB   . ILE A 1 11 ? 13.835  0.211   0.913   1.00 29.42  ? 559 ILE C CB   1 
ATOM   159  C CG1  . ILE A 1 11 ? 14.455  0.289   2.304   1.00 28.50  ? 559 ILE C CG1  1 
ATOM   160  C CG2  . ILE A 1 11 ? 12.677  1.173   0.831   1.00 36.12  ? 559 ILE C CG2  1 
ATOM   161  C CD1  . ILE A 1 11 ? 15.339  1.516   2.502   1.00 43.63  ? 559 ILE C CD1  1 
ATOM   162  H H    . ILE A 1 11 ? 15.266  -1.754  0.553   1.00 32.55  ? 559 ILE C H    1 
ATOM   163  H HA   . ILE A 1 11 ? 12.797  -1.515  1.355   1.00 35.17  ? 559 ILE C HA   1 
ATOM   164  H HB   . ILE A 1 11 ? 14.503  0.467   0.257   1.00 35.30  ? 559 ILE C HB   1 
ATOM   165  H HG12 . ILE A 1 11 ? 13.745  0.323   2.963   1.00 34.20  ? 559 ILE C HG12 1 
ATOM   166  H HG13 . ILE A 1 11 ? 15.002  -0.499  2.449   1.00 34.20  ? 559 ILE C HG13 1 
ATOM   167  H HG21 . ILE A 1 11 ? 12.993  2.059   1.022   1.00 43.35  ? 559 ILE C HG21 1 
ATOM   168  H HG22 . ILE A 1 11 ? 12.306  1.140   -0.053  1.00 43.35  ? 559 ILE C HG22 1 
ATOM   169  H HG23 . ILE A 1 11 ? 12.013  0.917   1.475   1.00 43.35  ? 559 ILE C HG23 1 
ATOM   170  H HD11 . ILE A 1 11 ? 15.694  1.502   3.393   1.00 52.36  ? 559 ILE C HD11 1 
ATOM   171  H HD12 . ILE A 1 11 ? 16.054  1.492   1.863   1.00 52.36  ? 559 ILE C HD12 1 
ATOM   172  H HD13 . ILE A 1 11 ? 14.808  2.306   2.372   1.00 52.36  ? 559 ILE C HD13 1 
ATOM   173  N N    . GLU A 1 12 ? 13.168  -1.209  -1.818  1.00 23.46  ? 560 GLU C N    1 
ATOM   174  C CA   . GLU A 1 12 ? 12.471  -1.281  -3.106  1.00 23.89  ? 560 GLU C CA   1 
ATOM   175  C C    . GLU A 1 12 ? 11.562  -2.521  -3.195  1.00 29.06  ? 560 GLU C C    1 
ATOM   176  O O    . GLU A 1 12 ? 10.391  -2.421  -3.587  1.00 24.50  ? 560 GLU C O    1 
ATOM   177  C CB   . GLU A 1 12 ? 13.494  -1.269  -4.260  1.00 30.05  ? 560 GLU C CB   1 
ATOM   178  C CG   . GLU A 1 12 ? 12.885  -1.411  -5.654  1.00 38.76  ? 560 GLU C CG   1 
ATOM   179  C CD   . GLU A 1 12 ? 13.924  -1.360  -6.776  1.00 38.84  ? 560 GLU C CD   1 
ATOM   180  O OE1  . GLU A 1 12 ? 14.105  -0.284  -7.368  1.00 41.34  ? 560 GLU C OE1  1 
ATOM   181  O OE2  . GLU A 1 12 ? 14.547  -2.400  -7.078  1.00 44.44  ? 560 GLU C OE2  1 
ATOM   182  H H    . GLU A 1 12 ? 14.024  -1.161  -1.889  1.00 28.15  ? 560 GLU C H    1 
ATOM   183  H HA   . GLU A 1 12 ? 11.904  -0.488  -3.200  1.00 28.67  ? 560 GLU C HA   1 
ATOM   184  H HB2  . GLU A 1 12 ? 13.978  -0.429  -4.236  1.00 36.06  ? 560 GLU C HB2  1 
ATOM   185  H HB3  . GLU A 1 12 ? 14.112  -2.004  -4.133  1.00 36.06  ? 560 GLU C HB3  1 
ATOM   186  H HG2  . GLU A 1 12 ? 12.427  -2.264  -5.711  1.00 46.51  ? 560 GLU C HG2  1 
ATOM   187  H HG3  . GLU A 1 12 ? 12.255  -0.687  -5.798  1.00 46.51  ? 560 GLU C HG3  1 
ATOM   188  N N    . ALA A 1 13 ? 12.104  -3.680  -2.824  1.00 27.07  ? 561 ALA C N    1 
ATOM   189  C CA   . ALA A 1 13 ? 11.345  -4.929  -2.822  1.00 26.22  ? 561 ALA C CA   1 
ATOM   190  C C    . ALA A 1 13 ? 10.267  -4.924  -1.743  1.00 25.48  ? 561 ALA C C    1 
ATOM   191  O O    . ALA A 1 13 ? 9.182   -5.465  -1.954  1.00 24.73  ? 561 ALA C O    1 
ATOM   192  C CB   . ALA A 1 13 ? 12.269  -6.116  -2.622  1.00 23.26  ? 561 ALA C CB   1 
ATOM   193  H H    . ALA A 1 13 ? 12.919  -3.770  -2.564  1.00 32.48  ? 561 ALA C H    1 
ATOM   194  H HA   . ALA A 1 13 ? 10.902  -5.033  -3.691  1.00 31.46  ? 561 ALA C HA   1 
ATOM   195  H HB1  . ALA A 1 13 ? 11.747  -6.922  -2.625  1.00 27.91  ? 561 ALA C HB1  1 
ATOM   196  H HB2  . ALA A 1 13 ? 12.909  -6.138  -3.337  1.00 27.91  ? 561 ALA C HB2  1 
ATOM   197  H HB3  . ALA A 1 13 ? 12.720  -6.022  -1.779  1.00 27.91  ? 561 ALA C HB3  1 
ATOM   198  N N    . GLN A 1 14 ? 10.570  -4.329  -0.593  1.00 23.12  ? 562 GLN C N    1 
ATOM   199  C CA   . GLN A 1 14 ? 9.602   -4.258  0.498   1.00 25.72  ? 562 GLN C CA   1 
ATOM   200  C C    . GLN A 1 14 ? 8.430   -3.370  0.144   1.00 25.71  ? 562 GLN C C    1 
ATOM   201  O O    . GLN A 1 14 ? 7.308   -3.621  0.584   1.00 22.90  ? 562 GLN C O    1 
ATOM   202  C CB   . GLN A 1 14 ? 10.248  -3.767  1.786   1.00 24.76  ? 562 GLN C CB   1 
ATOM   203  C CG   . GLN A 1 14 ? 11.039  -4.844  2.477   1.00 31.48  ? 562 GLN C CG   1 
ATOM   204  C CD   . GLN A 1 14 ? 11.490  -4.439  3.854   1.00 42.01  ? 562 GLN C CD   1 
ATOM   205  O OE1  . GLN A 1 14 ? 11.646  -3.250  4.144   1.00 46.69  ? 562 GLN C OE1  1 
ATOM   206  N NE2  . GLN A 1 14 ? 11.709  -5.427  4.722   1.00 34.39  ? 562 GLN C NE2  1 
ATOM   207  H H    . GLN A 1 14 ? 11.326  -3.959  -0.420  1.00 27.75  ? 562 GLN C H    1 
ATOM   208  H HA   . GLN A 1 14 ? 9.253   -5.158  0.665   1.00 30.86  ? 562 GLN C HA   1 
ATOM   209  H HB2  . GLN A 1 14 ? 10.852  -3.037  1.578   1.00 29.72  ? 562 GLN C HB2  1 
ATOM   210  H HB3  . GLN A 1 14 ? 9.555   -3.465  2.393   1.00 29.72  ? 562 GLN C HB3  1 
ATOM   211  H HG2  . GLN A 1 14 ? 10.486  -5.636  2.564   1.00 37.77  ? 562 GLN C HG2  1 
ATOM   212  H HG3  . GLN A 1 14 ? 11.828  -5.045  1.951   1.00 37.77  ? 562 GLN C HG3  1 
ATOM   213  H HE21 . GLN A 1 14 ? 11.590  -6.244  4.482   1.00 41.27  ? 562 GLN C HE21 1 
ATOM   214  H HE22 . GLN A 1 14 ? 11.968  -5.247  5.522   1.00 41.27  ? 562 GLN C HE22 1 
ATOM   215  N N    . GLN A 1 15 ? 8.685   -2.336  -0.647  1.00 20.43  ? 563 GLN C N    1 
ATOM   216  C CA   . GLN A 1 15 ? 7.623   -1.462  -1.118  1.00 22.94  ? 563 GLN C CA   1 
ATOM   217  C C    . GLN A 1 15 ? 6.701   -2.227  -2.067  1.00 26.86  ? 563 GLN C C    1 
ATOM   218  O O    . GLN A 1 15 ? 5.488   -2.013  -2.069  1.00 25.50  ? 563 GLN C O    1 
ATOM   219  C CB   . GLN A 1 15 ? 8.196   -0.217  -1.806  1.00 28.48  ? 563 GLN C CB   1 
ATOM   220  C CG   . GLN A 1 15 ? 7.164   0.871   -2.091  1.00 41.36  ? 563 GLN C CG   1 
ATOM   221  C CD   . GLN A 1 15 ? 6.377   1.297   -0.848  1.00 27.11  ? 563 GLN C CD   1 
ATOM   222  O OE1  . GLN A 1 15 ? 6.869   1.216   0.277   1.00 28.23  ? 563 GLN C OE1  1 
ATOM   223  N NE2  . GLN A 1 15 ? 5.144   1.743   -1.057  1.00 40.46  ? 563 GLN C NE2  1 
ATOM   224  H H    . GLN A 1 15 ? 9.470   -2.117  -0.926  1.00 24.51  ? 563 GLN C H    1 
ATOM   225  H HA   . GLN A 1 15 ? 7.089   -1.166  -0.351  1.00 27.52  ? 563 GLN C HA   1 
ATOM   226  H HB2  . GLN A 1 15 ? 8.880   0.166   -1.234  1.00 34.18  ? 563 GLN C HB2  1 
ATOM   227  H HB3  . GLN A 1 15 ? 8.588   -0.482  -2.652  1.00 34.18  ? 563 GLN C HB3  1 
ATOM   228  H HG2  . GLN A 1 15 ? 7.620   1.654   -2.438  1.00 49.63  ? 563 GLN C HG2  1 
ATOM   229  H HG3  . GLN A 1 15 ? 6.531   0.540   -2.747  1.00 49.63  ? 563 GLN C HG3  1 
ATOM   230  H HE21 . GLN A 1 15 ? 4.830   1.780   -1.857  1.00 48.56  ? 563 GLN C HE21 1 
ATOM   231  H HE22 . GLN A 1 15 ? 4.659   1.995   -0.393  1.00 48.56  ? 563 GLN C HE22 1 
ATOM   232  N N    . HIS A 1 16 ? 7.268   -3.124  -2.873  1.00 23.92  ? 564 HIS C N    1 
ATOM   233  C CA   . HIS A 1 16 ? 6.443   -3.994  -3.719  1.00 28.25  ? 564 HIS C CA   1 
ATOM   234  C C    . HIS A 1 16 ? 5.563   -4.917  -2.860  1.00 24.43  ? 564 HIS C C    1 
ATOM   235  O O    . HIS A 1 16 ? 4.371   -5.100  -3.147  1.00 21.61  ? 564 HIS C O    1 
ATOM   236  C CB   . HIS A 1 16 ? 7.309   -4.817  -4.688  1.00 24.72  ? 564 HIS C CB   1 
ATOM   237  C CG   . HIS A 1 16 ? 7.975   -3.983  -5.750  1.00 37.99  ? 564 HIS C CG   1 
ATOM   238  N ND1  . HIS A 1 16 ? 7.280   -3.087  -6.527  1.00 33.82  ? 564 HIS C ND1  1 
ATOM   239  C CD2  . HIS A 1 16 ? 9.266   -3.925  -6.148  1.00 32.54  ? 564 HIS C CD2  1 
ATOM   240  C CE1  . HIS A 1 16 ? 8.125   -2.502  -7.368  1.00 44.36  ? 564 HIS C CE1  1 
ATOM   241  N NE2  . HIS A 1 16 ? 9.325   -2.993  -7.162  1.00 30.19  ? 564 HIS C NE2  1 
ATOM   242  H H    . HIS A 1 16 ? 8.115   -3.248  -2.951  1.00 28.70  ? 564 HIS C H    1 
ATOM   243  H HA   . HIS A 1 16 ? 5.847   -3.432  -4.258  1.00 33.90  ? 564 HIS C HA   1 
ATOM   244  H HB2  . HIS A 1 16 ? 8.004   -5.266  -4.183  1.00 29.67  ? 564 HIS C HB2  1 
ATOM   245  H HB3  . HIS A 1 16 ? 6.747   -5.472  -5.132  1.00 29.67  ? 564 HIS C HB3  1 
ATOM   246  H HD1  . HIS A 1 16 ? 6.437   -2.929  -6.475  1.00 40.58  ? 564 HIS C HD1  1 
ATOM   247  H HD2  . HIS A 1 16 ? 9.977   -4.420  -5.806  1.00 39.05  ? 564 HIS C HD2  1 
ATOM   248  H HE1  . HIS A 1 16 ? 7.902   -1.857  -8.000  1.00 53.23  ? 564 HIS C HE1  1 
ATOM   249  H HE2  . HIS A 1 16 ? 10.036  -2.765  -7.589  1.00 36.23  ? 564 HIS C HE2  1 
ATOM   250  N N    . LEU A 1 17 ? 6.157   -5.493  -1.814  1.00 25.42  ? 565 LEU C N    1 
ATOM   251  C CA   . LEU A 1 17 ? 5.414   -6.330  -0.872  1.00 18.48  ? 565 LEU C CA   1 
ATOM   252  C C    . LEU A 1 17 ? 4.257   -5.566  -0.249  1.00 24.30  ? 565 LEU C C    1 
ATOM   253  O O    . LEU A 1 17 ? 3.129   -6.060  -0.219  1.00 22.37  ? 565 LEU C O    1 
ATOM   254  C CB   . LEU A 1 17 ? 6.321   -6.844  0.238   1.00 27.91  ? 565 LEU C CB   1 
ATOM   255  C CG   . LEU A 1 17 ? 7.150   -8.081  -0.081  1.00 26.00  ? 565 LEU C CG   1 
ATOM   256  C CD1  . LEU A 1 17 ? 7.954   -8.483  1.134   1.00 32.37  ? 565 LEU C CD1  1 
ATOM   257  C CD2  . LEU A 1 17 ? 6.250   -9.241  -0.535  1.00 32.38  ? 565 LEU C CD2  1 
ATOM   258  H H    . LEU A 1 17 ? 6.992   -5.413  -1.626  1.00 30.51  ? 565 LEU C H    1 
ATOM   259  H HA   . LEU A 1 17 ? 5.047   -7.103  -1.349  1.00 22.18  ? 565 LEU C HA   1 
ATOM   260  H HB2  . LEU A 1 17 ? 6.941   -6.136  0.476   1.00 33.49  ? 565 LEU C HB2  1 
ATOM   261  H HB3  . LEU A 1 17 ? 5.769   -7.058  1.006   1.00 33.49  ? 565 LEU C HB3  1 
ATOM   262  H HG   . LEU A 1 17 ? 7.767   -7.876  -0.801  1.00 31.20  ? 565 LEU C HG   1 
ATOM   263  H HD11 . LEU A 1 17 ? 8.472   -9.263  0.921   1.00 38.85  ? 565 LEU C HD11 1 
ATOM   264  H HD12 . LEU A 1 17 ? 8.537   -7.758  1.376   1.00 38.85  ? 565 LEU C HD12 1 
ATOM   265  H HD13 . LEU A 1 17 ? 7.353   -8.676  1.857   1.00 38.85  ? 565 LEU C HD13 1 
ATOM   266  H HD21 . LEU A 1 17 ? 6.799   -10.003 -0.729  1.00 38.85  ? 565 LEU C HD21 1 
ATOM   267  H HD22 . LEU A 1 17 ? 5.632   -9.451  0.169   1.00 38.85  ? 565 LEU C HD22 1 
ATOM   268  H HD23 . LEU A 1 17 ? 5.770   -8.973  -1.323  1.00 38.85  ? 565 LEU C HD23 1 
ATOM   269  N N    . LEU A 1 18 ? 4.549   -4.376  0.269   1.00 22.52  ? 566 LEU C N    1 
ATOM   270  C CA   . LEU A 1 18 ? 3.535   -3.521  0.865   1.00 25.35  ? 566 LEU C CA   1 
ATOM   271  C C    . LEU A 1 18 ? 2.411   -3.249  -0.123  1.00 25.25  ? 566 LEU C C    1 
ATOM   272  O O    . LEU A 1 18 ? 1.248   -3.324  0.243   1.00 22.77  ? 566 LEU C O    1 
ATOM   273  C CB   . LEU A 1 18 ? 4.133   -2.204  1.360   1.00 27.28  ? 566 LEU C CB   1 
ATOM   274  C CG   . LEU A 1 18 ? 4.754   -2.249  2.762   1.00 32.18  ? 566 LEU C CG   1 
ATOM   275  C CD1  . LEU A 1 18 ? 5.654   -1.051  3.021   1.00 36.11  ? 566 LEU C CD1  1 
ATOM   276  C CD2  . LEU A 1 18 ? 3.669   -2.325  3.818   1.00 36.62  ? 566 LEU C CD2  1 
ATOM   277  H H    . LEU A 1 18 ? 5.340   -4.038  0.285   1.00 27.03  ? 566 LEU C H    1 
ATOM   278  H HA   . LEU A 1 18 ? 3.149   -3.983  1.638   1.00 30.42  ? 566 LEU C HA   1 
ATOM   279  H HB2  . LEU A 1 18 ? 4.830   -1.931  0.742   1.00 32.74  ? 566 LEU C HB2  1 
ATOM   280  H HB3  . LEU A 1 18 ? 3.432   -1.534  1.373   1.00 32.74  ? 566 LEU C HB3  1 
ATOM   281  H HG   . LEU A 1 18 ? 5.297   -3.049  2.837   1.00 38.62  ? 566 LEU C HG   1 
ATOM   282  H HD11 . LEU A 1 18 ? 6.020   -1.121  3.905   1.00 43.33  ? 566 LEU C HD11 1 
ATOM   283  H HD12 . LEU A 1 18 ? 6.363   -1.049  2.373   1.00 43.33  ? 566 LEU C HD12 1 
ATOM   284  H HD13 . LEU A 1 18 ? 5.136   -0.247  2.942   1.00 43.33  ? 566 LEU C HD13 1 
ATOM   285  H HD21 . LEU A 1 18 ? 4.079   -2.352  4.686   1.00 43.95  ? 566 LEU C HD21 1 
ATOM   286  H HD22 . LEU A 1 18 ? 3.108   -1.549  3.745   1.00 43.95  ? 566 LEU C HD22 1 
ATOM   287  H HD23 . LEU A 1 18 ? 3.150   -3.120  3.675   1.00 43.95  ? 566 LEU C HD23 1 
ATOM   288  N N    . GLN A 1 19 ? 2.752   -2.950  -1.374  1.00 21.45  ? 567 GLN C N    1 
ATOM   289  C CA   . GLN A 1 19 ? 1.732   -2.702  -2.394  1.00 22.19  ? 567 GLN C CA   1 
ATOM   290  C C    . GLN A 1 19 ? 0.822   -3.918  -2.629  1.00 24.69  ? 567 GLN C C    1 
ATOM   291  O O    . GLN A 1 19 ? -0.390  -3.761  -2.829  1.00 24.46  ? 567 GLN C O    1 
ATOM   292  C CB   . GLN A 1 19 ? 2.379   -2.212  -3.692  1.00 30.74  ? 567 GLN C CB   1 
ATOM   293  C CG   . GLN A 1 19 ? 2.808   -0.737  -3.583  1.00 50.50  ? 567 GLN C CG   1 
ATOM   294  C CD   . GLN A 1 19 ? 3.831   -0.283  -4.619  1.00 68.09  ? 567 GLN C CD   1 
ATOM   295  O OE1  . GLN A 1 19 ? 4.267   0.872   -4.590  1.00 59.25  ? 567 GLN C OE1  1 
ATOM   296  N NE2  . GLN A 1 19 ? 4.226   -1.181  -5.528  1.00 69.34  ? 567 GLN C NE2  1 
ATOM   297  H H    . GLN A 1 19 ? 3.561   -2.885  -1.659  1.00 25.74  ? 567 GLN C H    1 
ATOM   298  H HA   . GLN A 1 19 ? 1.157   -1.976  -2.072  1.00 26.62  ? 567 GLN C HA   1 
ATOM   299  H HB2  . GLN A 1 19 ? 3.168   -2.746  -3.877  1.00 36.89  ? 567 GLN C HB2  1 
ATOM   300  H HB3  . GLN A 1 19 ? 1.741   -2.290  -4.417  1.00 36.89  ? 567 GLN C HB3  1 
ATOM   301  H HG2  . GLN A 1 19 ? 2.021   -0.179  -3.684  1.00 60.59  ? 567 GLN C HG2  1 
ATOM   302  H HG3  . GLN A 1 19 ? 3.197   -0.592  -2.705  1.00 60.59  ? 567 GLN C HG3  1 
ATOM   303  H HE21 . GLN A 1 19 ? 3.906   -1.979  -5.511  1.00 83.21  ? 567 GLN C HE21 1 
ATOM   304  H HE22 . GLN A 1 19 ? 4.802   -0.961  -6.128  1.00 83.21  ? 567 GLN C HE22 1 
ATOM   305  N N    . LEU A 1 20 ? 1.397   -5.119  -2.588  1.00 21.49  ? 568 LEU C N    1 
ATOM   306  C CA   . LEU A 1 20 ? 0.614   -6.351  -2.691  1.00 24.17  ? 568 LEU C CA   1 
ATOM   307  C C    . LEU A 1 20 ? -0.315  -6.527  -1.488  1.00 19.36  ? 568 LEU C C    1 
ATOM   308  O O    . LEU A 1 20 ? -1.459  -6.935  -1.649  1.00 21.78  ? 568 LEU C O    1 
ATOM   309  C CB   . LEU A 1 20 ? 1.528   -7.574  -2.816  1.00 23.87  ? 568 LEU C CB   1 
ATOM   310  C CG   . LEU A 1 20 ? 2.239   -7.721  -4.170  1.00 26.77  ? 568 LEU C CG   1 
ATOM   311  C CD1  . LEU A 1 20 ? 3.386   -8.716  -4.058  1.00 28.03  ? 568 LEU C CD1  1 
ATOM   312  C CD2  . LEU A 1 20 ? 1.241   -8.161  -5.237  1.00 28.15  ? 568 LEU C CD2  1 
ATOM   313  H H    . LEU A 1 20 ? 2.242   -5.247  -2.499  1.00 25.79  ? 568 LEU C H    1 
ATOM   314  H HA   . LEU A 1 20 ? 0.059   -6.307  -3.497  1.00 29.00  ? 568 LEU C HA   1 
ATOM   315  H HB2  . LEU A 1 20 ? 2.212   -7.520  -2.131  1.00 28.64  ? 568 LEU C HB2  1 
ATOM   316  H HB3  . LEU A 1 20 ? 0.994   -8.373  -2.680  1.00 28.64  ? 568 LEU C HB3  1 
ATOM   317  H HG   . LEU A 1 20 ? 2.606   -6.861  -4.432  1.00 32.12  ? 568 LEU C HG   1 
ATOM   318  H HD11 . LEU A 1 20 ? 3.818   -8.793  -4.913  1.00 33.64  ? 568 LEU C HD11 1 
ATOM   319  H HD12 . LEU A 1 20 ? 4.012   -8.399  -3.403  1.00 33.64  ? 568 LEU C HD12 1 
ATOM   320  H HD13 . LEU A 1 20 ? 3.035   -9.568  -3.791  1.00 33.64  ? 568 LEU C HD13 1 
ATOM   321  H HD21 . LEU A 1 20 ? 1.700   -8.248  -6.076  1.00 33.78  ? 568 LEU C HD21 1 
ATOM   322  H HD22 . LEU A 1 20 ? 0.864   -9.007  -4.982  1.00 33.78  ? 568 LEU C HD22 1 
ATOM   323  H HD23 . LEU A 1 20 ? 0.549   -7.501  -5.309  1.00 33.78  ? 568 LEU C HD23 1 
ATOM   324  N N    . THR A 1 21 ? 0.172   -6.230  -0.285  1.00 21.05  ? 569 THR C N    1 
ATOM   325  C CA   . THR A 1 21 ? -0.684  -6.374  0.902   1.00 21.79  ? 569 THR C CA   1 
ATOM   326  C C    . THR A 1 21 ? -1.843  -5.369  0.846   1.00 21.56  ? 569 THR C C    1 
ATOM   327  O O    . THR A 1 21 ? -2.967  -5.689  1.258   1.00 19.92  ? 569 THR C O    1 
ATOM   328  C CB   . THR A 1 21 ? 0.083   -6.261  2.249   1.00 19.45  ? 569 THR C CB   1 
ATOM   329  O OG1  . THR A 1 21 ? 0.645   -4.952  2.401   1.00 21.16  ? 569 THR C OG1  1 
ATOM   330  C CG2  . THR A 1 21 ? 1.173   -7.321  2.374   1.00 22.54  ? 569 THR C CG2  1 
ATOM   331  H H    . THR A 1 21 ? 0.970   -5.948  -0.127  1.00 25.26  ? 569 THR C H    1 
ATOM   332  H HA   . THR A 1 21 ? -1.081  -7.269  0.877   1.00 26.15  ? 569 THR C HA   1 
ATOM   333  H HB   . THR A 1 21 ? -0.547  -6.407  2.971   1.00 23.34  ? 569 THR C HB   1 
ATOM   334  H HG1  . THR A 1 21 ? 1.167   -4.798  1.787   1.00 25.39  ? 569 THR C HG1  1 
ATOM   335  H HG21 . THR A 1 21 ? 1.628   -7.226  3.214   1.00 27.04  ? 569 THR C HG21 1 
ATOM   336  H HG22 . THR A 1 21 ? 0.784   -8.198  2.327   1.00 27.04  ? 569 THR C HG22 1 
ATOM   337  H HG23 . THR A 1 21 ? 1.809   -7.224  1.662   1.00 27.04  ? 569 THR C HG23 1 
ATOM   338  N N    . VAL A 1 22 ? -1.584  -4.161  0.336   1.00 19.07  ? 570 VAL C N    1 
ATOM   339  C CA   . VAL A 1 22 ? -2.645  -3.169  0.192   1.00 21.06  ? 570 VAL C CA   1 
ATOM   340  C C    . VAL A 1 22 ? -3.708  -3.656  -0.797  1.00 24.03  ? 570 VAL C C    1 
ATOM   341  O O    . VAL A 1 22 ? -4.900  -3.487  -0.545  1.00 21.82  ? 570 VAL C O    1 
ATOM   342  C CB   . VAL A 1 22 ? -2.103  -1.780  -0.239  1.00 17.12  ? 570 VAL C CB   1 
ATOM   343  C CG1  . VAL A 1 22 ? -3.234  -0.852  -0.610  1.00 22.49  ? 570 VAL C CG1  1 
ATOM   344  C CG2  . VAL A 1 22 ? -1.281  -1.164  0.876   1.00 23.18  ? 570 VAL C CG2  1 
ATOM   345  H H    . VAL A 1 22 ? -0.810  -3.897  0.069   1.00 22.89  ? 570 VAL C H    1 
ATOM   346  H HA   . VAL A 1 22 ? -3.083  -3.056  1.062   1.00 25.27  ? 570 VAL C HA   1 
ATOM   347  H HB   . VAL A 1 22 ? -1.525  -1.888  -1.024  1.00 20.54  ? 570 VAL C HB   1 
ATOM   348  H HG11 . VAL A 1 22 ? -2.868  -0.003  -0.872  1.00 26.98  ? 570 VAL C HG11 1 
ATOM   349  H HG12 . VAL A 1 22 ? -3.727  -1.235  -1.339  1.00 26.98  ? 570 VAL C HG12 1 
ATOM   350  H HG13 . VAL A 1 22 ? -3.808  -0.739  0.152   1.00 26.98  ? 570 VAL C HG13 1 
ATOM   351  H HG21 . VAL A 1 22 ? -0.956  -0.307  0.588   1.00 27.82  ? 570 VAL C HG21 1 
ATOM   352  H HG22 . VAL A 1 22 ? -1.837  -1.059  1.653   1.00 27.82  ? 570 VAL C HG22 1 
ATOM   353  H HG23 . VAL A 1 22 ? -0.543  -1.743  1.078   1.00 27.82  ? 570 VAL C HG23 1 
ATOM   354  N N    . TRP A 1 23 ? -3.270  -4.233  -1.920  1.00 19.70  ? 571 TRP C N    1 
ATOM   355  C CA   . TRP A 1 23 ? -4.192  -4.824  -2.891  1.00 21.72  ? 571 TRP C CA   1 
ATOM   356  C C    . TRP A 1 23 ? -5.083  -5.854  -2.212  1.00 21.62  ? 571 TRP C C    1 
ATOM   357  O O    . TRP A 1 23 ? -6.311  -5.863  -2.404  1.00 19.79  ? 571 TRP C O    1 
ATOM   358  C CB   . TRP A 1 23 ? -3.445  -5.496  -4.050  1.00 25.92  ? 571 TRP C CB   1 
ATOM   359  C CG   . TRP A 1 23 ? -4.377  -6.236  -5.005  1.00 25.80  ? 571 TRP C CG   1 
ATOM   360  C CD1  . TRP A 1 23 ? -5.051  -5.701  -6.072  1.00 34.14  ? 571 TRP C CD1  1 
ATOM   361  C CD2  . TRP A 1 23 ? -4.744  -7.628  -4.963  1.00 27.08  ? 571 TRP C CD2  1 
ATOM   362  N NE1  . TRP A 1 23 ? -5.812  -6.670  -6.691  1.00 26.91  ? 571 TRP C NE1  1 
ATOM   363  C CE2  . TRP A 1 23 ? -5.643  -7.859  -6.034  1.00 27.26  ? 571 TRP C CE2  1 
ATOM   364  C CE3  . TRP A 1 23 ? -4.409  -8.699  -4.127  1.00 23.58  ? 571 TRP C CE3  1 
ATOM   365  C CZ2  . TRP A 1 23 ? -6.200  -9.113  -6.289  1.00 25.87  ? 571 TRP C CZ2  1 
ATOM   366  C CZ3  . TRP A 1 23 ? -4.971  -9.950  -4.387  1.00 30.87  ? 571 TRP C CZ3  1 
ATOM   367  C CH2  . TRP A 1 23 ? -5.850  -10.139 -5.458  1.00 30.77  ? 571 TRP C CH2  1 
ATOM   368  H H    . TRP A 1 23 ? -2.442  -4.295  -2.142  1.00 23.64  ? 571 TRP C H    1 
ATOM   369  H HA   . TRP A 1 23 ? -4.764  -4.120  -3.262  1.00 26.07  ? 571 TRP C HA   1 
ATOM   370  H HB2  . TRP A 1 23 ? -2.973  -4.818  -4.557  1.00 31.11  ? 571 TRP C HB2  1 
ATOM   371  H HB3  . TRP A 1 23 ? -2.815  -6.138  -3.689  1.00 31.11  ? 571 TRP C HB3  1 
ATOM   372  H HD1  . TRP A 1 23 ? -5.005  -4.811  -6.337  1.00 40.97  ? 571 TRP C HD1  1 
ATOM   373  H HE1  . TRP A 1 23 ? -6.308  -6.548  -7.383  1.00 32.29  ? 571 TRP C HE1  1 
ATOM   374  H HE3  . TRP A 1 23 ? -3.826  -8.579  -3.413  1.00 28.30  ? 571 TRP C HE3  1 
ATOM   375  H HZ2  . TRP A 1 23 ? -6.784  -9.245  -7.000  1.00 31.05  ? 571 TRP C HZ2  1 
ATOM   376  H HZ3  . TRP A 1 23 ? -4.755  -10.671 -3.841  1.00 37.05  ? 571 TRP C HZ3  1 
ATOM   377  H HH2  . TRP A 1 23 ? -6.207  -10.985 -5.608  1.00 36.93  ? 571 TRP C HH2  1 
ATOM   378  N N    . GLY A 1 24 ? -4.465  -6.721  -1.418  1.00 19.69  ? 572 GLY C N    1 
ATOM   379  C CA   . GLY A 1 24 ? -5.183  -7.807  -0.758  1.00 20.32  ? 572 GLY C CA   1 
ATOM   380  C C    . GLY A 1 24 ? -6.228  -7.291  0.209   1.00 18.49  ? 572 GLY C C    1 
ATOM   381  O O    . GLY A 1 24 ? -7.383  -7.752  0.228   1.00 18.02  ? 572 GLY C O    1 
ATOM   382  H H    . GLY A 1 24 ? -3.624  -6.703  -1.242  1.00 23.62  ? 572 GLY C H    1 
ATOM   383  H HA2  . GLY A 1 24 ? -5.624  -8.356  -1.425  1.00 24.39  ? 572 GLY C HA2  1 
ATOM   384  H HA3  . GLY A 1 24 ? -4.556  -8.360  -0.268  1.00 24.39  ? 572 GLY C HA3  1 
ATOM   385  N N    . ILE A 1 25 ? -5.824  -6.325  1.025   1.00 16.44  ? 573 ILE C N    1 
ATOM   386  C CA   . ILE A 1 25 ? -6.709  -5.755  2.029   1.00 17.07  ? 573 ILE C CA   1 
ATOM   387  C C    . ILE A 1 25 ? -7.910  -5.084  1.363   1.00 19.26  ? 573 ILE C C    1 
ATOM   388  O O    . ILE A 1 25 ? -9.043  -5.205  1.838   1.00 17.63  ? 573 ILE C O    1 
ATOM   389  C CB   . ILE A 1 25 ? -5.948  -4.764  2.931   1.00 17.69  ? 573 ILE C CB   1 
ATOM   390  C CG1  . ILE A 1 25 ? -4.947  -5.538  3.820   1.00 18.02  ? 573 ILE C CG1  1 
ATOM   391  C CG2  . ILE A 1 25 ? -6.921  -3.959  3.773   1.00 18.78  ? 573 ILE C CG2  1 
ATOM   392  C CD1  . ILE A 1 25 ? -3.991  -4.662  4.580   1.00 17.26  ? 573 ILE C CD1  1 
ATOM   393  H H    . ILE A 1 25 ? -5.036  -5.982  1.018   1.00 19.73  ? 573 ILE C H    1 
ATOM   394  H HA   . ILE A 1 25 ? -7.048  -6.479  2.598   1.00 20.48  ? 573 ILE C HA   1 
ATOM   395  H HB   . ILE A 1 25 ? -5.451  -4.152  2.366   1.00 21.22  ? 573 ILE C HB   1 
ATOM   396  H HG12 . ILE A 1 25 ? -5.445  -6.061  4.467   1.00 21.62  ? 573 ILE C HG12 1 
ATOM   397  H HG13 . ILE A 1 25 ? -4.422  -6.128  3.256   1.00 21.62  ? 573 ILE C HG13 1 
ATOM   398  H HG21 . ILE A 1 25 ? -6.426  -3.349  4.325   1.00 22.54  ? 573 ILE C HG21 1 
ATOM   399  H HG22 . ILE A 1 25 ? -7.508  -3.471  3.191   1.00 22.54  ? 573 ILE C HG22 1 
ATOM   400  H HG23 . ILE A 1 25 ? -7.430  -4.560  4.322   1.00 22.54  ? 573 ILE C HG23 1 
ATOM   401  H HD11 . ILE A 1 25 ? -3.407  -5.216  5.103   1.00 20.72  ? 573 ILE C HD11 1 
ATOM   402  H HD12 . ILE A 1 25 ? -3.478  -4.144  3.955   1.00 20.72  ? 573 ILE C HD12 1 
ATOM   403  H HD13 . ILE A 1 25 ? -4.491  -4.079  5.155   1.00 20.72  ? 573 ILE C HD13 1 
ATOM   404  N N    . LYS A 1 26 ? -7.669  -4.375  0.264   1.00 16.77  ? 574 LYS C N    1 
ATOM   405  C CA   . LYS A 1 26 ? -8.763  -3.717  -0.468  1.00 17.80  ? 574 LYS C CA   1 
ATOM   406  C C    . LYS A 1 26 ? -9.767  -4.730  -1.037  1.00 19.47  ? 574 LYS C C    1 
ATOM   407  O O    . LYS A 1 26 ? -10.987 -4.521  -0.960  1.00 19.07  ? 574 LYS C O    1 
ATOM   408  C CB   . LYS A 1 26 ? -8.202  -2.833  -1.589  1.00 22.82  ? 574 LYS C CB   1 
ATOM   409  C CG   . LYS A 1 26 ? -7.491  -1.588  -1.077  1.00 21.22  ? 574 LYS C CG   1 
ATOM   410  C CD   . LYS A 1 26 ? -6.997  -0.710  -2.211  1.00 33.20  ? 574 LYS C CD   1 
ATOM   411  C CE   . LYS A 1 26 ? -6.361  0.557   -1.670  1.00 50.77  ? 574 LYS C CE   1 
ATOM   412  N NZ   . LYS A 1 26 ? -5.745  1.401   -2.745  1.00 56.00  ? 574 LYS C NZ   1 
ATOM   413  H H    . LYS A 1 26 ? -6.891  -4.256  -0.081  1.00 20.12  ? 574 LYS C H    1 
ATOM   414  H HA   . LYS A 1 26 ? -9.249  -3.135  0.153   1.00 21.35  ? 574 LYS C HA   1 
ATOM   415  H HB2  . LYS A 1 26 ? -7.563  -3.349  -2.105  1.00 27.38  ? 574 LYS C HB2  1 
ATOM   416  H HB3  . LYS A 1 26 ? -8.932  -2.546  -2.158  1.00 27.38  ? 574 LYS C HB3  1 
ATOM   417  H HG2  . LYS A 1 26 ? -8.108  -1.068  -0.539  1.00 25.47  ? 574 LYS C HG2  1 
ATOM   418  H HG3  . LYS A 1 26 ? -6.725  -1.855  -0.544  1.00 25.47  ? 574 LYS C HG3  1 
ATOM   419  H HD2  . LYS A 1 26 ? -6.331  -1.192  -2.726  1.00 39.84  ? 574 LYS C HD2  1 
ATOM   420  H HD3  . LYS A 1 26 ? -7.745  -0.461  -2.776  1.00 39.84  ? 574 LYS C HD3  1 
ATOM   421  H HE2  . LYS A 1 26 ? -7.041  1.087   -1.226  1.00 60.93  ? 574 LYS C HE2  1 
ATOM   422  H HE3  . LYS A 1 26 ? -5.663  0.317   -1.041  1.00 60.93  ? 574 LYS C HE3  1 
ATOM   423  H HZ1  . LYS A 1 26 ? -5.383  2.132   -2.388  1.00 67.21  ? 574 LYS C HZ1  1 
ATOM   424  H HZ2  . LYS A 1 26 ? -5.109  0.941   -3.166  1.00 67.21  ? 574 LYS C HZ2  1 
ATOM   425  H HZ3  . LYS A 1 26 ? -6.366  1.644   -3.335  1.00 67.21  ? 574 LYS C HZ3  1 
ATOM   426  N N    . GLN A 1 27 ? -9.246  -5.821  -1.593  1.00 18.95  ? 575 GLN C N    1 
ATOM   427  C CA   . GLN A 1 27 ? -10.068 -6.917  -2.117  1.00 20.66  ? 575 GLN C CA   1 
ATOM   428  C C    . GLN A 1 27 ? -10.961 -7.486  -1.022  1.00 16.77  ? 575 GLN C C    1 
ATOM   429  O O    . GLN A 1 27 ? -12.170 -7.656  -1.213  1.00 21.23  ? 575 GLN C O    1 
ATOM   430  C CB   . GLN A 1 27 ? -9.178  -8.045  -2.627  1.00 22.65  ? 575 GLN C CB   1 
ATOM   431  C CG   . GLN A 1 27 ? -8.435  -7.723  -3.894  1.00 37.14  ? 575 GLN C CG   1 
ATOM   432  C CD   . GLN A 1 27 ? -9.292  -7.911  -5.125  1.00 51.51  ? 575 GLN C CD   1 
ATOM   433  O OE1  . GLN A 1 27 ? -10.057 -8.888  -5.228  1.00 37.26  ? 575 GLN C OE1  1 
ATOM   434  N NE2  . GLN A 1 27 ? -9.176  -6.977  -6.071  1.00 31.81  ? 575 GLN C NE2  1 
ATOM   435  H H    . GLN A 1 27 ? -8.401  -5.954  -1.682  1.00 22.74  ? 575 GLN C H    1 
ATOM   436  H HA   . GLN A 1 27 ? -10.630 -6.594  -2.853  1.00 24.79  ? 575 GLN C HA   1 
ATOM   437  H HB2  . GLN A 1 27 ? -8.521  -8.254  -1.946  1.00 27.19  ? 575 GLN C HB2  1 
ATOM   438  H HB3  . GLN A 1 27 ? -9.731  -8.823  -2.800  1.00 27.19  ? 575 GLN C HB3  1 
ATOM   439  H HG2  . GLN A 1 27 ? -8.146  -6.797  -3.866  1.00 44.57  ? 575 GLN C HG2  1 
ATOM   440  H HG3  . GLN A 1 27 ? -7.666  -8.310  -3.969  1.00 44.57  ? 575 GLN C HG3  1 
ATOM   441  H HE21 . GLN A 1 27 ? -8.636  -6.316  -5.960  1.00 38.17  ? 575 GLN C HE21 1 
ATOM   442  H HE22 . GLN A 1 27 ? -9.640  -7.035  -6.793  1.00 38.17  ? 575 GLN C HE22 1 
ATOM   443  N N    . LEU A 1 28 ? -10.348 -7.787  0.121   1.00 16.81  ? 576 LEU C N    1 
ATOM   444  C CA   . LEU A 1 28 ? -11.056 -8.352  1.269   1.00 16.16  ? 576 LEU C CA   1 
ATOM   445  C C    . LEU A 1 28 ? -12.112 -7.411  1.825   1.00 15.84  ? 576 LEU C C    1 
ATOM   446  O O    . LEU A 1 28 ? -13.208 -7.845  2.186   1.00 16.85  ? 576 LEU C O    1 
ATOM   447  C CB   . LEU A 1 28 ? -10.071 -8.725  2.375   1.00 19.50  ? 576 LEU C CB   1 
ATOM   448  C CG   . LEU A 1 28 ? -9.101  -9.844  1.988   1.00 21.40  ? 576 LEU C CG   1 
ATOM   449  C CD1  . LEU A 1 28 ? -8.279  -10.252 3.192   1.00 19.10  ? 576 LEU C CD1  1 
ATOM   450  C CD2  . LEU A 1 28 ? -9.819  -11.052 1.361   1.00 23.25  ? 576 LEU C CD2  1 
ATOM   451  H H    . LEU A 1 28 ? -9.507  -7.671  0.258   1.00 20.18  ? 576 LEU C H    1 
ATOM   452  H HA   . LEU A 1 28 ? -11.510 -9.174  0.985   1.00 19.40  ? 576 LEU C HA   1 
ATOM   453  H HB2  . LEU A 1 28 ? -9.544  -7.942  2.601   1.00 23.39  ? 576 LEU C HB2  1 
ATOM   454  H HB3  . LEU A 1 28 ? -10.570 -9.021  3.152   1.00 23.39  ? 576 LEU C HB3  1 
ATOM   455  H HG   . LEU A 1 28 ? -8.486  -9.497  1.324   1.00 25.68  ? 576 LEU C HG   1 
ATOM   456  H HD11 . LEU A 1 28 ? -7.676  -10.954 2.935   1.00 22.92  ? 576 LEU C HD11 1 
ATOM   457  H HD12 . LEU A 1 28 ? -7.783  -9.492  3.503   1.00 22.92  ? 576 LEU C HD12 1 
ATOM   458  H HD13 . LEU A 1 28 ? -8.869  -10.564 3.882   1.00 22.92  ? 576 LEU C HD13 1 
ATOM   459  H HD21 . LEU A 1 28 ? -9.167  -11.721 1.139   1.00 27.90  ? 576 LEU C HD21 1 
ATOM   460  H HD22 . LEU A 1 28 ? -10.447 -11.404 1.995   1.00 27.90  ? 576 LEU C HD22 1 
ATOM   461  H HD23 . LEU A 1 28 ? -10.277 -10.764 0.568   1.00 27.90  ? 576 LEU C HD23 1 
ATOM   462  N N    . GLN A 1 29 ? -11.785 -6.123  1.906   1.00 15.48  ? 577 GLN C N    1 
ATOM   463  C CA   . GLN A 1 29 ? -12.733 -5.136  2.396   1.00 18.10  ? 577 GLN C CA   1 
ATOM   464  C C    . GLN A 1 29 ? -13.982 -5.102  1.507   1.00 19.60  ? 577 GLN C C    1 
ATOM   465  O O    . GLN A 1 29 ? -15.097 -5.018  2.004   1.00 17.97  ? 577 GLN C O    1 
ATOM   466  C CB   . GLN A 1 29 ? -12.085 -3.750  2.462   1.00 17.13  ? 577 GLN C CB   1 
ATOM   467  C CG   . GLN A 1 29 ? -12.828 -2.770  3.357   1.00 24.03  ? 577 GLN C CG   1 
ATOM   468  C CD   . GLN A 1 29 ? -14.102 -2.248  2.717   1.00 27.52  ? 577 GLN C CD   1 
ATOM   469  O OE1  . GLN A 1 29 ? -14.160 -2.057  1.506   1.00 32.35  ? 577 GLN C OE1  1 
ATOM   470  N NE2  . GLN A 1 29 ? -15.130 -2.025  3.524   1.00 22.57  ? 577 GLN C NE2  1 
ATOM   471  H H    . GLN A 1 29 ? -11.021 -5.799  1.682   1.00 18.57  ? 577 GLN C H    1 
ATOM   472  H HA   . GLN A 1 29 ? -13.012 -5.383  3.303   1.00 21.72  ? 577 GLN C HA   1 
ATOM   473  H HB2  . GLN A 1 29 ? -11.183 -3.842  2.808   1.00 20.56  ? 577 GLN C HB2  1 
ATOM   474  H HB3  . GLN A 1 29 ? -12.057 -3.375  1.569   1.00 20.56  ? 577 GLN C HB3  1 
ATOM   475  H HG2  . GLN A 1 29 ? -13.068 -3.216  4.184   1.00 28.84  ? 577 GLN C HG2  1 
ATOM   476  H HG3  . GLN A 1 29 ? -12.252 -2.011  3.542   1.00 28.84  ? 577 GLN C HG3  1 
ATOM   477  H HE21 . GLN A 1 29 ? -15.055 -2.175  4.367   1.00 27.08  ? 577 GLN C HE21 1 
ATOM   478  H HE22 . GLN A 1 29 ? -15.871 -1.729  3.204   1.00 27.08  ? 577 GLN C HE22 1 
ATOM   479  N N    . ALA A 1 30 ? -13.787 -5.138  0.195   1.00 17.17  ? 578 ALA C N    1 
ATOM   480  C CA   . ALA A 1 30 ? -14.916 -5.116  -0.737  1.00 21.97  ? 578 ALA C CA   1 
ATOM   481  C C    . ALA A 1 30 ? -15.775 -6.372  -0.578  1.00 19.84  ? 578 ALA C C    1 
ATOM   482  O O    . ALA A 1 30 ? -17.010 -6.316  -0.608  1.00 19.55  ? 578 ALA C O    1 
ATOM   483  C CB   . ALA A 1 30 ? -14.413 -4.992  -2.155  1.00 21.14  ? 578 ALA C CB   1 
ATOM   484  H H    . ALA A 1 30 ? -13.016 -5.177  -0.183  1.00 20.60  ? 578 ALA C H    1 
ATOM   485  H HA   . ALA A 1 30 ? -15.477 -4.336  -0.543  1.00 26.36  ? 578 ALA C HA   1 
ATOM   486  H HB1  . ALA A 1 30 ? -15.165 -4.979  -2.752  1.00 25.37  ? 578 ALA C HB1  1 
ATOM   487  H HB2  . ALA A 1 30 ? -13.913 -4.178  -2.239  1.00 25.37  ? 578 ALA C HB2  1 
ATOM   488  H HB3  . ALA A 1 30 ? -13.851 -5.744  -2.352  1.00 25.37  ? 578 ALA C HB3  1 
ATOM   489  N N    . ARG A 1 31 ? -15.110 -7.504  -0.391  1.00 17.72  ? 579 ARG C N    1 
ATOM   490  C CA   . ARG A 1 31 ? -15.799 -8.785  -0.277  1.00 17.39  ? 579 ARG C CA   1 
ATOM   491  C C    . ARG A 1 31 ? -16.573 -8.912  1.036   1.00 16.93  ? 579 ARG C C    1 
ATOM   492  O O    . ARG A 1 31 ? -17.700 -9.391  1.035   1.00 15.99  ? 579 ARG C O    1 
ATOM   493  C CB   . ARG A 1 31 ? -14.811 -9.932  -0.466  1.00 19.70  ? 579 ARG C CB   1 
ATOM   494  C CG   . ARG A 1 31 ? -14.395 -10.076 -1.923  1.00 20.54  ? 579 ARG C CG   1 
ATOM   495  C CD   . ARG A 1 31 ? -13.223 -10.988 -2.070  1.00 23.92  ? 579 ARG C CD   1 
ATOM   496  N NE   . ARG A 1 31 ? -13.507 -12.368 -1.672  1.00 19.53  ? 579 ARG C NE   1 
ATOM   497  C CZ   . ARG A 1 31 ? -12.556 -13.290 -1.594  1.00 22.27  ? 579 ARG C CZ   1 
ATOM   498  N NH1  . ARG A 1 31 ? -11.298 -12.929 -1.857  1.00 19.14  ? 579 ARG C NH1  1 
ATOM   499  N NH2  . ARG A 1 31 ? -12.849 -14.535 -1.230  1.00 17.06  ? 579 ARG C NH2  1 
ATOM   500  H H    . ARG A 1 31 ? -14.254 -7.559  -0.326  1.00 21.27  ? 579 ARG C H    1 
ATOM   501  H HA   . ARG A 1 31 ? -16.454 -8.845  -1.004  1.00 20.86  ? 579 ARG C HA   1 
ATOM   502  H HB2  . ARG A 1 31 ? -14.016 -9.759  0.061   1.00 23.64  ? 579 ARG C HB2  1 
ATOM   503  H HB3  . ARG A 1 31 ? -15.226 -10.762 -0.185  1.00 23.64  ? 579 ARG C HB3  1 
ATOM   504  H HG2  . ARG A 1 31 ? -15.134 -10.446 -2.431  1.00 24.65  ? 579 ARG C HG2  1 
ATOM   505  H HG3  . ARG A 1 31 ? -14.148 -9.206  -2.272  1.00 24.65  ? 579 ARG C HG3  1 
ATOM   506  H HD2  . ARG A 1 31 ? -12.948 -10.998 -3.000  1.00 28.70  ? 579 ARG C HD2  1 
ATOM   507  H HD3  . ARG A 1 31 ? -12.499 -10.661 -1.514  1.00 28.70  ? 579 ARG C HD3  1 
ATOM   508  H HE   . ARG A 1 31 ? -14.325 -12.635 -1.697  1.00 23.43  ? 579 ARG C HE   1 
ATOM   509  H HH11 . ARG A 1 31 ? -11.123 -12.120 -2.090  1.00 22.96  ? 579 ARG C HH11 1 
ATOM   510  H HH12 . ARG A 1 31 ? -10.665 -13.509 -1.808  1.00 22.96  ? 579 ARG C HH12 1 
ATOM   511  H HH21 . ARG A 1 31 ? -13.663 -14.752 -1.057  1.00 20.48  ? 579 ARG C HH21 1 
ATOM   512  H HH22 . ARG A 1 31 ? -12.226 -15.124 -1.173  1.00 20.48  ? 579 ARG C HH22 1 
ATOM   513  N N    . ILE A 1 32 ? -15.994 -8.483  2.156   1.00 14.78  ? 580 ILE C N    1 
ATOM   514  C CA   A ILE A 1 32 ? -16.688 -8.510  3.434   0.42 16.39  ? 580 ILE C CA   1 
ATOM   515  C CA   B ILE A 1 32 ? -16.717 -8.555  3.417   0.58 16.39  ? 580 ILE C CA   1 
ATOM   516  C C    . ILE A 1 32 ? -17.880 -7.564  3.402   1.00 18.53  ? 580 ILE C C    1 
ATOM   517  O O    . ILE A 1 32 ? -18.946 -7.885  3.893   1.00 15.49  ? 580 ILE C O    1 
ATOM   518  C CB   A ILE A 1 32 ? -15.753 -8.103  4.583   0.42 19.17  ? 580 ILE C CB   1 
ATOM   519  C CB   B ILE A 1 32 ? -15.815 -8.352  4.671   0.58 19.04  ? 580 ILE C CB   1 
ATOM   520  C CG1  A ILE A 1 32 ? -14.718 -9.193  4.834   0.42 14.20  ? 580 ILE C CG1  1 
ATOM   521  C CG1  B ILE A 1 32 ? -16.605 -8.608  5.965   0.58 22.04  ? 580 ILE C CG1  1 
ATOM   522  C CG2  A ILE A 1 32 ? -16.538 -7.855  5.861   0.42 21.72  ? 580 ILE C CG2  1 
ATOM   523  C CG2  B ILE A 1 32 ? -15.248 -6.949  4.723   0.58 21.43  ? 580 ILE C CG2  1 
ATOM   524  C CD1  A ILE A 1 32 ? -13.550 -8.697  5.626   0.42 20.68  ? 580 ILE C CD1  1 
ATOM   525  C CD1  B ILE A 1 32 ? -17.192 -9.998  6.091   0.58 23.29  ? 580 ILE C CD1  1 
ATOM   526  H H    A ILE A 1 32 ? -15.195 -8.169  2.197   0.42 17.74  ? 580 ILE C H    1 
ATOM   527  H H    B ILE A 1 32 ? -15.202 -8.153  2.209   0.58 17.74  ? 580 ILE C H    1 
ATOM   528  H HA   A ILE A 1 32 ? -17.015 -9.418  3.607   0.42 19.67  ? 580 ILE C HA   1 
ATOM   529  H HA   B ILE A 1 32 ? -17.106 -9.451  3.490   0.58 19.67  ? 580 ILE C HA   1 
ATOM   530  H HB   A ILE A 1 32 ? -15.292 -7.286  4.335   0.42 23.00  ? 580 ILE C HB   1 
ATOM   531  H HB   B ILE A 1 32 ? -15.079 -8.983  4.629   0.58 22.85  ? 580 ILE C HB   1 
ATOM   532  H HG12 A ILE A 1 32 ? -15.133 -9.916  5.329   0.42 17.04  ? 580 ILE C HG12 1 
ATOM   533  H HG12 B ILE A 1 32 ? -16.013 -8.470  6.721   0.58 26.45  ? 580 ILE C HG12 1 
ATOM   534  H HG13 A ILE A 1 32 ? -14.388 -9.519  3.982   0.42 17.04  ? 580 ILE C HG13 1 
ATOM   535  H HG13 B ILE A 1 32 ? -17.340 -7.976  6.008   0.58 26.45  ? 580 ILE C HG13 1 
ATOM   536  H HG21 A ILE A 1 32 ? -15.927 -7.603  6.559   0.42 26.06  ? 580 ILE C HG21 1 
ATOM   537  H HG21 B ILE A 1 32 ? -14.700 -6.863  5.507   0.58 25.72  ? 580 ILE C HG21 1 
ATOM   538  H HG22 A ILE A 1 32 ? -17.169 -7.148  5.708   0.42 26.06  ? 580 ILE C HG22 1 
ATOM   539  H HG22 B ILE A 1 32 ? -14.722 -6.797  3.935   0.58 25.72  ? 580 ILE C HG22 1 
ATOM   540  H HG23 A ILE A 1 32 ? -17.000 -8.660  6.105   0.42 26.06  ? 580 ILE C HG23 1 
ATOM   541  H HG23 B ILE A 1 32 ? -15.974 -6.321  4.760   0.58 25.72  ? 580 ILE C HG23 1 
ATOM   542  H HD11 A ILE A 1 32 ? -12.931 -9.420  5.755   0.42 24.81  ? 580 ILE C HD11 1 
ATOM   543  H HD11 B ILE A 1 32 ? -17.664 -10.063 6.925   0.58 27.95  ? 580 ILE C HD11 1 
ATOM   544  H HD12 A ILE A 1 32 ? -13.126 -7.984  5.142   0.42 24.81  ? 580 ILE C HD12 1 
ATOM   545  H HD12 B ILE A 1 32 ? -17.795 -10.150 5.360   0.58 27.95  ? 580 ILE C HD12 1 
ATOM   546  H HD13 A ILE A 1 32 ? -13.863 -8.377  6.475   0.42 24.81  ? 580 ILE C HD13 1 
ATOM   547  H HD13 B ILE A 1 32 ? -16.479 -10.641 6.068   0.58 27.95  ? 580 ILE C HD13 1 
ATOM   548  N N    . LEU A 1 33 ? -17.677 -6.384  2.811   1.00 16.44  ? 581 LEU C N    1 
ATOM   549  C CA   . LEU A 1 33 ? -18.735 -5.392  2.710   1.00 16.90  ? 581 LEU C CA   1 
ATOM   550  C C    . LEU A 1 33 ? -19.915 -5.946  1.897   1.00 18.41  ? 581 LEU C C    1 
ATOM   551  O O    . LEU A 1 33 ? -21.070 -5.750  2.262   1.00 19.36  ? 581 LEU C O    1 
ATOM   552  C CB   . LEU A 1 33 ? -18.204 -4.097  2.073   1.00 22.85  ? 581 LEU C CB   1 
ATOM   553  C CG   . LEU A 1 33 ? -19.235 -2.974  1.908   1.00 19.98  ? 581 LEU C CG   1 
ATOM   554  C CD1  . LEU A 1 33 ? -19.762 -2.552  3.259   1.00 24.82  ? 581 LEU C CD1  1 
ATOM   555  C CD2  . LEU A 1 33 ? -18.626 -1.787  1.147   1.00 15.89  ? 581 LEU C CD2  1 
ATOM   556  H H    . LEU A 1 33 ? -16.930 -6.138  2.462   1.00 19.73  ? 581 LEU C H    1 
ATOM   557  H HA   . LEU A 1 33 ? -19.060 -5.177  3.609   1.00 20.28  ? 581 LEU C HA   1 
ATOM   558  H HB2  . LEU A 1 33 ? -17.486 -3.754  2.629   1.00 27.42  ? 581 LEU C HB2  1 
ATOM   559  H HB3  . LEU A 1 33 ? -17.858 -4.307  1.192   1.00 27.42  ? 581 LEU C HB3  1 
ATOM   560  H HG   . LEU A 1 33 ? -19.983 -3.309  1.388   1.00 23.97  ? 581 LEU C HG   1 
ATOM   561  H HD11 . LEU A 1 33 ? -20.405 -1.850  3.138   1.00 29.79  ? 581 LEU C HD11 1 
ATOM   562  H HD12 . LEU A 1 33 ? -20.177 -3.308  3.683   1.00 29.79  ? 581 LEU C HD12 1 
ATOM   563  H HD13 . LEU A 1 33 ? -19.030 -2.238  3.795   1.00 29.79  ? 581 LEU C HD13 1 
ATOM   564  H HD21 . LEU A 1 33 ? -19.290 -1.100  1.057   1.00 19.06  ? 581 LEU C HD21 1 
ATOM   565  H HD22 . LEU A 1 33 ? -17.874 -1.452  1.640   1.00 19.06  ? 581 LEU C HD22 1 
ATOM   566  H HD23 . LEU A 1 33 ? -18.343 -2.084  0.279   1.00 19.06  ? 581 LEU C HD23 1 
ATOM   567  N N    . ALA A 1 34 ? -19.616 -6.631  0.801   1.00 16.02  ? 582 ALA C N    1 
ATOM   568  C CA   . ALA A 1 34 ? -20.649 -7.241  -0.039  1.00 21.13  ? 582 ALA C CA   1 
ATOM   569  C C    . ALA A 1 34 ? -21.447 -8.292  0.740   1.00 20.24  ? 582 ALA C C    1 
ATOM   570  O O    . ALA A 1 34 ? -22.677 -8.362  0.614   1.00 18.35  ? 582 ALA C O    1 
ATOM   571  C CB   . ALA A 1 34 ? -20.038 -7.855  -1.273  1.00 18.68  ? 582 ALA C CB   1 
ATOM   572  H H    . ALA A 1 34 ? -18.814 -6.761  0.516   1.00 19.22  ? 582 ALA C H    1 
ATOM   573  H HA   . ALA A 1 34 ? -21.273 -6.543  -0.329  1.00 25.36  ? 582 ALA C HA   1 
ATOM   574  H HB1  . ALA A 1 34 ? -20.734 -8.247  -1.805  1.00 22.42  ? 582 ALA C HB1  1 
ATOM   575  H HB2  . ALA A 1 34 ? -19.589 -7.169  -1.774  1.00 22.42  ? 582 ALA C HB2  1 
ATOM   576  H HB3  . ALA A 1 34 ? -19.409 -8.531  -1.008  1.00 22.42  ? 582 ALA C HB3  1 
ATOM   577  N N    . VAL A 1 35 ? -20.744 -9.117  1.515   1.00 18.02  ? 583 VAL C N    1 
ATOM   578  C CA   . VAL A 1 35 ? -21.388 -10.110 2.383   1.00 16.30  ? 583 VAL C CA   1 
ATOM   579  C C    . VAL A 1 35 ? -22.280 -9.445  3.443   1.00 18.88  ? 583 VAL C C    1 
ATOM   580  O O    . VAL A 1 35 ? -23.417 -9.879  3.671   1.00 16.67  ? 583 VAL C O    1 
ATOM   581  C CB   . VAL A 1 35 ? -20.347 -11.043 3.068   1.00 18.93  ? 583 VAL C CB   1 
ATOM   582  C CG1  . VAL A 1 35 ? -20.988 -11.810 4.229   1.00 18.48  ? 583 VAL C CG1  1 
ATOM   583  C CG2  . VAL A 1 35 ? -19.766 -12.017 2.049   1.00 18.62  ? 583 VAL C CG2  1 
ATOM   584  H H    . VAL A 1 35 ? -19.885 -9.124  1.558   1.00 21.62  ? 583 VAL C H    1 
ATOM   585  H HA   . VAL A 1 35 ? -21.966 -10.675 1.828   1.00 19.57  ? 583 VAL C HA   1 
ATOM   586  H HB   . VAL A 1 35 ? -19.613 -10.500 3.426   1.00 22.72  ? 583 VAL C HB   1 
ATOM   587  H HG11 . VAL A 1 35 ? -20.326 -12.376 4.633   1.00 22.17  ? 583 VAL C HG11 1 
ATOM   588  H HG12 . VAL A 1 35 ? -21.317 -11.180 4.875   1.00 22.17  ? 583 VAL C HG12 1 
ATOM   589  H HG13 . VAL A 1 35 ? -21.711 -12.342 3.890   1.00 22.17  ? 583 VAL C HG13 1 
ATOM   590  H HG21 . VAL A 1 35 ? -19.127 -12.583 2.488   1.00 22.35  ? 583 VAL C HG21 1 
ATOM   591  H HG22 . VAL A 1 35 ? -20.478 -12.549 1.684   1.00 22.35  ? 583 VAL C HG22 1 
ATOM   592  H HG23 . VAL A 1 35 ? -19.337 -11.520 1.350   1.00 22.35  ? 583 VAL C HG23 1 
ATOM   593  N N    . GLU A 1 36 ? -21.780 -8.390  4.086   1.00 16.39  ? 584 GLU C N    1 
ATOM   594  C CA   . GLU A 1 36 ? -22.539 -7.671  5.114   1.00 18.29  ? 584 GLU C CA   1 
ATOM   595  C C    . GLU A 1 36 ? -23.831 -7.109  4.534   1.00 21.52  ? 584 GLU C C    1 
ATOM   596  O O    . GLU A 1 36 ? -24.896 -7.209  5.148   1.00 20.39  ? 584 GLU C O    1 
ATOM   597  C CB   . GLU A 1 36 ? -21.694 -6.527  5.703   1.00 19.32  ? 584 GLU C CB   1 
ATOM   598  C CG   . GLU A 1 36 ? -20.581 -7.006  6.641   1.00 13.93  ? 584 GLU C CG   1 
ATOM   599  C CD   . GLU A 1 36 ? -19.514 -5.953  6.900   1.00 20.40  ? 584 GLU C CD   1 
ATOM   600  O OE1  . GLU A 1 36 ? -19.435 -4.988  6.109   1.00 19.51  ? 584 GLU C OE1  1 
ATOM   601  O OE2  . GLU A 1 36 ? -18.743 -6.117  7.876   1.00 19.52  ? 584 GLU C OE2  1 
ATOM   602  H H    . GLU A 1 36 ? -20.997 -8.067  3.944   1.00 19.67  ? 584 GLU C H    1 
ATOM   603  H HA   . GLU A 1 36 ? -22.769 -8.288  5.839   1.00 21.95  ? 584 GLU C HA   1 
ATOM   604  H HB2  . GLU A 1 36 ? -21.278 -6.037  4.975   1.00 23.19  ? 584 GLU C HB2  1 
ATOM   605  H HB3  . GLU A 1 36 ? -22.274 -5.936  6.207   1.00 23.19  ? 584 GLU C HB3  1 
ATOM   606  H HG2  . GLU A 1 36 ? -20.973 -7.249  7.495   1.00 16.71  ? 584 GLU C HG2  1 
ATOM   607  H HG3  . GLU A 1 36 ? -20.147 -7.778  6.245   1.00 16.71  ? 584 GLU C HG3  1 
ATOM   608  N N    . ARG A 1 37 ? -23.728 -6.511  3.353   1.00 17.26  ? 585 ARG C N    1 
ATOM   609  C CA   . ARG A 1 37 ? -24.887 -5.946  2.659   1.00 19.26  ? 585 ARG C CA   1 
ATOM   610  C C    . ARG A 1 37 ? -25.862 -7.022  2.218   1.00 18.99  ? 585 ARG C C    1 
ATOM   611  O O    . ARG A 1 37 ? -27.079 -6.852  2.321   1.00 20.60  ? 585 ARG C O    1 
ATOM   612  C CB   . ARG A 1 37 ? -24.433 -5.155  1.439   1.00 19.02  ? 585 ARG C CB   1 
ATOM   613  C CG   . ARG A 1 37 ? -23.918 -3.777  1.811   1.00 18.74  ? 585 ARG C CG   1 
ATOM   614  C CD   . ARG A 1 37 ? -23.059 -3.180  0.715   1.00 20.13  ? 585 ARG C CD   1 
ATOM   615  N NE   . ARG A 1 37 ? -22.693 -1.802  1.024   1.00 19.48  ? 585 ARG C NE   1 
ATOM   616  C CZ   . ARG A 1 37 ? -21.903 -1.036  0.279   1.00 21.35  ? 585 ARG C CZ   1 
ATOM   617  N NH1  . ARG A 1 37 ? -21.364 -1.507  -0.833  1.00 22.18  ? 585 ARG C NH1  1 
ATOM   618  N NH2  . ARG A 1 37 ? -21.654 0.217   0.662   1.00 24.79  ? 585 ARG C NH2  1 
ATOM   619  H H    . ARG A 1 37 ? -22.988 -6.417  2.925   1.00 20.71  ? 585 ARG C H    1 
ATOM   620  H HA   . ARG A 1 37 ? -25.358 -5.335  3.263   1.00 23.11  ? 585 ARG C HA   1 
ATOM   621  H HB2  . ARG A 1 37 ? -23.716 -5.635  0.996   1.00 22.83  ? 585 ARG C HB2  1 
ATOM   622  H HB3  . ARG A 1 37 ? -25.183 -5.043  0.835   1.00 22.83  ? 585 ARG C HB3  1 
ATOM   623  H HG2  . ARG A 1 37 ? -24.672 -3.185  1.962   1.00 22.49  ? 585 ARG C HG2  1 
ATOM   624  H HG3  . ARG A 1 37 ? -23.379 -3.844  2.615   1.00 22.49  ? 585 ARG C HG3  1 
ATOM   625  H HD2  . ARG A 1 37 ? -22.246 -3.700  0.626   1.00 24.15  ? 585 ARG C HD2  1 
ATOM   626  H HD3  . ARG A 1 37 ? -23.556 -3.184  -0.119  1.00 24.15  ? 585 ARG C HD3  1 
ATOM   627  H HE   . ARG A 1 37 ? -23.012 -1.458  1.745   1.00 23.37  ? 585 ARG C HE   1 
ATOM   628  H HH11 . ARG A 1 37 ? -21.528 -2.313  -1.083  1.00 26.61  ? 585 ARG C HH11 1 
ATOM   629  H HH12 . ARG A 1 37 ? -20.851 -1.006  -1.308  1.00 26.61  ? 585 ARG C HH12 1 
ATOM   630  H HH21 . ARG A 1 37 ? -22.002 0.522   1.387   1.00 29.75  ? 585 ARG C HH21 1 
ATOM   631  H HH22 . ARG A 1 37 ? -21.138 0.717   0.189   1.00 29.75  ? 585 ARG C HH22 1 
ATOM   632  N N    . TYR A 1 38 ? -25.327 -8.121  1.707   1.00 18.27  ? 586 TYR C N    1 
ATOM   633  C CA   . TYR A 1 38 ? -26.160 -9.272  1.336   1.00 22.71  ? 586 TYR C CA   1 
ATOM   634  C C    . TYR A 1 38 ? -27.022 -9.741  2.511   1.00 24.52  ? 586 TYR C C    1 
ATOM   635  O O    . TYR A 1 38 ? -28.246 -9.943  2.384   1.00 20.63  ? 586 TYR C O    1 
ATOM   636  C CB   . TYR A 1 38 ? -25.278 -10.424 0.848   1.00 21.10  ? 586 TYR C CB   1 
ATOM   637  C CG   . TYR A 1 38 ? -26.055 -11.683 0.520   1.00 30.12  ? 586 TYR C CG   1 
ATOM   638  C CD1  . TYR A 1 38 ? -26.658 -11.846 -0.722  1.00 44.15  ? 586 TYR C CD1  1 
ATOM   639  C CD2  . TYR A 1 38 ? -26.188 -12.699 1.447   1.00 25.14  ? 586 TYR C CD2  1 
ATOM   640  C CE1  . TYR A 1 38 ? -27.372 -12.995 -1.025  1.00 48.72  ? 586 TYR C CE1  1 
ATOM   641  C CE2  . TYR A 1 38 ? -26.895 -13.847 1.157   1.00 35.57  ? 586 TYR C CE2  1 
ATOM   642  C CZ   . TYR A 1 38 ? -27.486 -13.993 -0.077  1.00 41.47  ? 586 TYR C CZ   1 
ATOM   643  O OH   . TYR A 1 38 ? -28.193 -15.143 -0.361  1.00 49.64  ? 586 TYR C OH   1 
ATOM   644  H H    . TYR A 1 38 ? -24.487 -8.232  1.563   1.00 21.92  ? 586 TYR C H    1 
ATOM   645  H HA   . TYR A 1 38 ? -26.757 -9.014  0.603   1.00 27.26  ? 586 TYR C HA   1 
ATOM   646  H HB2  . TYR A 1 38 ? -24.813 -10.144 0.044   1.00 25.32  ? 586 TYR C HB2  1 
ATOM   647  H HB3  . TYR A 1 38 ? -24.637 -10.643 1.541   1.00 25.32  ? 586 TYR C HB3  1 
ATOM   648  H HD1  . TYR A 1 38 ? -26.581 -11.173 -1.361  1.00 52.98  ? 586 TYR C HD1  1 
ATOM   649  H HD2  . TYR A 1 38 ? -25.792 -12.608 2.285   1.00 30.17  ? 586 TYR C HD2  1 
ATOM   650  H HE1  . TYR A 1 38 ? -27.771 -13.094 -1.860  1.00 58.47  ? 586 TYR C HE1  1 
ATOM   651  H HE2  . TYR A 1 38 ? -26.973 -14.521 1.793   1.00 42.68  ? 586 TYR C HE2  1 
ATOM   652  H HH   . TYR A 1 38 ? -28.817 -15.227 0.166   1.00 59.57  ? 586 TYR C HH   1 
ATOM   653  N N    . LEU A 1 39 ? -26.381 -9.934  3.656   1.00 19.45  ? 587 LEU C N    1 
ATOM   654  C CA   . LEU A 1 39 ? -27.078 -10.388 4.851   1.00 18.54  ? 587 LEU C CA   1 
ATOM   655  C C    . LEU A 1 39 ? -28.091 -9.360  5.329   1.00 27.20  ? 587 LEU C C    1 
ATOM   656  O O    . LEU A 1 39 ? -29.190 -9.722  5.761   1.00 22.74  ? 587 LEU C O    1 
ATOM   657  C CB   . LEU A 1 39 ? -26.088 -10.721 5.960   1.00 22.40  ? 587 LEU C CB   1 
ATOM   658  C CG   . LEU A 1 39 ? -25.212 -11.928 5.621   1.00 21.01  ? 587 LEU C CG   1 
ATOM   659  C CD1  . LEU A 1 39 ? -24.118 -12.073 6.657   1.00 20.56  ? 587 LEU C CD1  1 
ATOM   660  C CD2  . LEU A 1 39 ? -26.051 -13.191 5.527   1.00 18.80  ? 587 LEU C CD2  1 
ATOM   661  H H    . LEU A 1 39 ? -25.538 -9.809  3.767   1.00 23.34  ? 587 LEU C H    1 
ATOM   662  H HA   . LEU A 1 39 ? -27.568 -11.209 4.635   1.00 22.24  ? 587 LEU C HA   1 
ATOM   663  H HB2  . LEU A 1 39 ? -25.506 -9.959  6.103   1.00 26.88  ? 587 LEU C HB2  1 
ATOM   664  H HB3  . LEU A 1 39 ? -26.577 -10.924 6.772   1.00 26.88  ? 587 LEU C HB3  1 
ATOM   665  H HG   . LEU A 1 39 ? -24.791 -11.782 4.758   1.00 25.21  ? 587 LEU C HG   1 
ATOM   666  H HD11 . LEU A 1 39 ? -23.575 -12.832 6.434   1.00 24.68  ? 587 LEU C HD11 1 
ATOM   667  H HD12 . LEU A 1 39 ? -23.582 -11.276 6.659   1.00 24.68  ? 587 LEU C HD12 1 
ATOM   668  H HD13 . LEU A 1 39 ? -24.520 -12.199 7.519   1.00 24.68  ? 587 LEU C HD13 1 
ATOM   669  H HD21 . LEU A 1 39 ? -25.479 -13.931 5.314   1.00 22.56  ? 587 LEU C HD21 1 
ATOM   670  H HD22 . LEU A 1 39 ? -26.482 -13.343 6.372   1.00 22.56  ? 587 LEU C HD22 1 
ATOM   671  H HD23 . LEU A 1 39 ? -26.711 -13.077 4.839   1.00 22.56  ? 587 LEU C HD23 1 
ATOM   672  N N    . LYS A 1 40 ? -27.729 -8.083  5.251   1.00 24.31  ? 588 LYS C N    1 
ATOM   673  C CA   . LYS A 1 40 ? -28.662 -7.015  5.580   1.00 30.72  ? 588 LYS C CA   1 
ATOM   674  C C    . LYS A 1 40 ? -29.850 -7.021  4.626   1.00 26.93  ? 588 LYS C C    1 
ATOM   675  O O    . LYS A 1 40 ? -30.985 -6.825  5.051   1.00 29.53  ? 588 LYS C O    1 
ATOM   676  C CB   . LYS A 1 40 ? -27.970 -5.652  5.526   1.00 30.25  ? 588 LYS C CB   1 
ATOM   677  C CG   . LYS A 1 40 ? -28.904 -4.475  5.774   1.00 32.58  ? 588 LYS C CG   1 
ATOM   678  C CD   . LYS A 1 40 ? -28.154 -3.162  5.645   1.00 64.55  ? 588 LYS C CD   1 
ATOM   679  C CE   . LYS A 1 40 ? -29.002 -1.981  6.073   1.00 57.44  ? 588 LYS C CE   1 
ATOM   680  N NZ   . LYS A 1 40 ? -30.154 -1.770  5.158   1.00 75.21  ? 588 LYS C NZ   1 
ATOM   681  H H    . LYS A 1 40 ? -26.951 -7.811  5.011   1.00 29.18  ? 588 LYS C H    1 
ATOM   682  H HA   . LYS A 1 40 ? -28.998 -7.152  6.490   1.00 36.87  ? 588 LYS C HA   1 
ATOM   683  H HB2  . LYS A 1 40 ? -27.275 -5.627  6.203   1.00 36.30  ? 588 LYS C HB2  1 
ATOM   684  H HB3  . LYS A 1 40 ? -27.576 -5.537  4.647   1.00 36.30  ? 588 LYS C HB3  1 
ATOM   685  H HG2  . LYS A 1 40 ? -29.619 -4.486  5.119   1.00 39.10  ? 588 LYS C HG2  1 
ATOM   686  H HG3  . LYS A 1 40 ? -29.266 -4.533  6.672   1.00 39.10  ? 588 LYS C HG3  1 
ATOM   687  H HD2  . LYS A 1 40 ? -27.365 -3.188  6.210   1.00 77.46  ? 588 LYS C HD2  1 
ATOM   688  H HD3  . LYS A 1 40 ? -27.898 -3.030  4.718   1.00 77.46  ? 588 LYS C HD3  1 
ATOM   689  H HE2  . LYS A 1 40 ? -29.348 -2.143  6.965   1.00 68.93  ? 588 LYS C HE2  1 
ATOM   690  H HE3  . LYS A 1 40 ? -28.458 -1.178  6.066   1.00 68.93  ? 588 LYS C HE3  1 
ATOM   691  H HZ1  . LYS A 1 40 ? -30.673 -2.493  5.151   1.00 90.25  ? 588 LYS C HZ1  1 
ATOM   692  H HZ2  . LYS A 1 40 ? -30.635 -1.072  5.431   1.00 90.25  ? 588 LYS C HZ2  1 
ATOM   693  H HZ3  . LYS A 1 40 ? -29.862 -1.614  4.332   1.00 90.25  ? 588 LYS C HZ3  1 
ATOM   694  N N    . ASP A 1 41 ? -29.598 -7.239  3.338   1.00 21.42  ? 589 ASP C N    1 
ATOM   695  C CA   . ASP A 1 41 ? -30.673 -7.187  2.359   1.00 24.07  ? 589 ASP C CA   1 
ATOM   696  C C    . ASP A 1 41 ? -31.582 -8.406  2.481   1.00 35.15  ? 589 ASP C C    1 
ATOM   697  O O    . ASP A 1 41 ? -32.730 -8.385  2.038   1.00 30.36  ? 589 ASP C O    1 
ATOM   698  C CB   . ASP A 1 41 ? -30.126 -7.128  0.944   1.00 24.54  ? 589 ASP C CB   1 
ATOM   699  C CG   . ASP A 1 41 ? -29.396 -5.845  0.651   1.00 20.50  ? 589 ASP C CG   1 
ATOM   700  O OD1  . ASP A 1 41 ? -29.474 -4.900  1.468   1.00 22.51  ? 589 ASP C OD1  1 
ATOM   701  O OD2  . ASP A 1 41 ? -28.746 -5.796  -0.412  1.00 19.20  ? 589 ASP C OD2  1 
ATOM   702  H H    . ASP A 1 41 ? -28.823 -7.417  3.011   1.00 25.70  ? 589 ASP C H    1 
ATOM   703  H HA   . ASP A 1 41 ? -31.213 -6.383  2.514   1.00 28.88  ? 589 ASP C HA   1 
ATOM   704  H HB2  . ASP A 1 41 ? -29.506 -7.862  0.815   1.00 29.44  ? 589 ASP C HB2  1 
ATOM   705  H HB3  . ASP A 1 41 ? -30.863 -7.202  0.318   1.00 29.44  ? 589 ASP C HB3  1 
ATOM   706  N N    . GLN A 1 42 ? -31.053 -9.479  3.058   1.00 29.50  ? 590 GLN C N    1 
ATOM   707  C CA   . GLN A 1 42 ? -31.804 -10.711 3.204   1.00 32.58  ? 590 GLN C CA   1 
ATOM   708  C C    . GLN A 1 42 ? -32.782 -10.585 4.379   1.00 40.40  ? 590 GLN C C    1 
ATOM   709  O O    . GLN A 1 42 ? -32.584 -9.772  5.292   1.00 43.50  ? 590 GLN C O    1 
ATOM   710  C CB   . GLN A 1 42 ? -30.840 -11.880 3.393   1.00 28.89  ? 590 GLN C CB   1 
ATOM   711  C CG   . GLN A 1 42 ? -31.434 -13.208 3.026   1.00 68.91  ? 590 GLN C CG   1 
ATOM   712  C CD   . GLN A 1 42 ? -30.494 -14.364 3.318   1.00 77.07  ? 590 GLN C CD   1 
ATOM   713  O OE1  . GLN A 1 42 ? -29.413 -14.460 2.740   1.00 59.42  ? 590 GLN C OE1  1 
ATOM   714  N NE2  . GLN A 1 42 ? -30.910 -15.253 4.218   1.00 93.18  ? 590 GLN C NE2  1 
ATOM   715  H H    . GLN A 1 42 ? -30.254 -9.515  3.373   1.00 35.40  ? 590 GLN C H    1 
ATOM   716  H HA   . GLN A 1 42 ? -32.323 -10.871 2.389   1.00 39.10  ? 590 GLN C HA   1 
ATOM   717  H HB2  . GLN A 1 42 ? -30.060 -11.738 2.834   1.00 34.67  ? 590 GLN C HB2  1 
ATOM   718  H HB3  . GLN A 1 42 ? -30.575 -11.921 4.325   1.00 34.67  ? 590 GLN C HB3  1 
ATOM   719  H HG2  . GLN A 1 42 ? -32.246 -13.345 3.537   1.00 82.69  ? 590 GLN C HG2  1 
ATOM   720  H HG3  . GLN A 1 42 ? -31.632 -13.215 2.076   1.00 82.69  ? 590 GLN C HG3  1 
ATOM   721  H HE21 . GLN A 1 42 ? -31.675 -15.154 4.599   1.00 111.81 ? 590 GLN C HE21 1 
ATOM   722  H HE22 . GLN A 1 42 ? -30.414 -15.926 4.418   1.00 111.81 ? 590 GLN C HE22 1 
HETATM 723  N N    . NH2 A 1 43 ? -33.849 -11.374 4.336   1.00 41.87  ? 591 NH2 C N    1 
HETATM 724  C C    . ACE B 2 1  ? -11.377 7.668   12.209  1.00 67.84  ? 625 ACE D C    1 
HETATM 725  O O    . ACE B 2 1  ? -11.881 8.264   11.254  1.00 68.88  ? 625 ACE D O    1 
HETATM 726  C CH3  . ACE B 2 1  ? -11.782 8.000   13.643  1.00 70.74  ? 625 ACE D CH3  1 
ATOM   727  N N    . MET B 2 2  ? -10.467 6.709   12.068  1.00 56.22  ? 626 MET D N    1 
ATOM   728  C CA   . MET B 2 2  ? -9.968  6.307   10.756  1.00 53.76  ? 626 MET D CA   1 
ATOM   729  C C    . MET B 2 2  ? -11.087 5.685   9.921   1.00 43.05  ? 626 MET D C    1 
ATOM   730  O O    . MET B 2 2  ? -11.854 4.856   10.413  1.00 43.22  ? 626 MET D O    1 
ATOM   731  C CB   . MET B 2 2  ? -8.805  5.320   10.927  1.00 50.77  ? 626 MET D CB   1 
ATOM   732  C CG   . MET B 2 2  ? -8.245  4.729   9.630   1.00 58.28  ? 626 MET D CG   1 
ATOM   733  S SD   . MET B 2 2  ? -7.330  5.879   8.562   1.00 40.73  ? 626 MET D SD   1 
ATOM   734  C CE   . MET B 2 2  ? -6.074  6.533   9.666   1.00 46.07  ? 626 MET D CE   1 
ATOM   735  H H    . MET B 2 2  ? -10.120 6.271   12.722  1.00 67.47  ? 626 MET D H    1 
ATOM   736  H HA   . MET B 2 2  ? -9.626  7.098   10.291  1.00 64.51  ? 626 MET D HA   1 
ATOM   737  H HB2  . MET B 2 2  ? -8.077  5.778   11.375  1.00 60.92  ? 626 MET D HB2  1 
ATOM   738  H HB3  . MET B 2 2  ? -9.108  4.580   11.476  1.00 60.92  ? 626 MET D HB3  1 
ATOM   739  H HG2  . MET B 2 2  ? -7.642  4.005   9.860   1.00 69.94  ? 626 MET D HG2  1 
ATOM   740  H HG3  . MET B 2 2  ? -8.985  4.377   9.110   1.00 69.94  ? 626 MET D HG3  1 
ATOM   741  H HE1  . MET B 2 2  ? -5.530  7.160   9.183   1.00 55.28  ? 626 MET D HE1  1 
ATOM   742  H HE2  . MET B 2 2  ? -6.504  6.970   10.403  1.00 55.28  ? 626 MET D HE2  1 
ATOM   743  H HE3  . MET B 2 2  ? -5.531  5.807   9.985   1.00 55.28  ? 626 MET D HE3  1 
ATOM   744  N N    . THR B 2 3  ? -11.180 6.104   8.660   1.00 48.04  ? 627 THR D N    1 
ATOM   745  C CA   . THR B 2 3  ? -12.130 5.529   7.708   1.00 41.36  ? 627 THR D CA   1 
ATOM   746  C C    . THR B 2 3  ? -11.362 4.911   6.547   1.00 36.75  ? 627 THR D C    1 
ATOM   747  O O    . THR B 2 3  ? -10.155 5.117   6.423   1.00 36.21  ? 627 THR D O    1 
ATOM   748  C CB   . THR B 2 3  ? -13.099 6.591   7.154   1.00 40.75  ? 627 THR D CB   1 
ATOM   749  O OG1  . THR B 2 3  ? -12.375 7.549   6.369   1.00 41.13  ? 627 THR D OG1  1 
ATOM   750  C CG2  . THR B 2 3  ? -13.814 7.298   8.289   1.00 60.80  ? 627 THR D CG2  1 
ATOM   751  H H    . THR B 2 3  ? -10.694 6.730   8.327   1.00 57.65  ? 627 THR D H    1 
ATOM   752  H HA   . THR B 2 3  ? -12.653 4.826   8.148   1.00 49.64  ? 627 THR D HA   1 
ATOM   753  H HB   . THR B 2 3  ? -13.766 6.159   6.597   1.00 48.90  ? 627 THR D HB   1 
ATOM   754  H HG1  . THR B 2 3  ? -11.809 7.920   6.833   1.00 49.36  ? 627 THR D HG1  1 
ATOM   755  H HG21 . THR B 2 3  ? -13.175 7.730   8.860   1.00 72.96  ? 627 THR D HG21 1 
ATOM   756  H HG22 . THR B 2 3  ? -14.416 7.958   7.937   1.00 72.96  ? 627 THR D HG22 1 
ATOM   757  H HG23 . THR B 2 3  ? -14.314 6.662   8.806   1.00 72.96  ? 627 THR D HG23 1 
ATOM   758  N N    . TRP B 2 4  ? -12.054 4.160   5.693   1.00 33.65  ? 628 TRP D N    1 
ATOM   759  C CA   . TRP B 2 4  ? -11.398 3.475   4.577   1.00 36.33  ? 628 TRP D CA   1 
ATOM   760  C C    . TRP B 2 4  ? -11.013 4.461   3.487   1.00 36.43  ? 628 TRP D C    1 
ATOM   761  O O    . TRP B 2 4  ? -10.033 4.256   2.761   1.00 31.29  ? 628 TRP D O    1 
ATOM   762  C CB   . TRP B 2 4  ? -12.292 2.362   4.017   1.00 29.74  ? 628 TRP D CB   1 
ATOM   763  C CG   . TRP B 2 4  ? -12.258 1.169   4.888   1.00 25.38  ? 628 TRP D CG   1 
ATOM   764  C CD1  . TRP B 2 4  ? -13.183 0.808   5.820   1.00 30.16  ? 628 TRP D CD1  1 
ATOM   765  C CD2  . TRP B 2 4  ? -11.207 0.201   4.963   1.00 25.93  ? 628 TRP D CD2  1 
ATOM   766  N NE1  . TRP B 2 4  ? -12.781 -0.337  6.463   1.00 32.69  ? 628 TRP D NE1  1 
ATOM   767  C CE2  . TRP B 2 4  ? -11.572 -0.734  5.954   1.00 26.37  ? 628 TRP D CE2  1 
ATOM   768  C CE3  . TRP B 2 4  ? -10.000 0.019   4.279   1.00 29.52  ? 628 TRP D CE3  1 
ATOM   769  C CZ2  . TRP B 2 4  ? -10.775 -1.832  6.277   1.00 22.32  ? 628 TRP D CZ2  1 
ATOM   770  C CZ3  . TRP B 2 4  ? -9.208  -1.074  4.600   1.00 23.17  ? 628 TRP D CZ3  1 
ATOM   771  C CH2  . TRP B 2 4  ? -9.601  -1.984  5.590   1.00 24.79  ? 628 TRP D CH2  1 
ATOM   772  H H    . TRP B 2 4  ? -12.903 4.032   5.736   1.00 40.38  ? 628 TRP D H    1 
ATOM   773  H HA   . TRP B 2 4  ? -10.575 3.058   4.906   1.00 43.60  ? 628 TRP D HA   1 
ATOM   774  H HB2  . TRP B 2 4  ? -13.208 2.678   3.967   1.00 35.69  ? 628 TRP D HB2  1 
ATOM   775  H HB3  . TRP B 2 4  ? -11.975 2.107   3.135   1.00 35.69  ? 628 TRP D HB3  1 
ATOM   776  H HD1  . TRP B 2 4  ? -13.968 1.273   6.001   1.00 36.19  ? 628 TRP D HD1  1 
ATOM   777  H HE1  . TRP B 2 4  ? -13.220 -0.743  7.082   1.00 39.23  ? 628 TRP D HE1  1 
ATOM   778  H HE3  . TRP B 2 4  ? -9.734  0.620   3.621   1.00 35.42  ? 628 TRP D HE3  1 
ATOM   779  H HZ2  . TRP B 2 4  ? -11.034 -2.442  6.931   1.00 26.78  ? 628 TRP D HZ2  1 
ATOM   780  H HZ3  . TRP B 2 4  ? -8.402  -1.203  4.154   1.00 27.81  ? 628 TRP D HZ3  1 
ATOM   781  H HH2  . TRP B 2 4  ? -9.050  -2.708  5.786   1.00 29.75  ? 628 TRP D HH2  1 
ATOM   782  N N    . MET B 2 5  ? -11.788 5.537   3.377   1.00 35.37  ? 629 MET D N    1 
ATOM   783  C CA   . MET B 2 5  ? -11.489 6.579   2.408   1.00 28.55  ? 629 MET D CA   1 
ATOM   784  C C    . MET B 2 5  ? -10.210 7.310   2.820   1.00 25.12  ? 629 MET D C    1 
ATOM   785  O O    . MET B 2 5  ? -9.356  7.594   1.984   1.00 34.90  ? 629 MET D O    1 
ATOM   786  C CB   . MET B 2 5  ? -12.663 7.557   2.298   1.00 48.64  ? 629 MET D CB   1 
ATOM   787  C CG   . MET B 2 5  ? -12.466 8.662   1.256   1.00 76.54  ? 629 MET D CG   1 
ATOM   788  S SD   . MET B 2 5  ? -13.959 9.652   0.940   1.00 131.88 ? 629 MET D SD   1 
ATOM   789  C CE   . MET B 2 5  ? -14.930 8.552   -0.094  1.00 56.04  ? 629 MET D CE   1 
ATOM   790  H H    . MET B 2 5  ? -12.489 5.685   3.850   1.00 42.45  ? 629 MET D H    1 
ATOM   791  H HA   . MET B 2 5  ? -11.352 6.168   1.529   1.00 34.26  ? 629 MET D HA   1 
ATOM   792  H HB2  . MET B 2 5  ? -13.460 7.060   2.053   1.00 58.37  ? 629 MET D HB2  1 
ATOM   793  H HB3  . MET B 2 5  ? -12.794 7.984   3.158   1.00 58.37  ? 629 MET D HB3  1 
ATOM   794  H HG2  . MET B 2 5  ? -11.772 9.264   1.565   1.00 91.85  ? 629 MET D HG2  1 
ATOM   795  H HG3  . MET B 2 5  ? -12.198 8.255   0.416   1.00 91.85  ? 629 MET D HG3  1 
ATOM   796  H HE1  . MET B 2 5  ? -14.432 8.354   -0.890  1.00 67.25  ? 629 MET D HE1  1 
ATOM   797  H HE2  . MET B 2 5  ? -15.107 7.743   0.393   1.00 67.25  ? 629 MET D HE2  1 
ATOM   798  H HE3  . MET B 2 5  ? -15.755 8.985   -0.321  1.00 67.25  ? 629 MET D HE3  1 
ATOM   799  N N    . GLU B 2 6  ? -10.082 7.606   4.108   1.00 36.38  ? 630 GLU D N    1 
ATOM   800  C CA   . GLU B 2 6  ? -8.876  8.239   4.633   1.00 37.70  ? 630 GLU D CA   1 
ATOM   801  C C    . GLU B 2 6  ? -7.693  7.272   4.585   1.00 36.50  ? 630 GLU D C    1 
ATOM   802  O O    . GLU B 2 6  ? -6.569  7.669   4.296   1.00 31.43  ? 630 GLU D O    1 
ATOM   803  C CB   . GLU B 2 6  ? -9.106  8.725   6.066   1.00 36.80  ? 630 GLU D CB   1 
ATOM   804  C CG   . GLU B 2 6  ? -7.852  9.252   6.767   1.00 36.89  ? 630 GLU D CG   1 
ATOM   805  C CD   . GLU B 2 6  ? -7.230  10.456  6.069   1.00 55.15  ? 630 GLU D CD   1 
ATOM   806  O OE1  . GLU B 2 6  ? -7.852  11.001  5.129   1.00 49.28  ? 630 GLU D OE1  1 
ATOM   807  O OE2  . GLU B 2 6  ? -6.112  10.863  6.466   1.00 40.24  ? 630 GLU D OE2  1 
ATOM   808  H H    . GLU B 2 6  ? -10.682 7.449   4.704   1.00 43.66  ? 630 GLU D H    1 
ATOM   809  H HA   . GLU B 2 6  ? -8.656  9.017   4.079   1.00 45.24  ? 630 GLU D HA   1 
ATOM   810  H HB2  . GLU B 2 6  ? -9.758  9.444   6.050   1.00 44.16  ? 630 GLU D HB2  1 
ATOM   811  H HB3  . GLU B 2 6  ? -9.449  7.986   6.593   1.00 44.16  ? 630 GLU D HB3  1 
ATOM   812  H HG2  . GLU B 2 6  ? -8.085  9.518   7.670   1.00 44.27  ? 630 GLU D HG2  1 
ATOM   813  H HG3  . GLU B 2 6  ? -7.186  8.546   6.792   1.00 44.27  ? 630 GLU D HG3  1 
ATOM   814  N N    . TRP B 2 7  ? -7.959  6.002   4.877   1.00 34.31  ? 631 TRP D N    1 
ATOM   815  C CA   . TRP B 2 7  ? -6.952  4.945   4.784   1.00 30.55  ? 631 TRP D CA   1 
ATOM   816  C C    . TRP B 2 7  ? -6.329  4.935   3.386   1.00 31.02  ? 631 TRP D C    1 
ATOM   817  O O    . TRP B 2 7  ? -5.099  4.960   3.236   1.00 29.76  ? 631 TRP D O    1 
ATOM   818  C CB   . TRP B 2 7  ? -7.615  3.598   5.105   1.00 28.15  ? 631 TRP D CB   1 
ATOM   819  C CG   . TRP B 2 7  ? -6.705  2.399   5.179   1.00 27.48  ? 631 TRP D CG   1 
ATOM   820  C CD1  . TRP B 2 7  ? -5.974  1.979   6.263   1.00 26.64  ? 631 TRP D CD1  1 
ATOM   821  C CD2  . TRP B 2 7  ? -6.456  1.447   4.135   1.00 27.05  ? 631 TRP D CD2  1 
ATOM   822  N NE1  . TRP B 2 7  ? -5.296  0.823   5.953   1.00 23.34  ? 631 TRP D NE1  1 
ATOM   823  C CE2  . TRP B 2 7  ? -5.570  0.477   4.655   1.00 21.45  ? 631 TRP D CE2  1 
ATOM   824  C CE3  . TRP B 2 7  ? -6.894  1.318   2.812   1.00 28.71  ? 631 TRP D CE3  1 
ATOM   825  C CZ2  . TRP B 2 7  ? -5.112  -0.598  3.895   1.00 25.51  ? 631 TRP D CZ2  1 
ATOM   826  C CZ3  . TRP B 2 7  ? -6.442  0.251   2.059   1.00 33.38  ? 631 TRP D CZ3  1 
ATOM   827  C CH2  . TRP B 2 7  ? -5.552  -0.693  2.604   1.00 29.61  ? 631 TRP D CH2  1 
ATOM   828  H H    . TRP B 2 7  ? -8.730  5.721   5.135   1.00 41.17  ? 631 TRP D H    1 
ATOM   829  H HA   . TRP B 2 7  ? -6.242  5.109   5.440   1.00 36.66  ? 631 TRP D HA   1 
ATOM   830  H HB2  . TRP B 2 7  ? -8.059  3.676   5.964   1.00 33.78  ? 631 TRP D HB2  1 
ATOM   831  H HB3  . TRP B 2 7  ? -8.276  3.414   4.419   1.00 33.78  ? 631 TRP D HB3  1 
ATOM   832  H HD1  . TRP B 2 7  ? -5.956  2.402   7.091   1.00 31.97  ? 631 TRP D HD1  1 
ATOM   833  H HE1  . TRP B 2 7  ? -4.774  0.392   6.484   1.00 28.00  ? 631 TRP D HE1  1 
ATOM   834  H HE3  . TRP B 2 7  ? -7.483  1.939   2.448   1.00 34.45  ? 631 TRP D HE3  1 
ATOM   835  H HZ2  . TRP B 2 7  ? -4.522  -1.222  4.250   1.00 30.61  ? 631 TRP D HZ2  1 
ATOM   836  H HZ3  . TRP B 2 7  ? -6.729  0.158   1.179   1.00 40.06  ? 631 TRP D HZ3  1 
ATOM   837  H HH2  . TRP B 2 7  ? -5.264  -1.402  2.076   1.00 35.53  ? 631 TRP D HH2  1 
ATOM   838  N N    . ASP B 2 8  ? -7.173  4.936   2.360   1.00 24.54  ? 632 ASP D N    1 
ATOM   839  C CA   A ASP B 2 8  ? -6.671  4.910   0.997   0.65 29.03  ? 632 ASP D CA   1 
ATOM   840  C CA   B ASP B 2 8  ? -6.720  4.950   0.971   0.35 29.18  ? 632 ASP D CA   1 
ATOM   841  C C    . ASP B 2 8  ? -5.844  6.165   0.703   1.00 29.72  ? 632 ASP D C    1 
ATOM   842  O O    . ASP B 2 8  ? -4.799  6.071   0.072   1.00 28.65  ? 632 ASP D O    1 
ATOM   843  C CB   A ASP B 2 8  ? -7.813  4.771   -0.014  0.65 33.10  ? 632 ASP D CB   1 
ATOM   844  C CB   B ASP B 2 8  ? -7.916  5.000   0.009   0.35 33.32  ? 632 ASP D CB   1 
ATOM   845  C CG   A ASP B 2 8  ? -7.318  4.425   -1.403  0.65 38.10  ? 632 ASP D CG   1 
ATOM   846  C CG   B ASP B 2 8  ? -8.604  3.660   -0.145  0.35 35.99  ? 632 ASP D CG   1 
ATOM   847  O OD1  A ASP B 2 8  ? -7.790  5.045   -2.377  0.65 58.24  ? 632 ASP D OD1  1 
ATOM   848  O OD1  B ASP B 2 8  ? -8.018  2.641   0.272   0.35 31.44  ? 632 ASP D OD1  1 
ATOM   849  O OD2  A ASP B 2 8  ? -6.458  3.527   -1.525  0.65 45.95  ? 632 ASP D OD2  1 
ATOM   850  O OD2  B ASP B 2 8  ? -9.726  3.624   -0.698  0.35 33.26  ? 632 ASP D OD2  1 
ATOM   851  H H    A ASP B 2 8  ? -8.031  4.951   2.425   0.65 29.45  ? 632 ASP D H    1 
ATOM   852  H H    B ASP B 2 8  ? -8.030  4.926   2.441   0.35 29.45  ? 632 ASP D H    1 
ATOM   853  H HA   A ASP B 2 8  ? -6.083  4.132   0.893   0.65 34.84  ? 632 ASP D HA   1 
ATOM   854  H HA   B ASP B 2 8  ? -6.200  4.141   0.784   0.35 35.02  ? 632 ASP D HA   1 
ATOM   855  H HB2  A ASP B 2 8  ? -8.410  4.065   0.277   0.65 39.72  ? 632 ASP D HB2  1 
ATOM   856  H HB2  B ASP B 2 8  ? -8.568  5.633   0.349   0.35 39.98  ? 632 ASP D HB2  1 
ATOM   857  H HB3  A ASP B 2 8  ? -8.293  5.612   -0.066  0.65 39.72  ? 632 ASP D HB3  1 
ATOM   858  H HB3  B ASP B 2 8  ? -7.606  5.280   -0.866  0.35 39.98  ? 632 ASP D HB3  1 
ATOM   859  N N    . ARG B 2 9  ? -6.304  7.322   1.172   1.00 36.13  ? 633 ARG D N    1 
ATOM   860  C CA   . ARG B 2 9  ? -5.592  8.579   0.930   1.00 38.13  ? 633 ARG D CA   1 
ATOM   861  C C    . ARG B 2 9  ? -4.177  8.547   1.526   1.00 33.06  ? 633 ARG D C    1 
ATOM   862  O O    . ARG B 2 9  ? -3.209  8.892   0.848   1.00 35.31  ? 633 ARG D O    1 
ATOM   863  C CB   . ARG B 2 9  ? -6.372  9.760   1.511   1.00 32.11  ? 633 ARG D CB   1 
ATOM   864  C CG   . ARG B 2 9  ? -5.839  11.123  1.067   1.00 48.32  ? 633 ARG D CG   1 
ATOM   865  C CD   . ARG B 2 9  ? -6.501  12.269  1.827   1.00 40.18  ? 633 ARG D CD   1 
ATOM   866  N NE   . ARG B 2 9  ? -6.024  12.359  3.204   1.00 40.88  ? 633 ARG D NE   1 
ATOM   867  C CZ   . ARG B 2 9  ? -4.874  12.931  3.560   1.00 60.00  ? 633 ARG D CZ   1 
ATOM   868  N NH1  . ARG B 2 9  ? -4.081  13.465  2.640   1.00 47.11  ? 633 ARG D NH1  1 
ATOM   869  N NH2  . ARG B 2 9  ? -4.513  12.970  4.837   1.00 47.10  ? 633 ARG D NH2  1 
ATOM   870  H H    . ARG B 2 9  ? -7.025  7.409   1.633   1.00 43.36  ? 633 ARG D H    1 
ATOM   871  H HA   . ARG B 2 9  ? -5.509  8.717   -0.036  1.00 45.75  ? 633 ARG D HA   1 
ATOM   872  H HB2  . ARG B 2 9  ? -7.297  9.694   1.227   1.00 38.54  ? 633 ARG D HB2  1 
ATOM   873  H HB3  . ARG B 2 9  ? -6.321  9.722   2.480   1.00 38.54  ? 633 ARG D HB3  1 
ATOM   874  H HG2  . ARG B 2 9  ? -4.883  11.161  1.232   1.00 57.98  ? 633 ARG D HG2  1 
ATOM   875  H HG3  . ARG B 2 9  ? -6.019  11.243  0.121   1.00 57.98  ? 633 ARG D HG3  1 
ATOM   876  H HD2  . ARG B 2 9  ? -6.298  13.106  1.381   1.00 48.22  ? 633 ARG D HD2  1 
ATOM   877  H HD3  . ARG B 2 9  ? -7.460  12.125  1.848   1.00 48.22  ? 633 ARG D HD3  1 
ATOM   878  H HE   . ARG B 2 9  ? -6.539  12.066  3.827   1.00 49.05  ? 633 ARG D HE   1 
ATOM   879  H HH11 . ARG B 2 9  ? -4.308  13.444  1.810   1.00 56.53  ? 633 ARG D HH11 1 
ATOM   880  H HH12 . ARG B 2 9  ? -3.339  13.834  2.872   1.00 56.53  ? 633 ARG D HH12 1 
ATOM   881  H HH21 . ARG B 2 9  ? -5.021  12.626  5.439   1.00 56.52  ? 633 ARG D HH21 1 
ATOM   882  H HH22 . ARG B 2 9  ? -3.770  13.341  5.062   1.00 56.52  ? 633 ARG D HH22 1 
ATOM   883  N N    . GLU B 2 10 ? -4.078  8.125   2.786   1.00 30.30  ? 634 GLU D N    1 
ATOM   884  C CA   . GLU B 2 10 ? -2.806  8.093   3.511   1.00 32.16  ? 634 GLU D CA   1 
ATOM   885  C C    . GLU B 2 10 ? -1.859  7.056   2.934   1.00 35.77  ? 634 GLU D C    1 
ATOM   886  O O    . GLU B 2 10 ? -0.654  7.291   2.838   1.00 30.56  ? 634 GLU D O    1 
ATOM   887  C CB   . GLU B 2 10 ? -3.042  7.802   4.993   1.00 30.76  ? 634 GLU D CB   1 
ATOM   888  C CG   . GLU B 2 10 ? -3.878  8.853   5.701   1.00 30.50  ? 634 GLU D CG   1 
ATOM   889  C CD   . GLU B 2 10 ? -3.858  8.694   7.208   1.00 35.16  ? 634 GLU D CD   1 
ATOM   890  O OE1  . GLU B 2 10 ? -4.646  9.388   7.891   1.00 37.96  ? 634 GLU D OE1  1 
ATOM   891  O OE2  . GLU B 2 10 ? -3.051  7.875   7.708   1.00 30.49  ? 634 GLU D OE2  1 
ATOM   892  H H    . GLU B 2 10 ? -4.745  7.846   3.251   1.00 36.36  ? 634 GLU D H    1 
ATOM   893  H HA   . GLU B 2 10 ? -2.376  8.970   3.438   1.00 38.59  ? 634 GLU D HA   1 
ATOM   894  H HB2  . GLU B 2 10 ? -3.504  6.953   5.075   1.00 36.91  ? 634 GLU D HB2  1 
ATOM   895  H HB3  . GLU B 2 10 ? -2.184  7.754   5.441   1.00 36.91  ? 634 GLU D HB3  1 
ATOM   896  H HG2  . GLU B 2 10 ? -3.528  9.732   5.488   1.00 36.59  ? 634 GLU D HG2  1 
ATOM   897  H HG3  . GLU B 2 10 ? -4.798  8.781   5.403   1.00 36.59  ? 634 GLU D HG3  1 
ATOM   898  N N    . ILE B 2 11 ? -2.401  5.899   2.562   1.00 24.95  ? 635 ILE D N    1 
ATOM   899  C CA   . ILE B 2 11 ? -1.618  4.882   1.866   1.00 29.88  ? 635 ILE D CA   1 
ATOM   900  C C    . ILE B 2 11 ? -0.953  5.479   0.626   1.00 29.90  ? 635 ILE D C    1 
ATOM   901  O O    . ILE B 2 11 ? 0.248   5.305   0.411   1.00 28.21  ? 635 ILE D O    1 
ATOM   902  C CB   . ILE B 2 11 ? -2.500  3.686   1.420   1.00 33.42  ? 635 ILE D CB   1 
ATOM   903  C CG1  . ILE B 2 11 ? -2.915  2.831   2.629   1.00 32.88  ? 635 ILE D CG1  1 
ATOM   904  C CG2  . ILE B 2 11 ? -1.759  2.833   0.392   1.00 29.71  ? 635 ILE D CG2  1 
ATOM   905  C CD1  . ILE B 2 11 ? -1.767  2.073   3.276   1.00 30.17  ? 635 ILE D CD1  1 
ATOM   906  H H    . ILE B 2 11 ? -3.221  5.678   2.700   1.00 29.94  ? 635 ILE D H    1 
ATOM   907  H HA   . ILE B 2 11 ? -0.918  4.545   2.463   1.00 35.86  ? 635 ILE D HA   1 
ATOM   908  H HB   . ILE B 2 11 ? -3.304  4.036   1.003   1.00 40.10  ? 635 ILE D HB   1 
ATOM   909  H HG12 . ILE B 2 11 ? -3.302  3.412   3.302   1.00 39.46  ? 635 ILE D HG12 1 
ATOM   910  H HG13 . ILE B 2 11 ? -3.573  2.180   2.340   1.00 39.46  ? 635 ILE D HG13 1 
ATOM   911  H HG21 . ILE B 2 11 ? -2.321  2.101   0.130   1.00 35.66  ? 635 ILE D HG21 1 
ATOM   912  H HG22 . ILE B 2 11 ? -1.550  3.376   -0.372  1.00 35.66  ? 635 ILE D HG22 1 
ATOM   913  H HG23 . ILE B 2 11 ? -0.950  2.501   0.788   1.00 35.66  ? 635 ILE D HG23 1 
ATOM   914  H HD11 . ILE B 2 11 ? -2.106  1.567   4.018   1.00 36.21  ? 635 ILE D HD11 1 
ATOM   915  H HD12 . ILE B 2 11 ? -1.377  1.483   2.627   1.00 36.21  ? 635 ILE D HD12 1 
ATOM   916  H HD13 . ILE B 2 11 ? -1.110  2.703   3.581   1.00 36.21  ? 635 ILE D HD13 1 
ATOM   917  N N    . ASN B 2 12 ? -1.746  6.181   -0.182  1.00 24.69  ? 636 ASN D N    1 
ATOM   918  C CA   . ASN B 2 12 ? -1.258  6.794   -1.416  1.00 25.89  ? 636 ASN D CA   1 
ATOM   919  C C    . ASN B 2 12 ? -0.204  7.871   -1.164  1.00 26.47  ? 636 ASN D C    1 
ATOM   920  O O    . ASN B 2 12 ? 0.777   7.969   -1.909  1.00 29.99  ? 636 ASN D O    1 
ATOM   921  C CB   . ASN B 2 12 ? -2.434  7.390   -2.193  1.00 33.12  ? 636 ASN D CB   1 
ATOM   922  C CG   . ASN B 2 12 ? -3.344  6.320   -2.766  1.00 38.75  ? 636 ASN D CG   1 
ATOM   923  O OD1  . ASN B 2 12 ? -2.908  5.195   -3.009  1.00 43.60  ? 636 ASN D OD1  1 
ATOM   924  N ND2  . ASN B 2 12 ? -4.612  6.660   -2.976  1.00 45.46  ? 636 ASN D ND2  1 
ATOM   925  H H    . ASN B 2 12 ? -2.582  6.318   -0.035  1.00 29.63  ? 636 ASN D H    1 
ATOM   926  H HA   . ASN B 2 12 ? -0.850  6.100   -1.974  1.00 31.07  ? 636 ASN D HA   1 
ATOM   927  H HB2  . ASN B 2 12 ? -2.959  7.947   -1.599  1.00 39.75  ? 636 ASN D HB2  1 
ATOM   928  H HB3  . ASN B 2 12 ? -2.091  7.919   -2.930  1.00 39.75  ? 636 ASN D HB3  1 
ATOM   929  H HD21 . ASN B 2 12 ? -4.881  7.456   -2.789  1.00 54.56  ? 636 ASN D HD21 1 
ATOM   930  H HD22 . ASN B 2 12 ? -5.164  6.085   -3.299  1.00 54.56  ? 636 ASN D HD22 1 
ATOM   931  N N    . ASN B 2 13 ? -0.419  8.670   -0.116  1.00 32.22  ? 637 ASN D N    1 
ATOM   932  C CA   . ASN B 2 13 ? 0.528   9.714   0.298   1.00 33.75  ? 637 ASN D CA   1 
ATOM   933  C C    . ASN B 2 13 ? 1.888   9.123   0.643   1.00 35.40  ? 637 ASN D C    1 
ATOM   934  O O    . ASN B 2 13 ? 2.925   9.557   0.131   1.00 28.13  ? 637 ASN D O    1 
ATOM   935  C CB   . ASN B 2 13 ? 0.018   10.468  1.539   1.00 30.88  ? 637 ASN D CB   1 
ATOM   936  C CG   . ASN B 2 13 ? -1.143  11.411  1.249   1.00 40.94  ? 637 ASN D CG   1 
ATOM   937  O OD1  . ASN B 2 13 ? -1.785  11.897  2.185   1.00 50.11  ? 637 ASN D OD1  1 
ATOM   938  N ND2  . ASN B 2 13 ? -1.423  11.677  -0.030  1.00 35.66  ? 637 ASN D ND2  1 
ATOM   939  H H    . ASN B 2 13 ? -1.120  8.626   0.380   1.00 38.66  ? 637 ASN D H    1 
ATOM   940  H HA   . ASN B 2 13 ? 0.645   10.358  -0.431  1.00 40.50  ? 637 ASN D HA   1 
ATOM   941  H HB2  . ASN B 2 13 ? -0.282  9.820   2.196   1.00 37.06  ? 637 ASN D HB2  1 
ATOM   942  H HB3  . ASN B 2 13 ? 0.745   10.994  1.905   1.00 37.06  ? 637 ASN D HB3  1 
ATOM   943  H HD21 . ASN B 2 13 ? -0.954  11.318  -0.655  1.00 42.79  ? 637 ASN D HD21 1 
ATOM   944  H HD22 . ASN B 2 13 ? -2.071  12.205  -0.228  1.00 42.79  ? 637 ASN D HD22 1 
ATOM   945  N N    . TYR B 2 14 ? 1.884   8.133   1.528   1.00 31.17  ? 638 TYR D N    1 
ATOM   946  C CA   . TYR B 2 14 ? 3.131   7.523   1.962   1.00 27.00  ? 638 TYR D CA   1 
ATOM   947  C C    . TYR B 2 14 ? 3.822   6.783   0.819   1.00 34.24  ? 638 TYR D C    1 
ATOM   948  O O    . TYR B 2 14 ? 5.049   6.809   0.708   1.00 29.71  ? 638 TYR D O    1 
ATOM   949  C CB   . TYR B 2 14 ? 2.906   6.591   3.152   1.00 24.61  ? 638 TYR D CB   1 
ATOM   950  C CG   . TYR B 2 14 ? 2.655   7.306   4.460   1.00 32.65  ? 638 TYR D CG   1 
ATOM   951  C CD1  . TYR B 2 14 ? 3.616   8.150   5.023   1.00 40.45  ? 638 TYR D CD1  1 
ATOM   952  C CD2  . TYR B 2 14 ? 1.467   7.116   5.153   1.00 31.32  ? 638 TYR D CD2  1 
ATOM   953  C CE1  . TYR B 2 14 ? 3.377   8.798   6.244   1.00 40.00  ? 638 TYR D CE1  1 
ATOM   954  C CE2  . TYR B 2 14 ? 1.225   7.748   6.357   1.00 25.52  ? 638 TYR D CE2  1 
ATOM   955  C CZ   . TYR B 2 14 ? 2.166   8.586   6.897   1.00 44.26  ? 638 TYR D CZ   1 
ATOM   956  O OH   . TYR B 2 14 ? 1.881   9.196   8.103   1.00 40.98  ? 638 TYR D OH   1 
ATOM   957  H H    . TYR B 2 14 ? 1.178   7.799   1.890   1.00 37.41  ? 638 TYR D H    1 
ATOM   958  H HA   . TYR B 2 14 ? 3.736   8.235   2.258   1.00 32.40  ? 638 TYR D HA   1 
ATOM   959  H HB2  . TYR B 2 14 ? 2.136   6.032   2.968   1.00 29.54  ? 638 TYR D HB2  1 
ATOM   960  H HB3  . TYR B 2 14 ? 3.694   6.036   3.264   1.00 29.54  ? 638 TYR D HB3  1 
ATOM   961  H HD1  . TYR B 2 14 ? 4.421   8.290   4.579   1.00 48.54  ? 638 TYR D HD1  1 
ATOM   962  H HD2  . TYR B 2 14 ? 0.819   6.553   4.796   1.00 37.59  ? 638 TYR D HD2  1 
ATOM   963  H HE1  . TYR B 2 14 ? 4.017   9.364   6.610   1.00 48.00  ? 638 TYR D HE1  1 
ATOM   964  H HE2  . TYR B 2 14 ? 0.418   7.609   6.798   1.00 30.62  ? 638 TYR D HE2  1 
ATOM   965  H HH   . TYR B 2 14 ? 1.744   8.628   8.678   1.00 49.17  ? 638 TYR D HH   1 
ATOM   966  N N    . THR B 2 15 ? 3.041   6.135   -0.036  1.00 29.20  ? 639 THR D N    1 
ATOM   967  C CA   . THR B 2 15 ? 3.607   5.399   -1.158  1.00 26.42  ? 639 THR D CA   1 
ATOM   968  C C    . THR B 2 15 ? 4.336   6.328   -2.142  1.00 35.16  ? 639 THR D C    1 
ATOM   969  O O    . THR B 2 15 ? 5.445   6.020   -2.598  1.00 30.03  ? 639 THR D O    1 
ATOM   970  C CB   . THR B 2 15 ? 2.512   4.616   -1.895  1.00 34.55  ? 639 THR D CB   1 
ATOM   971  O OG1  . THR B 2 15 ? 1.999   3.596   -1.019  1.00 35.25  ? 639 THR D OG1  1 
ATOM   972  C CG2  . THR B 2 15 ? 3.062   3.987   -3.164  1.00 38.82  ? 639 THR D CG2  1 
ATOM   973  H H    . THR B 2 15 ? 2.183   6.105   0.011   1.00 35.04  ? 639 THR D H    1 
ATOM   974  H HA   . THR B 2 15 ? 4.259   4.753   -0.817  1.00 31.71  ? 639 THR D HA   1 
ATOM   975  H HB   . THR B 2 15 ? 1.794   5.220   -2.139  1.00 41.46  ? 639 THR D HB   1 
ATOM   976  H HG1  . THR B 2 15 ? 1.684   3.938   -0.343  1.00 42.30  ? 639 THR D HG1  1 
ATOM   977  H HG21 . THR B 2 15 ? 2.368   3.500   -3.616  1.00 46.58  ? 639 THR D HG21 1 
ATOM   978  H HG22 . THR B 2 15 ? 3.396   4.669   -3.750  1.00 46.58  ? 639 THR D HG22 1 
ATOM   979  H HG23 . THR B 2 15 ? 3.776   3.384   -2.948  1.00 46.58  ? 639 THR D HG23 1 
ATOM   980  N N    . SER B 2 16 ? 3.710   7.460   -2.469  1.00 36.32  ? 640 SER D N    1 
ATOM   981  C CA   A SER B 2 16 ? 4.304   8.446   -3.374  0.33 39.24  ? 640 SER D CA   1 
ATOM   982  C CA   B SER B 2 16 ? 4.321   8.404   -3.397  0.67 39.30  ? 640 SER D CA   1 
ATOM   983  C C    . SER B 2 16 ? 5.585   9.027   -2.794  1.00 33.23  ? 640 SER D C    1 
ATOM   984  O O    . SER B 2 16 ? 6.578   9.217   -3.503  1.00 33.47  ? 640 SER D O    1 
ATOM   985  C CB   A SER B 2 16 ? 3.319   9.580   -3.647  0.33 39.35  ? 640 SER D CB   1 
ATOM   986  C CB   B SER B 2 16 ? 3.313   9.472   -3.844  0.67 39.17  ? 640 SER D CB   1 
ATOM   987  O OG   A SER B 2 16 ? 4.000   10.756  -4.058  0.33 43.14  ? 640 SER D OG   1 
ATOM   988  O OG   B SER B 2 16 ? 2.792   10.218  -2.754  0.67 44.81  ? 640 SER D OG   1 
ATOM   989  H H    A SER B 2 16 ? 2.933   7.682   -2.176  0.33 43.59  ? 640 SER D H    1 
ATOM   990  H H    B SER B 2 16 ? 2.942   7.700   -2.169  0.67 43.59  ? 640 SER D H    1 
ATOM   991  H HA   A SER B 2 16 ? 4.521   8.013   -4.227  0.33 47.08  ? 640 SER D HA   1 
ATOM   992  H HA   B SER B 2 16 ? 4.595   7.912   -4.200  0.67 47.16  ? 640 SER D HA   1 
ATOM   993  H HB2  A SER B 2 16 ? 2.709   9.307   -4.352  0.33 47.22  ? 640 SER D HB2  1 
ATOM   994  H HB2  B SER B 2 16 ? 3.758   10.082  -4.453  0.67 47.01  ? 640 SER D HB2  1 
ATOM   995  H HB3  A SER B 2 16 ? 2.822   9.770   -2.836  0.33 47.22  ? 640 SER D HB3  1 
ATOM   996  H HB3  B SER B 2 16 ? 2.579   9.033   -4.300  0.67 47.01  ? 640 SER D HB3  1 
ATOM   997  H HG   A SER B 2 16 ? 3.462   11.358  -4.202  0.33 51.77  ? 640 SER D HG   1 
ATOM   998  H HG   B SER B 2 16 ? 3.119   9.952   -2.051  0.67 53.77  ? 640 SER D HG   1 
ATOM   999  N N    . LEU B 2 17 ? 5.557   9.317   -1.493  1.00 29.94  ? 641 LEU D N    1 
ATOM   1000 C CA   . LEU B 2 17 ? 6.739   9.834   -0.796  1.00 35.60  ? 641 LEU D CA   1 
ATOM   1001 C C    . LEU B 2 17 ? 7.893   8.830   -0.881  1.00 43.11  ? 641 LEU D C    1 
ATOM   1002 O O    . LEU B 2 17 ? 9.031   9.187   -1.203  1.00 31.25  ? 641 LEU D O    1 
ATOM   1003 C CB   . LEU B 2 17 ? 6.414   10.136  0.674   1.00 30.67  ? 641 LEU D CB   1 
ATOM   1004 C CG   . LEU B 2 17 ? 7.599   10.592  1.535   1.00 34.91  ? 641 LEU D CG   1 
ATOM   1005 C CD1  . LEU B 2 17 ? 8.268   11.831  0.936   1.00 36.42  ? 641 LEU D CD1  1 
ATOM   1006 C CD2  . LEU B 2 17 ? 7.175   10.849  2.971   1.00 30.83  ? 641 LEU D CD2  1 
ATOM   1007 H H    . LEU B 2 17 ? 4.867   9.223   -0.990  1.00 35.93  ? 641 LEU D H    1 
ATOM   1008 H HA   . LEU B 2 17 ? 7.026   10.667  -1.224  1.00 42.72  ? 641 LEU D HA   1 
ATOM   1009 H HB2  . LEU B 2 17 ? 5.747   10.840  0.702   1.00 36.80  ? 641 LEU D HB2  1 
ATOM   1010 H HB3  . LEU B 2 17 ? 6.052   9.333   1.080   1.00 36.80  ? 641 LEU D HB3  1 
ATOM   1011 H HG   . LEU B 2 17 ? 8.260   9.882   1.549   1.00 41.90  ? 641 LEU D HG   1 
ATOM   1012 H HD11 . LEU B 2 17 ? 9.003   12.090  1.497   1.00 43.71  ? 641 LEU D HD11 1 
ATOM   1013 H HD12 . LEU B 2 17 ? 8.586   11.619  0.055   1.00 43.71  ? 641 LEU D HD12 1 
ATOM   1014 H HD13 . LEU B 2 17 ? 7.624   12.542  0.890   1.00 43.71  ? 641 LEU D HD13 1 
ATOM   1015 H HD21 . LEU B 2 17 ? 7.941   11.132  3.476   1.00 37.00  ? 641 LEU D HD21 1 
ATOM   1016 H HD22 . LEU B 2 17 ? 6.504   11.536  2.979   1.00 37.00  ? 641 LEU D HD22 1 
ATOM   1017 H HD23 . LEU B 2 17 ? 6.819   10.039  3.341   1.00 37.00  ? 641 LEU D HD23 1 
ATOM   1018 N N    . ILE B 2 18 ? 7.600   7.564   -0.597  1.00 32.75  ? 642 ILE D N    1 
ATOM   1019 C CA   . ILE B 2 18 ? 8.629   6.534   -0.627  1.00 27.54  ? 642 ILE D CA   1 
ATOM   1020 C C    . ILE B 2 18 ? 9.209   6.417   -2.039  1.00 41.29  ? 642 ILE D C    1 
ATOM   1021 O O    . ILE B 2 18 ? 10.432  6.364   -2.211  1.00 36.55  ? 642 ILE D O    1 
ATOM   1022 C CB   . ILE B 2 18 ? 8.091   5.172   -0.113  1.00 35.62  ? 642 ILE D CB   1 
ATOM   1023 C CG1  . ILE B 2 18 ? 7.727   5.284   1.378   1.00 31.39  ? 642 ILE D CG1  1 
ATOM   1024 C CG2  . ILE B 2 18 ? 9.130   4.067   -0.334  1.00 35.66  ? 642 ILE D CG2  1 
ATOM   1025 C CD1  . ILE B 2 18 ? 6.600   4.352   1.842   1.00 29.75  ? 642 ILE D CD1  1 
ATOM   1026 H H    . ILE B 2 18 ? 6.817   7.278   -0.387  1.00 39.29  ? 642 ILE D H    1 
ATOM   1027 H HA   . ILE B 2 18 ? 9.357   6.806   -0.030  1.00 33.04  ? 642 ILE D HA   1 
ATOM   1028 H HB   . ILE B 2 18 ? 7.290   4.947   -0.612  1.00 42.74  ? 642 ILE D HB   1 
ATOM   1029 H HG12 . ILE B 2 18 ? 8.514   5.075   1.903   1.00 37.67  ? 642 ILE D HG12 1 
ATOM   1030 H HG13 . ILE B 2 18 ? 7.447   6.195   1.559   1.00 37.67  ? 642 ILE D HG13 1 
ATOM   1031 H HG21 . ILE B 2 18 ? 8.776   3.236   -0.009  1.00 42.79  ? 642 ILE D HG21 1 
ATOM   1032 H HG22 . ILE B 2 18 ? 9.319   3.998   -1.272  1.00 42.79  ? 642 ILE D HG22 1 
ATOM   1033 H HG23 . ILE B 2 18 ? 9.931   4.292   0.147   1.00 42.79  ? 642 ILE D HG23 1 
ATOM   1034 H HD11 . ILE B 2 18 ? 6.444   4.493   2.779   1.00 35.70  ? 642 ILE D HD11 1 
ATOM   1035 H HD12 . ILE B 2 18 ? 5.803   4.552   1.344   1.00 35.70  ? 642 ILE D HD12 1 
ATOM   1036 H HD13 . ILE B 2 18 ? 6.862   3.442   1.686   1.00 35.70  ? 642 ILE D HD13 1 
ATOM   1037 N N    . HIS B 2 19 ? 8.340   6.409   -3.050  1.00 29.99  ? 643 HIS D N    1 
ATOM   1038 C CA   . HIS B 2 19 ? 8.800   6.327   -4.431  1.00 36.12  ? 643 HIS D CA   1 
ATOM   1039 C C    . HIS B 2 19 ? 9.816   7.438   -4.701  1.00 42.74  ? 643 HIS D C    1 
ATOM   1040 O O    . HIS B 2 19 ? 10.897  7.180   -5.240  1.00 39.92  ? 643 HIS D O    1 
ATOM   1041 C CB   . HIS B 2 19 ? 7.623   6.415   -5.414  1.00 33.57  ? 643 HIS D CB   1 
ATOM   1042 C CG   . HIS B 2 19 ? 6.686   5.247   -5.339  1.00 62.65  ? 643 HIS D CG   1 
ATOM   1043 N ND1  . HIS B 2 19 ? 6.890   4.177   -4.491  1.00 66.92  ? 643 HIS D ND1  1 
ATOM   1044 C CD2  . HIS B 2 19 ? 5.533   4.983   -6.005  1.00 70.24  ? 643 HIS D CD2  1 
ATOM   1045 C CE1  . HIS B 2 19 ? 5.908   3.307   -4.640  1.00 60.40  ? 643 HIS D CE1  1 
ATOM   1046 N NE2  . HIS B 2 19 ? 5.073   3.766   -5.551  1.00 63.39  ? 643 HIS D NE2  1 
ATOM   1047 H H    . HIS B 2 19 ? 7.485   6.449   -2.961  1.00 35.99  ? 643 HIS D H    1 
ATOM   1048 H HA   . HIS B 2 19 ? 9.248   5.466   -4.569  1.00 43.34  ? 643 HIS D HA   1 
ATOM   1049 H HB2  . HIS B 2 19 ? 7.113   7.217   -5.221  1.00 40.28  ? 643 HIS D HB2  1 
ATOM   1050 H HB3  . HIS B 2 19 ? 7.973   6.457   -6.317  1.00 40.28  ? 643 HIS D HB3  1 
ATOM   1051 H HD1  . HIS B 2 19 ? 7.553   4.090   -3.951  1.00 80.31  ? 643 HIS D HD1  1 
ATOM   1052 H HD2  . HIS B 2 19 ? 5.132   5.520   -6.648  1.00 84.29  ? 643 HIS D HD2  1 
ATOM   1053 H HE1  . HIS B 2 19 ? 5.822   2.504   -4.180  1.00 72.48  ? 643 HIS D HE1  1 
ATOM   1054 H HE2  . HIS B 2 19 ? 4.355   3.372   -5.815  1.00 76.06  ? 643 HIS D HE2  1 
ATOM   1055 N N    . SER B 2 20 ? 9.469   8.665   -4.308  1.00 33.99  ? 644 SER D N    1 
ATOM   1056 C CA   A SER B 2 20 ? 10.331  9.832   -4.501  0.58 40.61  ? 644 SER D CA   1 
ATOM   1057 C CA   B SER B 2 20 ? 10.342  9.816   -4.533  0.42 40.59  ? 644 SER D CA   1 
ATOM   1058 C C    . SER B 2 20 ? 11.678  9.694   -3.793  1.00 47.45  ? 644 SER D C    1 
ATOM   1059 O O    . SER B 2 20 ? 12.724  10.107  -4.318  1.00 44.86  ? 644 SER D O    1 
ATOM   1060 C CB   A SER B 2 20 ? 9.622   11.091  -3.990  0.58 36.43  ? 644 SER D CB   1 
ATOM   1061 C CB   B SER B 2 20 ? 9.628   11.123  -4.154  0.42 36.57  ? 644 SER D CB   1 
ATOM   1062 O OG   A SER B 2 20 ? 8.509   11.419  -4.802  0.58 35.31  ? 644 SER D OG   1 
ATOM   1063 O OG   B SER B 2 20 ? 9.450   11.259  -2.753  0.42 32.95  ? 644 SER D OG   1 
ATOM   1064 H H    A SER B 2 20 ? 8.724   8.849   -3.920  0.58 40.79  ? 644 SER D H    1 
ATOM   1065 H H    B SER B 2 20 ? 8.732   8.855   -3.908  0.42 40.79  ? 644 SER D H    1 
ATOM   1066 H HA   A SER B 2 20 ? 10.503  9.948   -5.459  0.58 48.73  ? 644 SER D HA   1 
ATOM   1067 H HA   B SER B 2 20 ? 10.544  9.864   -5.490  0.42 48.71  ? 644 SER D HA   1 
ATOM   1068 H HB2  A SER B 2 20 ? 9.314   10.933  -3.085  0.58 43.72  ? 644 SER D HB2  1 
ATOM   1069 H HB2  B SER B 2 20 ? 10.158  11.870  -4.473  0.42 43.88  ? 644 SER D HB2  1 
ATOM   1070 H HB3  A SER B 2 20 ? 10.249  11.831  -4.002  0.58 43.72  ? 644 SER D HB3  1 
ATOM   1071 H HB3  B SER B 2 20 ? 8.756   11.136  -4.580  0.42 43.88  ? 644 SER D HB3  1 
ATOM   1072 H HG   A SER B 2 20 ? 8.435   10.874  -5.411  0.58 42.37  ? 644 SER D HG   1 
ATOM   1073 H HG   B SER B 2 20 ? 9.761   10.607  -2.366  0.42 39.54  ? 644 SER D HG   1 
ATOM   1074 N N    . LEU B 2 21 ? 11.650  9.116   -2.593  1.00 39.46  ? 645 LEU D N    1 
ATOM   1075 C CA   . LEU B 2 21 ? 12.851  8.959   -1.778  1.00 40.46  ? 645 LEU D CA   1 
ATOM   1076 C C    . LEU B 2 21 ? 13.772  7.899   -2.363  1.00 41.98  ? 645 LEU D C    1 
ATOM   1077 O O    . LEU B 2 21 ? 14.990  8.077   -2.408  1.00 36.57  ? 645 LEU D O    1 
ATOM   1078 C CB   . LEU B 2 21 ? 12.475  8.577   -0.344  1.00 31.74  ? 645 LEU D CB   1 
ATOM   1079 C CG   . LEU B 2 21 ? 11.802  9.656   0.510   1.00 28.86  ? 645 LEU D CG   1 
ATOM   1080 C CD1  . LEU B 2 21 ? 11.267  9.053   1.792   1.00 28.83  ? 645 LEU D CD1  1 
ATOM   1081 C CD2  . LEU B 2 21 ? 12.782  10.773  0.834   1.00 35.37  ? 645 LEU D CD2  1 
ATOM   1082 H H    . LEU B 2 21 ? 10.938  8.804   -2.225  1.00 47.35  ? 645 LEU D H    1 
ATOM   1083 H HA   . LEU B 2 21 ? 13.337  9.809   -1.753  1.00 48.55  ? 645 LEU D HA   1 
ATOM   1084 H HB2  . LEU B 2 21 ? 11.867  7.823   -0.382  1.00 38.09  ? 645 LEU D HB2  1 
ATOM   1085 H HB3  . LEU B 2 21 ? 13.286  8.311   0.119   1.00 38.09  ? 645 LEU D HB3  1 
ATOM   1086 H HG   . LEU B 2 21 ? 11.058  10.037  0.018   1.00 34.63  ? 645 LEU D HG   1 
ATOM   1087 H HD11 . LEU B 2 21 ? 10.850  9.744   2.312   1.00 34.60  ? 645 LEU D HD11 1 
ATOM   1088 H HD12 . LEU B 2 21 ? 10.624  8.374   1.573   1.00 34.60  ? 645 LEU D HD12 1 
ATOM   1089 H HD13 . LEU B 2 21 ? 11.996  8.668   2.284   1.00 34.60  ? 645 LEU D HD13 1 
ATOM   1090 H HD21 . LEU B 2 21 ? 12.336  11.434  1.368   1.00 42.44  ? 645 LEU D HD21 1 
ATOM   1091 H HD22 . LEU B 2 21 ? 13.524  10.405  1.319   1.00 42.44  ? 645 LEU D HD22 1 
ATOM   1092 H HD23 . LEU B 2 21 ? 13.089  11.166  0.013   1.00 42.44  ? 645 LEU D HD23 1 
ATOM   1093 N N    . ILE B 2 22 ? 13.179  6.792   -2.800  1.00 39.71  ? 646 ILE D N    1 
ATOM   1094 C CA   . ILE B 2 22 ? 13.937  5.690   -3.384  1.00 45.71  ? 646 ILE D CA   1 
ATOM   1095 C C    . ILE B 2 22 ? 14.584  6.131   -4.698  1.00 53.06  ? 646 ILE D C    1 
ATOM   1096 O O    . ILE B 2 22 ? 15.761  5.860   -4.929  1.00 45.46  ? 646 ILE D O    1 
ATOM   1097 C CB   . ILE B 2 22 ? 13.051  4.440   -3.641  1.00 54.13  ? 646 ILE D CB   1 
ATOM   1098 C CG1  . ILE B 2 22 ? 12.407  3.951   -2.338  1.00 54.34  ? 646 ILE D CG1  1 
ATOM   1099 C CG2  . ILE B 2 22 ? 13.876  3.322   -4.251  1.00 60.54  ? 646 ILE D CG2  1 
ATOM   1100 C CD1  . ILE B 2 22 ? 13.394  3.688   -1.226  1.00 53.91  ? 646 ILE D CD1  1 
ATOM   1101 H H    . ILE B 2 22 ? 12.331  6.652   -2.770  1.00 47.65  ? 646 ILE D H    1 
ATOM   1102 H HA   . ILE B 2 22 ? 14.653  5.434   -2.766  1.00 54.85  ? 646 ILE D HA   1 
ATOM   1103 H HB   . ILE B 2 22 ? 12.347  4.681   -4.262  1.00 64.95  ? 646 ILE D HB   1 
ATOM   1104 H HG12 . ILE B 2 22 ? 11.783  4.624   -2.026  1.00 65.21  ? 646 ILE D HG12 1 
ATOM   1105 H HG13 . ILE B 2 22 ? 11.934  3.123   -2.515  1.00 65.21  ? 646 ILE D HG13 1 
ATOM   1106 H HG21 . ILE B 2 22 ? 13.310  2.562   -4.400  1.00 72.65  ? 646 ILE D HG21 1 
ATOM   1107 H HG22 . ILE B 2 22 ? 14.244  3.626   -5.084  1.00 72.65  ? 646 ILE D HG22 1 
ATOM   1108 H HG23 . ILE B 2 22 ? 14.584  3.090   -3.645  1.00 72.65  ? 646 ILE D HG23 1 
ATOM   1109 H HD11 . ILE B 2 22 ? 14.014  3.013   -1.511  1.00 64.69  ? 646 ILE D HD11 1 
ATOM   1110 H HD12 . ILE B 2 22 ? 13.864  4.502   -1.027  1.00 64.69  ? 646 ILE D HD12 1 
ATOM   1111 H HD13 . ILE B 2 22 ? 12.917  3.387   -0.449  1.00 64.69  ? 646 ILE D HD13 1 
ATOM   1112 N N    . GLU B 2 23 ? 13.815  6.815   -5.547  1.00 41.35  ? 647 GLU D N    1 
ATOM   1113 C CA   . GLU B 2 23 ? 14.338  7.333   -6.812  1.00 61.08  ? 647 GLU D CA   1 
ATOM   1114 C C    . GLU B 2 23 ? 15.478  8.319   -6.569  1.00 64.06  ? 647 GLU D C    1 
ATOM   1115 O O    . GLU B 2 23 ? 16.524  8.249   -7.216  1.00 65.89  ? 647 GLU D O    1 
ATOM   1116 C CB   . GLU B 2 23 ? 13.235  8.029   -7.610  1.00 53.42  ? 647 GLU D CB   1 
ATOM   1117 C CG   . GLU B 2 23 ? 13.704  8.562   -8.962  1.00 65.98  ? 647 GLU D CG   1 
ATOM   1118 C CD   . GLU B 2 23 ? 12.775  9.620   -9.535  1.00 71.31  ? 647 GLU D CD   1 
ATOM   1119 O OE1  . GLU B 2 23 ? 11.955  10.179  -8.773  1.00 70.03  ? 647 GLU D OE1  1 
ATOM   1120 O OE2  . GLU B 2 23 ? 12.866  9.895   -10.750 1.00 68.76  ? 647 GLU D OE2  1 
ATOM   1121 H H    . GLU B 2 23 ? 12.986  6.993   -5.412  1.00 49.62  ? 647 GLU D H    1 
ATOM   1122 H HA   . GLU B 2 23 ? 14.683  6.589   -7.347  1.00 73.30  ? 647 GLU D HA   1 
ATOM   1123 H HB2  . GLU B 2 23 ? 12.518  7.396   -7.771  1.00 64.11  ? 647 GLU D HB2  1 
ATOM   1124 H HB3  . GLU B 2 23 ? 12.901  8.780   -7.094  1.00 64.11  ? 647 GLU D HB3  1 
ATOM   1125 H HG2  . GLU B 2 23 ? 14.582  8.959   -8.857  1.00 79.17  ? 647 GLU D HG2  1 
ATOM   1126 H HG3  . GLU B 2 23 ? 13.746  7.827   -9.593  1.00 79.17  ? 647 GLU D HG3  1 
ATOM   1127 N N    . GLU B 2 24 ? 15.254  9.240   -5.637  1.00 66.41  ? 648 GLU D N    1 
ATOM   1128 C CA   . GLU B 2 24 ? 16.229  10.272  -5.300  1.00 67.59  ? 648 GLU D CA   1 
ATOM   1129 C C    . GLU B 2 24 ? 17.522  9.654   -4.757  1.00 77.46  ? 648 GLU D C    1 
ATOM   1130 O O    . GLU B 2 24 ? 18.567  10.311  -4.707  1.00 76.00  ? 648 GLU D O    1 
ATOM   1131 C CB   . GLU B 2 24 ? 15.616  11.230  -4.278  1.00 67.38  ? 648 GLU D CB   1 
ATOM   1132 C CG   . GLU B 2 24 ? 16.449  12.461  -3.969  1.00 73.78  ? 648 GLU D CG   1 
ATOM   1133 C CD   . GLU B 2 24 ? 15.843  13.291  -2.850  1.00 83.47  ? 648 GLU D CD   1 
ATOM   1134 O OE1  . GLU B 2 24 ? 16.516  14.230  -2.373  1.00 86.13  ? 648 GLU D OE1  1 
ATOM   1135 O OE2  . GLU B 2 24 ? 14.694  13.002  -2.444  1.00 75.33  ? 648 GLU D OE2  1 
ATOM   1136 H H    . GLU B 2 24 ? 14.530  9.288   -5.175  1.00 79.69  ? 648 GLU D H    1 
ATOM   1137 H HA   . GLU B 2 24 ? 16.449  10.783  -6.107  1.00 81.11  ? 648 GLU D HA   1 
ATOM   1138 H HB2  . GLU B 2 24 ? 14.760  11.535  -4.615  1.00 80.85  ? 648 GLU D HB2  1 
ATOM   1139 H HB3  . GLU B 2 24 ? 15.486  10.750  -3.445  1.00 80.85  ? 648 GLU D HB3  1 
ATOM   1140 H HG2  . GLU B 2 24 ? 17.337  12.183  -3.694  1.00 88.53  ? 648 GLU D HG2  1 
ATOM   1141 H HG3  . GLU B 2 24 ? 16.503  13.016  -4.762  1.00 88.53  ? 648 GLU D HG3  1 
ATOM   1142 N N    . SER B 2 25 ? 17.444  8.387   -4.355  1.00 68.29  ? 649 SER D N    1 
ATOM   1143 C CA   . SER B 2 25 ? 18.610  7.649   -3.883  1.00 77.17  ? 649 SER D CA   1 
ATOM   1144 C C    . SER B 2 25 ? 19.211  6.798   -4.998  1.00 87.24  ? 649 SER D C    1 
ATOM   1145 O O    . SER B 2 25 ? 20.399  6.473   -4.960  1.00 88.01  ? 649 SER D O    1 
ATOM   1146 C CB   . SER B 2 25 ? 18.238  6.756   -2.703  1.00 70.42  ? 649 SER D CB   1 
ATOM   1147 O OG   . SER B 2 25 ? 17.602  7.503   -1.684  1.00 72.97  ? 649 SER D OG   1 
ATOM   1148 H H    . SER B 2 25 ? 16.716  7.929   -4.347  1.00 81.95  ? 649 SER D H    1 
ATOM   1149 H HA   . SER B 2 25 ? 19.294  8.285   -3.583  1.00 92.61  ? 649 SER D HA   1 
ATOM   1150 H HB2  . SER B 2 25 ? 17.632  6.064   -3.009  1.00 84.50  ? 649 SER D HB2  1 
ATOM   1151 H HB3  . SER B 2 25 ? 19.046  6.355   -2.343  1.00 84.50  ? 649 SER D HB3  1 
ATOM   1152 H HG   . SER B 2 25 ? 17.408  7.013   -1.057  1.00 87.56  ? 649 SER D HG   1 
ATOM   1153 N N    . GLN B 2 26 ? 18.389  6.424   -5.980  1.00 86.54  ? 650 GLN D N    1 
ATOM   1154 C CA   . GLN B 2 26 ? 18.895  5.733   -7.164  1.00 87.22  ? 650 GLN D CA   1 
ATOM   1155 C C    . GLN B 2 26 ? 20.015  6.587   -7.738  1.00 94.46  ? 650 GLN D C    1 
ATOM   1156 O O    . GLN B 2 26 ? 20.978  6.075   -8.311  1.00 96.97  ? 650 GLN D O    1 
ATOM   1157 C CB   . GLN B 2 26 ? 17.807  5.541   -8.228  1.00 75.83  ? 650 GLN D CB   1 
ATOM   1158 C CG   . GLN B 2 26 ? 16.538  4.839   -7.753  1.00 83.23  ? 650 GLN D CG   1 
ATOM   1159 C CD   . GLN B 2 26 ? 16.775  3.432   -7.235  1.00 77.63  ? 650 GLN D CD   1 
ATOM   1160 O OE1  . GLN B 2 26 ? 17.914  2.972   -7.137  1.00 81.59  ? 650 GLN D OE1  1 
ATOM   1161 N NE2  . GLN B 2 26 ? 15.688  2.736   -6.906  1.00 60.26  ? 650 GLN D NE2  1 
ATOM   1162 H H    . GLN B 2 26 ? 17.540  6.559   -5.984  1.00 103.85 ? 650 GLN D H    1 
ATOM   1163 H HA   . GLN B 2 26 ? 19.257  4.857   -6.914  1.00 104.67 ? 650 GLN D HA   1 
ATOM   1164 H HB2  . GLN B 2 26 ? 17.549  6.414   -8.563  1.00 91.00  ? 650 GLN D HB2  1 
ATOM   1165 H HB3  . GLN B 2 26 ? 18.177  5.013   -8.952  1.00 91.00  ? 650 GLN D HB3  1 
ATOM   1166 H HG2  . GLN B 2 26 ? 16.144  5.358   -7.034  1.00 99.88  ? 650 GLN D HG2  1 
ATOM   1167 H HG3  . GLN B 2 26 ? 15.916  4.782   -8.496  1.00 99.88  ? 650 GLN D HG3  1 
ATOM   1168 H HE21 . GLN B 2 26 ? 14.910  3.089   -6.992  1.00 72.32  ? 650 GLN D HE21 1 
ATOM   1169 H HE22 . GLN B 2 26 ? 15.767  1.933   -6.607  1.00 72.32  ? 650 GLN D HE22 1 
ATOM   1170 N N    . ASN B 2 27 ? 19.868  7.899   -7.575  1.00 88.68  ? 651 ASN D N    1 
ATOM   1171 C CA   . ASN B 2 27 ? 20.894  8.855   -7.964  1.00 89.43  ? 651 ASN D CA   1 
ATOM   1172 C C    . ASN B 2 27 ? 21.885  9.041   -6.820  1.00 91.53  ? 651 ASN D C    1 
ATOM   1173 O O    . ASN B 2 27 ? 22.194  10.169  -6.432  1.00 92.11  ? 651 ASN D O    1 
ATOM   1174 C CB   . ASN B 2 27 ? 20.250  10.193  -8.320  1.00 90.63  ? 651 ASN D CB   1 
ATOM   1175 C CG   . ASN B 2 27 ? 18.870  10.034  -8.936  1.00 89.47  ? 651 ASN D CG   1 
ATOM   1176 O OD1  . ASN B 2 27 ? 18.534  8.979   -9.479  1.00 83.41  ? 651 ASN D OD1  1 
ATOM   1177 N ND2  . ASN B 2 27 ? 18.059  11.082  -8.848  1.00 80.38  ? 651 ASN D ND2  1 
ATOM   1178 H H    . ASN B 2 27 ? 19.168  8.266   -7.234  1.00 106.42 ? 651 ASN D H    1 
ATOM   1179 H HA   . ASN B 2 27 ? 21.378  8.519   -8.748  1.00 107.31 ? 651 ASN D HA   1 
ATOM   1180 H HB2  . ASN B 2 27 ? 20.160  10.726  -7.514  1.00 108.76 ? 651 ASN D HB2  1 
ATOM   1181 H HB3  . ASN B 2 27 ? 20.814  10.655  -8.960  1.00 108.76 ? 651 ASN D HB3  1 
ATOM   1182 H HD21 . ASN B 2 27 ? 18.327  11.800  -8.458  1.00 96.46  ? 651 ASN D HD21 1 
ATOM   1183 H HD22 . ASN B 2 27 ? 17.268  11.043  -9.181  1.00 96.46  ? 651 ASN D HD22 1 
ATOM   1184 N N    . GLN B 2 28 ? 22.371  7.921   -6.289  1.00 97.43  ? 652 GLN D N    1 
ATOM   1185 C CA   . GLN B 2 28 ? 23.246  7.907   -5.117  1.00 95.70  ? 652 GLN D CA   1 
ATOM   1186 C C    . GLN B 2 28 ? 24.085  9.174   -4.998  1.00 101.85 ? 652 GLN D C    1 
ATOM   1187 O O    . GLN B 2 28 ? 24.104  9.819   -3.948  1.00 96.09  ? 652 GLN D O    1 
ATOM   1188 C CB   . GLN B 2 28 ? 24.149  6.677   -5.153  1.00 81.87  ? 652 GLN D CB   1 
ATOM   1189 H H    . GLN B 2 28 ? 22.204  7.136   -6.597  1.00 116.92 ? 652 GLN D H    1 
ATOM   1190 H HA   . GLN B 2 28 ? 22.691  7.844   -4.313  1.00 114.84 ? 652 GLN D HA   1 
ATOM   1191 H HB2  . GLN B 2 28 ? 23.602  5.888   -5.152  1.00 98.24  ? 652 GLN D HB2  1 
ATOM   1192 H HB3  . GLN B 2 28 ? 24.683  6.705   -5.951  1.00 98.24  ? 652 GLN D HB3  1 
HETATM 1193 O O    . HOH C 3 .  ? 1.307   -5.086  5.150   0.33 22.19  ? 601 HOH C O    1 
HETATM 1194 O O    . HOH C 3 .  ? -19.277 -7.516  9.988   1.00 16.63  ? 602 HOH C O    1 
HETATM 1195 O O    . HOH C 3 .  ? -21.082 -4.179  -1.753  1.00 22.53  ? 603 HOH C O    1 
HETATM 1196 O O    . HOH C 3 .  ? -18.200 -4.349  -2.050  1.00 22.58  ? 604 HOH C O    1 
HETATM 1197 O O    . HOH C 3 .  ? -23.937 -7.611  -1.719  1.00 20.15  ? 605 HOH C O    1 
HETATM 1198 O O    . HOH C 3 .  ? -30.276 -5.835  -2.947  1.00 22.45  ? 606 HOH C O    1 
HETATM 1199 O O    . HOH C 3 .  ? -17.948 -9.985  -3.602  1.00 23.75  ? 607 HOH C O    1 
HETATM 1200 O O    . HOH C 3 .  ? -22.549 -5.636  -3.279  1.00 24.58  ? 608 HOH C O    1 
HETATM 1201 O O    . HOH C 3 .  ? 15.688  -4.181  -9.224  1.00 31.27  ? 609 HOH C O    1 
HETATM 1202 O O    . HOH C 3 .  ? -10.459 -10.968 -3.948  1.00 29.95  ? 610 HOH C O    1 
HETATM 1203 O O    . HOH C 3 .  ? 14.691  -4.704  -5.188  1.00 26.99  ? 611 HOH C O    1 
HETATM 1204 O O    . HOH C 3 .  ? -29.626 -12.093 7.277   1.00 29.80  ? 612 HOH C O    1 
HETATM 1205 O O    . HOH C 3 .  ? -12.509 -5.371  -5.289  1.00 30.47  ? 613 HOH C O    1 
HETATM 1206 O O    . HOH C 3 .  ? -10.485 -3.783  -4.388  1.00 36.49  ? 614 HOH C O    1 
HETATM 1207 O O    . HOH C 3 .  ? 10.136  -1.684  4.961   0.33 34.79  ? 615 HOH C O    1 
HETATM 1208 O O    . HOH C 3 .  ? 16.781  -5.788  -6.890  1.00 28.80  ? 616 HOH C O    1 
HETATM 1209 O O    . HOH C 3 .  ? -7.688  -4.772  -4.635  1.00 25.99  ? 617 HOH C O    1 
HETATM 1210 O O    . HOH C 3 .  ? -16.306 -7.745  -3.881  1.00 33.21  ? 618 HOH C O    1 
HETATM 1211 O O    . HOH C 3 .  ? -12.125 -1.986  -0.538  1.00 28.97  ? 619 HOH C O    1 
HETATM 1212 O O    . HOH C 3 .  ? -6.434  -2.486  -6.017  1.00 38.66  ? 620 HOH C O    1 
HETATM 1213 O O    . HOH C 3 .  ? -20.684 -12.130 -1.948  1.00 34.98  ? 621 HOH C O    1 
HETATM 1214 O O    . HOH C 3 .  ? -25.155 -7.063  7.774   1.00 31.03  ? 622 HOH C O    1 
HETATM 1215 O O    . HOH C 3 .  ? -16.647 0.112   4.570   1.00 37.03  ? 623 HOH C O    1 
HETATM 1216 O O    . HOH C 3 .  ? -20.660 -6.662  -5.161  1.00 35.67  ? 624 HOH C O    1 
HETATM 1217 O O    . HOH C 3 .  ? -23.464 -0.842  3.588   1.00 39.41  ? 625 HOH C O    1 
HETATM 1218 O O    . HOH C 3 .  ? 23.168  -5.384  -4.051  1.00 41.38  ? 626 HOH C O    1 
HETATM 1219 O O    . HOH C 3 .  ? -17.961 -5.553  -4.359  1.00 29.52  ? 627 HOH C O    1 
HETATM 1220 O O    . HOH C 3 .  ? 20.135  -10.195 -6.559  1.00 42.68  ? 628 HOH C O    1 
HETATM 1221 O O    . HOH C 3 .  ? -20.167 -9.454  -4.913  1.00 38.15  ? 629 HOH C O    1 
HETATM 1222 O O    . HOH C 3 .  ? -15.665 -0.557  -0.310  1.00 36.06  ? 630 HOH C O    1 
HETATM 1223 O O    . HOH C 3 .  ? -26.831 -7.701  -2.026  1.00 42.56  ? 631 HOH C O    1 
HETATM 1224 O O    . HOH C 3 .  ? 3.912   -4.824  -6.131  1.00 33.07  ? 632 HOH C O    1 
HETATM 1225 O O    . HOH C 3 .  ? -31.444 -3.351  2.327   1.00 45.81  ? 633 HOH C O    1 
HETATM 1226 O O    . HOH C 3 .  ? -22.137 -13.650 -0.577  1.00 48.77  ? 634 HOH C O    1 
HETATM 1227 O O    . HOH C 3 .  ? -25.036 -4.584  8.012   1.00 49.47  ? 635 HOH C O    1 
HETATM 1228 O O    . HOH C 3 .  ? 9.256   -0.244  -5.156  1.00 34.77  ? 636 HOH C O    1 
HETATM 1229 O O    . HOH C 3 .  ? -14.687 -3.510  -5.595  1.00 42.17  ? 637 HOH C O    1 
HETATM 1230 O O    . HOH C 3 .  ? -1.709  -1.610  -4.250  1.00 36.37  ? 638 HOH C O    1 
HETATM 1231 O O    . HOH C 3 .  ? -22.584 -4.522  9.515   1.00 50.96  ? 639 HOH C O    1 
HETATM 1232 O O    . HOH C 3 .  ? -22.705 -10.357 -3.032  1.00 40.11  ? 640 HOH C O    1 
HETATM 1233 O O    . HOH C 3 .  ? -28.292 -16.492 5.784   0.33 47.07  ? 641 HOH C O    1 
HETATM 1234 O O    . HOH C 3 .  ? -10.254 -9.704  -7.921  1.00 48.45  ? 642 HOH C O    1 
HETATM 1235 O O    . HOH C 3 .  ? -4.371  -1.482  -4.547  1.00 37.80  ? 643 HOH C O    1 
HETATM 1236 O O    . HOH C 3 .  ? -31.697 -6.832  7.826   1.00 43.74  ? 644 HOH C O    1 
HETATM 1237 O O    . HOH C 3 .  ? 6.395   0.067   -5.946  1.00 54.38  ? 645 HOH C O    1 
HETATM 1238 O O    . HOH C 3 .  ? 10.557  2.196   -6.621  1.00 48.02  ? 646 HOH C O    1 
HETATM 1239 O O    . HOH C 3 .  ? -29.421 -14.420 5.867   1.00 45.93  ? 647 HOH C O    1 
HETATM 1240 O O    . HOH C 3 .  ? -17.914 -0.302  6.591   1.00 44.76  ? 648 HOH C O    1 
HETATM 1241 O O    . HOH C 3 .  ? -16.446 -0.226  9.003   1.00 53.87  ? 649 HOH C O    1 
HETATM 1242 O O    . HOH C 3 .  ? 4.079   -2.327  -7.052  1.00 54.16  ? 650 HOH C O    1 
HETATM 1243 O O    . HOH C 3 .  ? -16.244 -12.023 -5.151  1.00 46.65  ? 651 HOH C O    1 
HETATM 1244 O O    . HOH C 3 .  ? -32.504 -3.590  5.655   1.00 48.73  ? 652 HOH C O    1 
HETATM 1245 O O    . HOH C 3 .  ? -21.897 -3.010  6.098   1.00 45.74  ? 653 HOH C O    1 
HETATM 1246 O O    . HOH C 3 .  ? -20.492 -10.922 -7.393  1.00 53.17  ? 654 HOH C O    1 
HETATM 1247 O O    . HOH C 3 .  ? -3.752  2.806   -2.469  1.00 53.33  ? 655 HOH C O    1 
HETATM 1248 O O    . HOH C 3 .  ? -21.079 -5.784  -7.767  1.00 53.84  ? 656 HOH C O    1 
HETATM 1249 O O    . HOH C 3 .  ? -0.693  -3.637  -6.273  1.00 57.36  ? 657 HOH C O    1 
HETATM 1250 O O    . HOH C 3 .  ? 2.289   -2.147  -6.922  1.00 62.18  ? 658 HOH C O    1 
HETATM 1251 O O    . HOH C 3 .  ? -13.210 -7.573  -4.050  1.00 36.61  ? 659 HOH C O    1 
HETATM 1252 O O    . HOH C 3 .  ? -31.164 -7.919  -3.675  1.00 47.65  ? 660 HOH C O    1 
HETATM 1253 O O    . HOH C 3 .  ? 10.071  0.420   -7.602  1.00 50.00  ? 661 HOH C O    1 
HETATM 1254 O O    . HOH C 3 .  ? -19.923 -2.609  7.016   1.00 53.19  ? 662 HOH C O    1 
HETATM 1255 O O    . HOH C 3 .  ? -13.465 -9.770  -5.669  1.00 45.49  ? 663 HOH C O    1 
HETATM 1256 O O    . HOH C 3 .  ? -21.807 -13.171 -6.297  1.00 56.03  ? 664 HOH C O    1 
HETATM 1257 O O    . HOH C 3 .  ? 13.018  1.954   -7.305  1.00 53.02  ? 665 HOH C O    1 
HETATM 1258 O O    . HOH D 3 .  ? -14.870 3.596   6.351   1.00 41.01  ? 701 HOH D O    1 
HETATM 1259 O O    . HOH D 3 .  ? 12.331  11.813  -6.929  1.00 48.71  ? 702 HOH D O    1 
HETATM 1260 O O    . HOH D 3 .  ? 6.478   9.974   -6.347  1.00 43.27  ? 703 HOH D O    1 
HETATM 1261 O O    . HOH D 3 .  ? 9.241   2.164   -4.228  1.00 48.09  ? 704 HOH D O    1 
HETATM 1262 O O    . HOH D 3 .  ? -12.188 3.312   13.082  1.00 48.54  ? 705 HOH D O    1 
HETATM 1263 O O    . HOH D 3 .  ? -11.185 9.686   8.702   1.00 51.00  ? 706 HOH D O    1 
HETATM 1264 O O    . HOH D 3 .  ? -14.657 5.669   4.149   1.00 37.62  ? 707 HOH D O    1 
HETATM 1265 O O    . HOH D 3 .  ? -10.773 2.787   14.188  1.00 49.22  ? 708 HOH D O    1 
HETATM 1266 O O    . HOH D 3 .  ? 10.480  13.120  -7.133  1.00 52.03  ? 709 HOH D O    1 
HETATM 1267 O O    . HOH D 3 .  ? -9.580  8.395   -0.286  1.00 53.93  ? 710 HOH D O    1 
HETATM 1268 O O    . HOH D 3 .  ? 12.501  11.153  -12.282 1.00 56.52  ? 711 HOH D O    1 
HETATM 1269 O O    . HOH D 3 .  ? -15.871 8.325   3.911   1.00 56.99  ? 712 HOH D O    1 
# 
